data_5FWX
#
_entry.id   5FWX
#
_cell.length_a   61.070
_cell.length_b   156.630
_cell.length_c   77.120
_cell.angle_alpha   90.00
_cell.angle_beta   90.02
_cell.angle_gamma   90.00
#
_symmetry.space_group_name_H-M   'P 1 21 1'
#
loop_
_entity.id
_entity.type
_entity.pdbx_description
1 polymer 'GLUTAMATE RECEPTOR 2'
2 polymer 'GLUTAMATE RECEPTOR 4'
3 non-polymer 'SULFATE ION'
4 non-polymer 2-acetamido-2-deoxy-beta-D-glucopyranose
5 water water
#
loop_
_entity_poly.entity_id
_entity_poly.type
_entity_poly.pdbx_seq_one_letter_code
_entity_poly.pdbx_strand_id
1 'polypeptide(L)'
;NSIQIGGLFPRGADQEYSAFRVGMVQFSTSEFRLTPHIDNLEVANSFAVTNAFCSQFSRGVYAIFGFYDKKSVNTITSFC
GTLHVSFITPSFPTDGTHPFVIQMRPDLKGALLSLIEYYQWDKFAYLYDSDRGLSTLQAVLDSAAEKKWQVTAINVGNIN
NDKKDETYRSLFQDLELKKERRVILDCERDKVNDIVDQVITIGKHVKGYHYIIANLGFTDGDLLKIQFGGANVSGFQIVD
YDDSLVSKFIERWSTLEEKEYPGAHTATIKYTSALTYDAVQVMTEAFRNLRKQRIEISRRGNAGDCLANPAVPWGQGVEI
ERALKQVQVEGLSGNIKFDQNGKRINYTINIMELKTNGPRKIGYWSEVDKMVVTLTRTKHHHHHH
;
A,C
2 'polypeptide(L)'
;AFPSSVQIGGLFIRNTDQEYTAFRLAIFLHNTSPNASEAPFNLVPHVDNIETANSFAVTNAFCSQYSRGVFAIFGLYDKR
SVHTLTSFCSALHISLITPSFPTEGESQFVLQLRPSLRGALLSLLDHYEWNCFVFLYDTDRGYSILQAIMEKAGQNGWHV
SAICVENFNDVSYRQLLEELDRRQEKKFVIDCEIERLQNILEQIVSVGKHVKGYHYIIANLGFKDISLERFIHGGANVTG
FQLVDFNTPMVTKLMDRWKKLDQREYPGSETPPKYTSALTYDGVLVMAETFRSLRRQKIDISRRGNAGDCLANPAAPWGQ
GIDMERTLKQVRIQGLTGNVQFDHYGRRVNYTMDVFELKSTGPRKVGYWNDMDKLVLIQDRTKHHHHHH
;
B,D
#
# COMPACT_ATOMS: atom_id res chain seq x y z
N SER A 2 5.97 38.01 2.22
CA SER A 2 4.93 37.64 3.23
C SER A 2 3.97 36.51 2.77
N ILE A 3 3.63 35.64 3.71
CA ILE A 3 3.07 34.31 3.44
C ILE A 3 1.67 34.18 4.05
N GLN A 4 0.61 34.05 3.27
CA GLN A 4 -0.68 33.86 3.97
C GLN A 4 -0.99 32.37 4.21
N ILE A 5 -1.50 32.06 5.40
CA ILE A 5 -1.84 30.71 5.82
C ILE A 5 -3.30 30.59 6.31
N GLY A 6 -3.84 29.35 6.32
CA GLY A 6 -5.18 29.18 6.87
C GLY A 6 -5.13 28.71 8.31
N GLY A 7 -6.17 29.02 9.08
CA GLY A 7 -6.35 28.44 10.43
C GLY A 7 -7.78 27.86 10.53
N LEU A 8 -7.93 26.56 10.84
CA LEU A 8 -9.26 25.97 11.08
C LEU A 8 -9.47 25.56 12.51
N PHE A 9 -10.04 26.42 13.36
CA PHE A 9 -10.23 26.06 14.80
C PHE A 9 -11.63 25.62 15.12
N PRO A 10 -11.80 24.70 16.07
CA PRO A 10 -13.11 24.44 16.68
C PRO A 10 -13.64 25.68 17.32
N ARG A 11 -14.95 25.78 17.50
CA ARG A 11 -15.58 27.01 18.03
C ARG A 11 -15.37 27.12 19.54
N GLY A 12 -15.39 26.00 20.26
CA GLY A 12 -15.00 25.99 21.69
C GLY A 12 -13.49 26.04 22.04
N ALA A 13 -12.60 26.21 21.04
CA ALA A 13 -11.13 26.07 21.23
C ALA A 13 -10.47 27.44 21.49
N ASP A 14 -10.66 27.95 22.68
CA ASP A 14 -10.30 29.33 22.91
C ASP A 14 -8.86 29.46 23.40
N GLN A 15 -8.43 28.57 24.29
CA GLN A 15 -7.06 28.52 24.77
C GLN A 15 -6.10 28.31 23.62
N GLU A 16 -6.39 27.32 22.76
CA GLU A 16 -5.56 27.01 21.61
C GLU A 16 -5.44 28.18 20.65
N TYR A 17 -6.51 28.92 20.41
CA TYR A 17 -6.37 30.13 19.55
C TYR A 17 -5.48 31.20 20.27
N SER A 18 -5.58 31.27 21.60
CA SER A 18 -4.69 32.17 22.37
C SER A 18 -3.20 31.72 22.24
N ALA A 19 -2.97 30.42 22.33
CA ALA A 19 -1.60 29.91 22.10
C ALA A 19 -1.11 30.17 20.67
N PHE A 20 -1.96 30.03 19.66
CA PHE A 20 -1.68 30.41 18.25
C PHE A 20 -1.31 31.86 18.13
N ARG A 21 -2.12 32.75 18.70
CA ARG A 21 -1.80 34.24 18.58
C ARG A 21 -0.44 34.63 19.16
N VAL A 22 -0.07 33.97 20.25
CA VAL A 22 1.19 34.25 21.00
C VAL A 22 2.39 33.69 20.26
N GLY A 23 2.20 32.52 19.68
CA GLY A 23 3.17 31.97 18.77
C GLY A 23 3.43 32.81 17.55
N MET A 24 2.38 33.42 17.00
CA MET A 24 2.63 34.27 15.80
C MET A 24 3.54 35.42 16.11
N VAL A 25 3.32 36.09 17.24
CA VAL A 25 4.21 37.17 17.66
C VAL A 25 5.64 36.70 17.96
N GLN A 26 5.75 35.58 18.69
CA GLN A 26 7.06 35.05 19.11
C GLN A 26 7.99 34.63 17.97
N PHE A 27 7.40 34.06 16.91
CA PHE A 27 8.14 33.32 15.89
C PHE A 27 8.32 34.08 14.60
N SER A 28 7.74 35.28 14.56
CA SER A 28 7.94 36.22 13.45
C SER A 28 9.35 36.78 13.45
N THR A 29 9.86 37.02 12.25
CA THR A 29 10.76 38.15 11.98
C THR A 29 10.23 38.87 10.72
N SER A 30 10.62 40.14 10.55
CA SER A 30 10.10 41.00 9.46
C SER A 30 10.45 40.51 8.03
N GLU A 31 11.50 39.66 7.93
CA GLU A 31 11.96 39.00 6.67
C GLU A 31 10.90 38.31 5.81
N PHE A 32 9.76 37.98 6.41
CA PHE A 32 8.46 37.75 5.70
C PHE A 32 7.30 37.88 6.72
N ARG A 33 6.19 38.52 6.37
CA ARG A 33 5.02 38.51 7.24
C ARG A 33 4.32 37.13 7.12
N LEU A 34 4.09 36.40 8.23
CA LEU A 34 3.20 35.22 8.20
C LEU A 34 1.85 35.75 8.60
N THR A 35 0.82 35.51 7.79
CA THR A 35 -0.46 36.17 7.99
C THR A 35 -1.68 35.19 7.97
N PRO A 36 -2.32 34.98 9.14
CA PRO A 36 -3.32 33.97 9.29
C PRO A 36 -4.70 34.35 8.78
N HIS A 37 -5.41 33.40 8.17
CA HIS A 37 -6.82 33.52 7.84
C HIS A 37 -7.60 32.52 8.65
N ILE A 38 -8.48 32.98 9.53
CA ILE A 38 -9.16 32.13 10.52
C ILE A 38 -10.60 31.83 10.10
N ASP A 39 -11.00 30.60 10.37
CA ASP A 39 -12.36 30.11 10.25
C ASP A 39 -12.62 29.36 11.55
N ASN A 40 -13.82 29.50 12.09
CA ASN A 40 -14.22 28.77 13.27
C ASN A 40 -15.41 27.90 12.87
N LEU A 41 -15.46 26.65 13.34
CA LEU A 41 -16.45 25.75 12.82
C LEU A 41 -16.57 24.47 13.62
N GLU A 42 -17.66 23.76 13.39
CA GLU A 42 -17.85 22.47 13.99
C GLU A 42 -17.00 21.44 13.20
N VAL A 43 -15.89 20.99 13.79
CA VAL A 43 -14.97 20.15 13.02
C VAL A 43 -15.49 18.72 12.79
N ALA A 44 -16.58 18.35 13.45
CA ALA A 44 -17.27 17.09 13.19
C ALA A 44 -18.08 17.08 11.89
N ASN A 45 -18.20 18.26 11.28
CA ASN A 45 -19.06 18.38 10.15
C ASN A 45 -18.23 18.52 8.89
N SER A 46 -18.25 17.44 8.11
CA SER A 46 -17.47 17.35 6.90
C SER A 46 -17.85 18.42 5.90
N PHE A 47 -19.13 18.72 5.82
CA PHE A 47 -19.60 19.71 4.83
C PHE A 47 -19.04 21.10 5.18
N ALA A 48 -19.04 21.41 6.47
CA ALA A 48 -18.52 22.68 6.93
C ALA A 48 -17.02 22.79 6.73
N VAL A 49 -16.29 21.69 7.04
CA VAL A 49 -14.81 21.64 6.93
C VAL A 49 -14.37 21.76 5.48
N THR A 50 -15.10 21.07 4.60
CA THR A 50 -14.86 21.12 3.15
C THR A 50 -15.00 22.52 2.59
N ASN A 51 -16.10 23.18 2.95
CA ASN A 51 -16.30 24.60 2.65
C ASN A 51 -15.12 25.44 3.11
N ALA A 52 -14.74 25.27 4.38
CA ALA A 52 -13.65 26.09 4.95
C ALA A 52 -12.35 25.81 4.22
N PHE A 53 -11.98 24.54 4.07
CA PHE A 53 -10.81 24.21 3.23
C PHE A 53 -10.94 24.91 1.86
N CYS A 54 -12.08 24.83 1.21
CA CYS A 54 -12.21 25.35 -0.13
C CYS A 54 -12.12 26.91 -0.24
N SER A 55 -12.62 27.63 0.78
CA SER A 55 -12.46 29.12 0.85
C SER A 55 -10.98 29.50 0.90
N GLN A 56 -10.22 28.69 1.61
CA GLN A 56 -8.83 28.93 1.90
C GLN A 56 -7.97 28.65 0.70
N PHE A 57 -8.27 27.56 0.01
CA PHE A 57 -7.53 27.18 -1.19
C PHE A 57 -7.72 28.27 -2.25
N SER A 58 -8.93 28.81 -2.25
CA SER A 58 -9.38 29.81 -3.23
C SER A 58 -8.57 31.12 -3.11
N ARG A 59 -8.33 31.58 -1.87
CA ARG A 59 -7.62 32.83 -1.63
C ARG A 59 -6.11 32.70 -1.90
N GLY A 60 -5.52 31.53 -1.63
CA GLY A 60 -4.08 31.27 -1.89
C GLY A 60 -3.20 31.00 -0.68
N VAL A 61 -3.77 30.38 0.35
CA VAL A 61 -2.98 29.89 1.49
C VAL A 61 -1.79 29.03 1.02
N TYR A 62 -0.64 29.14 1.69
CA TYR A 62 0.51 28.32 1.33
C TYR A 62 0.54 27.05 2.20
N ALA A 63 -0.10 27.14 3.36
CA ALA A 63 -0.25 26.01 4.29
C ALA A 63 -1.46 26.32 5.15
N ILE A 64 -1.99 25.30 5.82
CA ILE A 64 -3.12 25.46 6.67
C ILE A 64 -2.84 24.82 8.03
N PHE A 65 -3.01 25.57 9.12
CA PHE A 65 -3.09 25.00 10.45
C PHE A 65 -4.53 24.69 10.79
N GLY A 66 -4.79 23.58 11.46
CA GLY A 66 -6.14 23.29 11.92
C GLY A 66 -6.38 21.98 12.63
N PHE A 67 -7.67 21.63 12.72
CA PHE A 67 -8.14 20.50 13.51
C PHE A 67 -9.05 19.63 12.68
N TYR A 68 -9.26 18.43 13.20
CA TYR A 68 -10.22 17.50 12.65
C TYR A 68 -10.57 16.48 13.71
N ASP A 69 -11.70 15.79 13.50
CA ASP A 69 -12.07 14.63 14.34
C ASP A 69 -12.27 13.46 13.39
N LYS A 70 -12.76 12.32 13.88
CA LYS A 70 -12.84 11.08 13.07
C LYS A 70 -13.86 11.14 11.93
N LYS A 71 -14.83 12.04 11.98
CA LYS A 71 -15.75 12.25 10.86
C LYS A 71 -15.19 13.16 9.78
N SER A 72 -14.27 14.09 10.13
CA SER A 72 -13.70 15.00 9.14
C SER A 72 -12.28 14.64 8.71
N VAL A 73 -11.70 13.55 9.21
CA VAL A 73 -10.27 13.31 8.93
C VAL A 73 -10.00 12.98 7.48
N ASN A 74 -10.90 12.27 6.83
CA ASN A 74 -10.81 11.98 5.42
C ASN A 74 -11.03 13.18 4.51
N THR A 75 -11.88 14.13 4.90
CA THR A 75 -12.06 15.34 4.13
C THR A 75 -10.73 16.03 4.02
N ILE A 76 -10.06 16.22 5.17
CA ILE A 76 -8.79 16.92 5.24
C ILE A 76 -7.68 16.18 4.52
N THR A 77 -7.56 14.90 4.80
CA THR A 77 -6.44 14.17 4.24
C THR A 77 -6.62 13.97 2.76
N SER A 78 -7.88 13.82 2.30
CA SER A 78 -8.12 13.69 0.85
C SER A 78 -7.97 14.97 0.09
N PHE A 79 -8.51 16.06 0.62
CA PHE A 79 -8.37 17.38 -0.09
C PHE A 79 -6.95 17.87 -0.14
N CYS A 80 -6.25 17.74 0.98
CA CYS A 80 -4.85 18.17 1.10
C CYS A 80 -3.97 17.32 0.26
N GLY A 81 -4.15 15.99 0.35
CA GLY A 81 -3.44 15.01 -0.49
C GLY A 81 -3.61 15.23 -1.97
N THR A 82 -4.84 15.51 -2.42
CA THR A 82 -5.13 15.66 -3.85
C THR A 82 -4.61 16.97 -4.40
N LEU A 83 -4.89 18.06 -3.66
CA LEU A 83 -4.45 19.42 -4.06
C LEU A 83 -3.04 19.90 -3.65
N HIS A 84 -2.32 19.12 -2.85
CA HIS A 84 -0.91 19.36 -2.42
C HIS A 84 -0.83 20.63 -1.58
N VAL A 85 -1.77 20.71 -0.63
CA VAL A 85 -1.74 21.75 0.39
C VAL A 85 -1.37 21.14 1.76
N SER A 86 -0.32 21.64 2.39
CA SER A 86 0.12 21.05 3.66
C SER A 86 -0.75 21.40 4.80
N PHE A 87 -1.04 20.39 5.65
CA PHE A 87 -1.91 20.61 6.82
C PHE A 87 -1.16 20.30 8.09
N ILE A 88 -1.13 21.20 9.06
CA ILE A 88 -0.38 20.98 10.33
C ILE A 88 -1.43 21.01 11.43
N THR A 89 -1.38 20.03 12.32
CA THR A 89 -2.50 19.84 13.26
C THR A 89 -2.13 19.16 14.55
N PRO A 90 -2.80 19.55 15.66
CA PRO A 90 -2.61 18.80 16.93
C PRO A 90 -3.61 17.69 17.15
N SER A 91 -4.43 17.39 16.16
CA SER A 91 -5.45 16.35 16.25
C SER A 91 -4.88 14.95 16.29
N PHE A 92 -5.74 13.98 16.56
CA PHE A 92 -5.29 12.58 16.74
C PHE A 92 -4.60 12.13 15.44
N PRO A 93 -3.45 11.43 15.54
CA PRO A 93 -2.75 11.01 14.34
C PRO A 93 -3.36 9.79 13.65
N THR A 94 -3.45 9.86 12.33
CA THR A 94 -3.94 8.75 11.49
C THR A 94 -3.03 7.57 11.56
N ASP A 95 -3.60 6.37 11.48
CA ASP A 95 -2.83 5.10 11.53
C ASP A 95 -1.88 4.99 10.31
N GLY A 96 -2.42 5.31 9.15
CA GLY A 96 -1.70 5.13 7.91
C GLY A 96 -0.87 6.34 7.56
N THR A 97 -0.28 6.24 6.39
CA THR A 97 0.51 7.33 5.85
C THR A 97 -0.39 8.16 4.96
N HIS A 98 -0.12 9.45 4.99
CA HIS A 98 -0.97 10.40 4.22
C HIS A 98 -0.11 11.58 3.89
N PRO A 99 0.28 11.71 2.63
CA PRO A 99 1.16 12.86 2.29
C PRO A 99 0.50 14.22 2.57
N PHE A 100 1.27 15.27 2.86
CA PHE A 100 0.74 16.61 3.11
C PHE A 100 0.01 16.82 4.46
N VAL A 101 0.28 15.96 5.41
CA VAL A 101 -0.30 16.05 6.76
C VAL A 101 0.86 16.06 7.77
N ILE A 102 1.01 17.12 8.59
CA ILE A 102 2.13 17.21 9.56
C ILE A 102 1.53 17.10 10.92
N GLN A 103 1.79 15.97 11.57
CA GLN A 103 1.10 15.55 12.75
C GLN A 103 1.94 16.04 13.89
N MET A 104 1.46 17.05 14.62
CA MET A 104 2.19 17.59 15.74
C MET A 104 2.08 16.64 16.92
N ARG A 105 0.99 15.87 16.98
CA ARG A 105 0.70 15.10 18.18
C ARG A 105 1.40 13.79 18.14
N PRO A 106 2.18 13.45 19.18
CA PRO A 106 2.80 12.12 19.27
C PRO A 106 1.79 10.98 19.36
N ASP A 107 2.10 9.84 18.76
CA ASP A 107 1.35 8.57 18.98
C ASP A 107 1.50 8.14 20.45
N LEU A 108 0.38 7.79 21.08
CA LEU A 108 0.33 7.35 22.49
C LEU A 108 0.37 5.84 22.71
N LYS A 109 -0.07 5.09 21.72
CA LYS A 109 -0.22 3.62 21.78
C LYS A 109 0.99 2.86 22.32
N GLY A 110 2.15 3.06 21.71
CA GLY A 110 3.35 2.28 22.06
C GLY A 110 3.81 2.53 23.49
N ALA A 111 3.67 3.77 23.92
CA ALA A 111 3.92 4.15 25.29
C ALA A 111 2.86 3.56 26.22
N LEU A 112 1.61 3.54 25.79
CA LEU A 112 0.56 2.91 26.59
C LEU A 112 0.86 1.43 26.77
N LEU A 113 1.12 0.75 25.65
CA LEU A 113 1.41 -0.66 25.65
C LEU A 113 2.63 -0.97 26.47
N SER A 114 3.68 -0.18 26.29
CA SER A 114 4.89 -0.37 27.08
C SER A 114 4.69 -0.21 28.59
N LEU A 115 3.75 0.66 28.99
CA LEU A 115 3.49 0.91 30.40
C LEU A 115 2.78 -0.26 31.06
N ILE A 116 1.83 -0.83 30.32
CA ILE A 116 1.11 -2.04 30.76
C ILE A 116 2.13 -3.18 31.00
N GLU A 117 3.06 -3.38 30.06
CA GLU A 117 4.14 -4.36 30.25
C GLU A 117 5.06 -4.05 31.41
N TYR A 118 5.26 -2.76 31.71
CA TYR A 118 6.11 -2.30 32.83
C TYR A 118 5.55 -2.63 34.21
N TYR A 119 4.24 -2.44 34.40
CA TYR A 119 3.52 -2.81 35.61
C TYR A 119 3.17 -4.32 35.69
N GLN A 120 3.37 -5.05 34.58
CA GLN A 120 3.13 -6.51 34.53
C GLN A 120 1.67 -6.86 34.75
N TRP A 121 0.79 -6.12 34.07
CA TRP A 121 -0.65 -6.33 34.18
C TRP A 121 -1.02 -7.38 33.14
N ASP A 122 -1.76 -8.40 33.56
CA ASP A 122 -2.29 -9.44 32.64
C ASP A 122 -3.83 -9.43 32.65
N LYS A 123 -4.43 -9.15 33.80
CA LYS A 123 -5.85 -8.84 33.91
C LYS A 123 -5.96 -7.33 34.01
N PHE A 124 -6.89 -6.74 33.25
CA PHE A 124 -7.30 -5.33 33.40
C PHE A 124 -8.57 -4.96 32.63
N ALA A 125 -9.33 -4.01 33.18
CA ALA A 125 -10.52 -3.45 32.51
C ALA A 125 -10.16 -2.23 31.65
N TYR A 126 -10.78 -2.06 30.49
CA TYR A 126 -10.43 -0.96 29.57
C TYR A 126 -11.68 -0.21 29.23
N LEU A 127 -11.80 1.02 29.73
CA LEU A 127 -12.99 1.83 29.48
C LEU A 127 -12.67 2.84 28.39
N TYR A 128 -13.52 2.86 27.35
CA TYR A 128 -13.20 3.53 26.05
C TYR A 128 -14.38 4.30 25.47
N ASP A 129 -14.13 5.08 24.42
CA ASP A 129 -15.07 6.12 24.02
C ASP A 129 -15.39 6.12 22.54
N SER A 130 -16.62 5.72 22.20
CA SER A 130 -17.06 5.63 20.79
C SER A 130 -17.03 6.97 20.03
N ASP A 131 -17.18 8.08 20.78
CA ASP A 131 -17.13 9.43 20.22
C ASP A 131 -15.73 9.84 19.71
N ARG A 132 -14.66 9.41 20.38
CA ARG A 132 -13.27 9.79 19.98
C ARG A 132 -12.64 8.86 18.91
N GLY A 133 -13.28 7.71 18.62
CA GLY A 133 -12.72 6.70 17.73
C GLY A 133 -12.14 5.52 18.51
N LEU A 134 -12.03 4.39 17.84
CA LEU A 134 -11.63 3.12 18.49
C LEU A 134 -10.23 2.65 18.15
N SER A 135 -9.46 3.50 17.48
CA SER A 135 -8.09 3.21 17.04
C SER A 135 -7.15 2.56 18.07
N THR A 136 -7.24 3.00 19.33
CA THR A 136 -6.34 2.55 20.42
C THR A 136 -6.86 1.23 21.04
N LEU A 137 -8.19 1.12 21.14
CA LEU A 137 -8.81 -0.10 21.58
C LEU A 137 -8.41 -1.27 20.68
N GLN A 138 -8.47 -1.13 19.36
CA GLN A 138 -7.89 -2.14 18.44
C GLN A 138 -6.43 -2.50 18.79
N ALA A 139 -5.58 -1.51 19.07
CA ALA A 139 -4.17 -1.85 19.33
C ALA A 139 -4.01 -2.72 20.58
N VAL A 140 -4.78 -2.38 21.62
CA VAL A 140 -4.72 -3.09 22.89
C VAL A 140 -5.40 -4.46 22.79
N LEU A 141 -6.57 -4.54 22.15
CA LEU A 141 -7.14 -5.85 21.87
C LEU A 141 -6.20 -6.73 21.02
N ASP A 142 -5.58 -6.20 19.96
CA ASP A 142 -4.59 -7.01 19.19
C ASP A 142 -3.43 -7.52 20.07
N SER A 143 -2.91 -6.66 20.93
CA SER A 143 -1.82 -7.03 21.84
C SER A 143 -2.30 -8.04 22.92
N ALA A 144 -3.54 -7.91 23.38
CA ALA A 144 -4.13 -8.82 24.38
C ALA A 144 -4.30 -10.26 23.86
N ALA A 145 -4.68 -10.39 22.59
CA ALA A 145 -4.76 -11.66 21.85
C ALA A 145 -3.39 -12.29 21.65
N GLU A 146 -2.39 -11.47 21.42
CA GLU A 146 -1.02 -11.95 21.30
C GLU A 146 -0.50 -12.37 22.67
N LYS A 147 -0.71 -11.52 23.67
CA LYS A 147 -0.12 -11.70 25.01
C LYS A 147 -1.08 -12.27 26.08
N LYS A 148 -2.19 -12.89 25.64
CA LYS A 148 -3.17 -13.56 26.50
C LYS A 148 -3.54 -12.77 27.76
N TRP A 149 -3.74 -11.45 27.57
CA TRP A 149 -4.28 -10.56 28.58
C TRP A 149 -5.78 -10.81 28.68
N GLN A 150 -6.35 -10.65 29.89
CA GLN A 150 -7.81 -10.76 30.07
C GLN A 150 -8.40 -9.35 30.15
N VAL A 151 -8.73 -8.79 28.99
CA VAL A 151 -9.19 -7.40 28.85
C VAL A 151 -10.72 -7.29 28.79
N THR A 152 -11.28 -6.62 29.81
CA THR A 152 -12.73 -6.43 29.95
C THR A 152 -13.02 -5.01 29.51
N ALA A 153 -13.75 -4.87 28.40
CA ALA A 153 -13.76 -3.63 27.63
C ALA A 153 -15.18 -3.05 27.50
N ILE A 154 -15.49 -2.05 28.33
CA ILE A 154 -16.81 -1.45 28.48
C ILE A 154 -16.80 -0.09 27.80
N ASN A 155 -17.78 0.18 26.96
CA ASN A 155 -17.97 1.52 26.41
C ASN A 155 -18.61 2.44 27.45
N VAL A 156 -18.00 3.60 27.71
CA VAL A 156 -18.64 4.62 28.59
C VAL A 156 -18.90 5.96 27.89
N GLY A 157 -18.91 5.97 26.55
CA GLY A 157 -19.02 7.18 25.72
C GLY A 157 -20.18 7.14 24.73
N ASN A 158 -21.40 7.34 25.23
CA ASN A 158 -22.66 7.08 24.49
C ASN A 158 -22.77 5.62 24.03
N SER A 170 -25.45 0.77 36.92
CA SER A 170 -24.49 1.39 36.00
C SER A 170 -23.42 0.38 35.57
N LEU A 171 -22.44 0.83 34.78
CA LEU A 171 -21.20 0.08 34.57
C LEU A 171 -20.51 -0.26 35.90
N PHE A 172 -20.81 0.53 36.95
CA PHE A 172 -20.49 0.22 38.34
C PHE A 172 -20.58 -1.28 38.69
N GLN A 173 -21.80 -1.82 38.76
CA GLN A 173 -22.04 -3.18 39.28
C GLN A 173 -21.45 -4.34 38.44
N ASP A 174 -21.17 -4.08 37.16
CA ASP A 174 -20.54 -5.09 36.27
C ASP A 174 -19.04 -5.24 36.57
N LEU A 175 -18.40 -4.13 36.94
CA LEU A 175 -17.02 -4.10 37.41
C LEU A 175 -16.79 -5.01 38.62
N GLU A 176 -17.72 -4.96 39.57
CA GLU A 176 -17.64 -5.73 40.80
C GLU A 176 -17.65 -7.25 40.54
N LEU A 177 -18.69 -7.73 39.86
CA LEU A 177 -18.86 -9.18 39.61
C LEU A 177 -17.75 -9.78 38.72
N LYS A 178 -17.32 -9.05 37.68
CA LYS A 178 -16.19 -9.46 36.84
C LYS A 178 -14.87 -9.30 37.61
N LYS A 179 -14.73 -8.18 38.33
CA LYS A 179 -13.71 -7.99 39.37
C LYS A 179 -12.32 -7.66 38.81
N GLU A 180 -12.27 -6.58 38.03
CA GLU A 180 -11.01 -6.11 37.45
C GLU A 180 -10.36 -5.02 38.31
N ARG A 181 -9.15 -5.32 38.79
CA ARG A 181 -8.42 -4.49 39.76
C ARG A 181 -7.66 -3.29 39.12
N ARG A 182 -7.04 -3.54 37.96
CA ARG A 182 -6.47 -2.47 37.15
C ARG A 182 -7.52 -1.89 36.20
N VAL A 183 -7.36 -0.61 35.91
CA VAL A 183 -8.22 0.08 34.94
C VAL A 183 -7.46 1.04 34.01
N ILE A 184 -7.72 0.91 32.70
CA ILE A 184 -7.25 1.89 31.71
C ILE A 184 -8.45 2.74 31.29
N LEU A 185 -8.27 4.05 31.33
CA LEU A 185 -9.31 5.02 30.94
C LEU A 185 -8.90 5.76 29.64
N ASP A 186 -9.61 5.49 28.54
CA ASP A 186 -9.36 6.13 27.22
C ASP A 186 -10.65 6.82 26.83
N CYS A 187 -10.99 7.87 27.57
CA CYS A 187 -12.26 8.58 27.42
C CYS A 187 -12.04 10.11 27.30
N GLU A 188 -13.13 10.87 27.10
CA GLU A 188 -13.07 12.34 27.25
C GLU A 188 -12.80 12.67 28.73
N ARG A 189 -12.08 13.77 28.99
CA ARG A 189 -11.60 14.10 30.31
C ARG A 189 -12.73 14.40 31.31
N ASP A 190 -13.81 15.02 30.84
CA ASP A 190 -14.96 15.30 31.72
C ASP A 190 -15.53 14.04 32.37
N LYS A 191 -15.61 12.93 31.61
CA LYS A 191 -16.13 11.64 32.10
C LYS A 191 -15.28 10.99 33.21
N VAL A 192 -13.96 11.22 33.19
CA VAL A 192 -13.00 10.57 34.11
C VAL A 192 -13.37 10.69 35.60
N ASN A 193 -13.83 11.89 35.95
CA ASN A 193 -14.31 12.25 37.29
C ASN A 193 -15.52 11.43 37.72
N ASP A 194 -16.51 11.38 36.83
CA ASP A 194 -17.77 10.66 37.06
C ASP A 194 -17.55 9.18 37.38
N ILE A 195 -16.64 8.55 36.64
CA ILE A 195 -16.41 7.10 36.71
C ILE A 195 -15.72 6.66 38.01
N VAL A 196 -14.80 7.49 38.51
CA VAL A 196 -14.12 7.24 39.79
C VAL A 196 -15.14 7.21 40.93
N ASP A 197 -16.17 8.04 40.79
CA ASP A 197 -17.26 8.14 41.75
C ASP A 197 -17.98 6.79 41.93
N GLN A 198 -18.54 6.28 40.83
CA GLN A 198 -19.27 4.97 40.82
C GLN A 198 -18.56 3.91 41.68
N VAL A 199 -17.25 3.83 41.48
CA VAL A 199 -16.40 2.85 42.13
C VAL A 199 -16.21 3.17 43.63
N ILE A 200 -16.12 4.45 44.00
CA ILE A 200 -16.15 4.82 45.42
C ILE A 200 -17.59 4.73 45.96
N GLY A 208 -7.74 2.03 46.58
CA GLY A 208 -7.40 0.62 46.43
C GLY A 208 -7.06 0.16 45.01
N TYR A 209 -7.78 0.71 44.03
CA TYR A 209 -7.64 0.37 42.60
C TYR A 209 -6.41 1.04 41.93
N HIS A 210 -6.17 0.67 40.68
CA HIS A 210 -5.11 1.23 39.83
C HIS A 210 -5.66 1.89 38.54
N TYR A 211 -5.26 3.13 38.26
CA TYR A 211 -5.74 3.86 37.07
C TYR A 211 -4.61 4.29 36.15
N ILE A 212 -4.77 4.01 34.86
CA ILE A 212 -3.92 4.55 33.83
C ILE A 212 -4.80 5.49 32.99
N ILE A 213 -4.53 6.79 33.04
CA ILE A 213 -5.26 7.81 32.22
C ILE A 213 -4.66 7.86 30.81
N ALA A 214 -5.38 7.38 29.82
CA ALA A 214 -4.84 7.25 28.46
C ALA A 214 -4.93 8.53 27.63
N ASN A 215 -4.10 9.53 27.99
CA ASN A 215 -3.90 10.74 27.17
C ASN A 215 -2.57 11.43 27.55
N LEU A 216 -2.23 12.46 26.77
CA LEU A 216 -0.94 13.17 26.84
C LEU A 216 -0.90 14.38 27.77
N GLY A 217 -2.00 14.67 28.44
CA GLY A 217 -2.01 15.70 29.46
C GLY A 217 -2.65 15.22 30.74
N PHE A 218 -1.86 14.49 31.52
CA PHE A 218 -2.32 13.91 32.77
C PHE A 218 -2.72 14.98 33.77
N THR A 219 -2.01 16.12 33.80
CA THR A 219 -2.33 17.21 34.75
C THR A 219 -3.21 18.35 34.18
N ASP A 220 -3.92 18.13 33.07
CA ASP A 220 -4.41 19.22 32.21
C ASP A 220 -5.66 19.94 32.68
N GLY A 221 -6.48 19.30 33.51
CA GLY A 221 -7.67 19.94 34.12
C GLY A 221 -7.87 19.51 35.56
N ASP A 222 -8.98 18.80 35.83
CA ASP A 222 -9.26 18.20 37.15
C ASP A 222 -8.42 16.95 37.40
N LEU A 223 -7.89 16.83 38.62
CA LEU A 223 -7.04 15.72 39.00
C LEU A 223 -6.74 15.85 40.49
N LEU A 224 -5.69 15.17 40.96
CA LEU A 224 -5.19 15.26 42.35
C LEU A 224 -6.26 14.84 43.35
N LYS A 225 -6.96 15.81 43.95
CA LYS A 225 -8.21 15.55 44.61
C LYS A 225 -9.26 15.63 43.51
N ILE A 226 -9.30 14.60 42.66
CA ILE A 226 -10.48 14.31 41.83
C ILE A 226 -11.72 13.93 42.66
N GLN A 227 -11.66 12.99 43.62
CA GLN A 227 -10.48 12.25 44.07
C GLN A 227 -10.61 10.74 43.82
N PHE A 228 -9.52 10.03 44.12
CA PHE A 228 -9.41 8.58 43.88
C PHE A 228 -9.48 7.66 45.13
N GLY A 229 -9.58 8.26 46.33
CA GLY A 229 -9.59 7.50 47.59
C GLY A 229 -8.26 6.84 47.98
N GLY A 230 -7.14 7.47 47.57
CA GLY A 230 -5.80 6.89 47.73
C GLY A 230 -5.41 5.73 46.81
N ALA A 231 -6.06 5.63 45.64
CA ALA A 231 -5.67 4.63 44.62
C ALA A 231 -4.34 5.02 43.96
N ASN A 232 -3.75 4.11 43.18
CA ASN A 232 -2.61 4.52 42.32
C ASN A 232 -3.08 5.09 40.97
N VAL A 233 -2.47 6.19 40.55
CA VAL A 233 -2.82 6.78 39.26
C VAL A 233 -1.58 6.96 38.44
N SER A 234 -1.62 6.48 37.19
CA SER A 234 -0.56 6.75 36.23
C SER A 234 -1.13 7.49 35.02
N GLY A 235 -0.27 8.22 34.33
CA GLY A 235 -0.70 9.03 33.19
C GLY A 235 0.50 9.48 32.38
N PHE A 236 0.25 10.29 31.34
CA PHE A 236 1.32 10.74 30.44
C PHE A 236 1.25 12.25 30.25
N GLN A 237 2.43 12.86 30.11
CA GLN A 237 2.63 14.30 29.89
C GLN A 237 3.71 14.52 28.84
N ILE A 238 3.33 15.20 27.76
CA ILE A 238 4.26 15.61 26.71
C ILE A 238 4.85 16.99 27.02
N VAL A 239 4.19 17.80 27.85
CA VAL A 239 4.70 19.11 28.23
C VAL A 239 5.36 19.07 29.61
N ASP A 240 6.66 19.34 29.65
CA ASP A 240 7.43 19.07 30.86
C ASP A 240 7.77 20.37 31.53
N TYR A 241 7.04 20.69 32.59
CA TYR A 241 7.22 22.01 33.23
C TYR A 241 8.59 22.22 33.92
N ASP A 242 9.46 21.20 33.95
CA ASP A 242 10.86 21.37 34.38
C ASP A 242 11.75 21.87 33.26
N ASP A 243 11.29 21.88 32.01
CA ASP A 243 12.11 22.39 30.88
C ASP A 243 12.22 23.93 31.00
N SER A 244 13.37 24.46 30.59
CA SER A 244 13.54 25.92 30.46
C SER A 244 12.44 26.57 29.61
N LEU A 245 12.33 26.14 28.35
CA LEU A 245 11.39 26.75 27.38
C LEU A 245 9.99 26.80 27.91
N VAL A 246 9.59 25.75 28.65
CA VAL A 246 8.23 25.62 29.14
C VAL A 246 7.99 26.50 30.35
N SER A 247 8.88 26.47 31.33
CA SER A 247 8.76 27.35 32.50
C SER A 247 8.94 28.84 32.10
N LYS A 248 9.85 29.12 31.17
CA LYS A 248 9.95 30.48 30.60
C LYS A 248 8.64 30.93 29.94
N PHE A 249 8.03 30.03 29.17
CA PHE A 249 6.79 30.32 28.47
C PHE A 249 5.65 30.58 29.42
N ILE A 250 5.55 29.74 30.45
CA ILE A 250 4.51 29.85 31.43
C ILE A 250 4.67 31.15 32.21
N GLU A 251 5.88 31.63 32.46
CA GLU A 251 6.06 32.96 33.09
C GLU A 251 5.40 34.10 32.32
N ARG A 252 5.34 33.99 30.99
CA ARG A 252 4.66 35.01 30.18
C ARG A 252 3.19 34.74 30.20
N TRP A 253 2.84 33.47 29.95
CA TRP A 253 1.44 33.00 29.80
C TRP A 253 0.58 33.28 31.02
N SER A 254 1.15 32.88 32.16
CA SER A 254 0.58 33.10 33.49
C SER A 254 0.29 34.59 33.82
N THR A 255 0.97 35.54 33.15
CA THR A 255 0.76 36.99 33.39
C THR A 255 0.07 37.72 32.26
N LEU A 256 -0.41 37.01 31.24
CA LEU A 256 -1.19 37.68 30.19
C LEU A 256 -2.56 38.02 30.73
N GLU A 257 -3.15 39.07 30.15
CA GLU A 257 -4.48 39.51 30.50
C GLU A 257 -5.51 38.50 29.90
N GLU A 258 -6.22 37.79 30.77
CA GLU A 258 -7.24 36.78 30.41
C GLU A 258 -8.38 37.32 29.58
N LYS A 259 -8.85 38.53 29.88
CA LYS A 259 -9.84 39.16 29.01
C LYS A 259 -9.32 39.18 27.55
N GLU A 260 -8.02 39.50 27.42
CA GLU A 260 -7.32 39.65 26.15
C GLU A 260 -6.91 38.33 25.52
N TYR A 261 -6.55 37.35 26.34
CA TYR A 261 -6.16 36.03 25.85
C TYR A 261 -6.94 34.97 26.59
N PRO A 262 -8.09 34.55 26.05
CA PRO A 262 -8.89 33.60 26.81
C PRO A 262 -8.15 32.26 26.97
N GLY A 263 -8.35 31.70 28.15
CA GLY A 263 -7.66 30.49 28.57
C GLY A 263 -6.24 30.71 29.05
N ALA A 264 -5.77 31.97 29.01
CA ALA A 264 -4.44 32.33 29.51
C ALA A 264 -4.48 32.64 31.04
N HIS A 265 -3.35 33.11 31.58
CA HIS A 265 -3.24 33.53 33.01
C HIS A 265 -3.34 32.35 33.98
N THR A 266 -2.75 31.22 33.59
CA THR A 266 -2.80 29.99 34.36
C THR A 266 -1.40 29.45 34.51
N ALA A 267 -1.26 28.53 35.46
CA ALA A 267 0.01 27.86 35.79
C ALA A 267 0.34 26.73 34.79
N THR A 268 -0.68 26.32 34.00
CA THR A 268 -0.58 25.18 33.10
C THR A 268 -1.01 25.55 31.73
N ILE A 269 -0.69 24.68 30.75
CA ILE A 269 -1.30 24.77 29.43
C ILE A 269 -1.72 23.39 28.95
N LYS A 270 -2.90 23.31 28.33
CA LYS A 270 -3.33 22.03 27.78
C LYS A 270 -2.41 21.62 26.65
N TYR A 271 -2.15 20.33 26.53
CA TYR A 271 -1.25 19.81 25.54
C TYR A 271 -1.57 20.19 24.12
N THR A 272 -2.86 20.33 23.80
CA THR A 272 -3.31 20.68 22.43
C THR A 272 -3.01 22.14 22.15
N SER A 273 -3.09 22.96 23.20
CA SER A 273 -2.65 24.35 23.12
C SER A 273 -1.17 24.52 23.00
N ALA A 274 -0.39 23.72 23.71
CA ALA A 274 1.06 23.69 23.52
C ALA A 274 1.47 23.27 22.13
N LEU A 275 0.83 22.24 21.61
CA LEU A 275 1.10 21.78 20.19
C LEU A 275 0.71 22.87 19.13
N THR A 276 -0.30 23.66 19.44
CA THR A 276 -0.69 24.79 18.57
C THR A 276 0.42 25.85 18.45
N TYR A 277 1.08 26.10 19.57
CA TYR A 277 2.11 27.15 19.67
C TYR A 277 3.40 26.62 19.01
N ASP A 278 3.73 25.36 19.33
CA ASP A 278 4.76 24.57 18.55
C ASP A 278 4.49 24.53 17.02
N ALA A 279 3.22 24.35 16.61
CA ALA A 279 2.89 24.41 15.19
C ALA A 279 3.37 25.64 14.51
N VAL A 280 3.08 26.79 15.14
CA VAL A 280 3.48 28.08 14.60
C VAL A 280 4.99 28.15 14.34
N GLN A 281 5.80 27.57 15.26
CA GLN A 281 7.23 27.57 15.06
C GLN A 281 7.65 26.72 13.85
N VAL A 282 7.03 25.55 13.69
CA VAL A 282 7.37 24.64 12.59
C VAL A 282 7.02 25.29 11.24
N MET A 283 5.79 25.83 11.13
CA MET A 283 5.40 26.51 9.89
C MET A 283 6.37 27.61 9.53
N THR A 284 6.63 28.46 10.52
CA THR A 284 7.60 29.55 10.34
C THR A 284 9.04 29.11 9.98
N GLU A 285 9.54 28.05 10.62
CA GLU A 285 10.89 27.56 10.29
C GLU A 285 10.89 26.95 8.89
N ALA A 286 9.83 26.21 8.52
CA ALA A 286 9.78 25.64 7.15
C ALA A 286 9.91 26.75 6.10
N PHE A 287 9.26 27.86 6.31
CA PHE A 287 9.37 28.97 5.32
C PHE A 287 10.68 29.76 5.32
N ARG A 288 11.36 29.82 6.46
CA ARG A 288 12.72 30.36 6.52
C ARG A 288 13.72 29.43 5.80
N ASN A 289 13.56 28.13 5.94
CA ASN A 289 14.35 27.15 5.17
C ASN A 289 14.23 27.38 3.66
N LEU A 290 13.01 27.56 3.14
CA LEU A 290 12.85 27.80 1.69
C LEU A 290 13.54 29.11 1.25
N ARG A 291 13.48 30.15 2.05
CA ARG A 291 14.21 31.36 1.69
C ARG A 291 15.71 31.17 1.75
N LYS A 292 16.23 30.59 2.83
CA LYS A 292 17.66 30.32 2.93
C LYS A 292 18.23 29.37 1.87
N GLN A 293 17.41 28.47 1.34
CA GLN A 293 17.78 27.56 0.23
C GLN A 293 17.42 28.15 -1.16
N ARG A 294 16.92 29.38 -1.20
CA ARG A 294 16.46 30.08 -2.42
C ARG A 294 15.48 29.26 -3.26
N ILE A 295 14.41 28.79 -2.61
CA ILE A 295 13.27 28.17 -3.29
C ILE A 295 12.11 29.14 -3.13
N GLU A 296 11.73 29.77 -4.25
CA GLU A 296 10.61 30.71 -4.30
C GLU A 296 9.28 30.00 -4.52
N ILE A 297 8.25 30.59 -3.90
CA ILE A 297 6.82 30.13 -3.91
C ILE A 297 5.84 31.31 -4.17
N SER A 298 4.95 31.15 -5.15
CA SER A 298 4.08 32.22 -5.64
C SER A 298 2.59 31.85 -5.71
N ARG A 299 1.79 32.85 -6.06
CA ARG A 299 0.52 32.64 -6.75
C ARG A 299 -0.57 31.99 -5.91
N GLY A 304 -7.87 29.13 -7.72
CA GLY A 304 -7.86 27.97 -6.83
C GLY A 304 -9.27 27.42 -6.81
N ASP A 305 -9.42 26.19 -7.33
CA ASP A 305 -10.76 25.57 -7.44
C ASP A 305 -10.75 24.10 -7.01
N CYS A 306 -11.44 23.89 -5.91
CA CYS A 306 -11.61 22.60 -5.33
C CYS A 306 -12.18 21.59 -6.33
N LEU A 307 -13.20 22.01 -7.08
CA LEU A 307 -13.96 21.11 -7.92
C LEU A 307 -13.50 21.12 -9.38
N ALA A 308 -12.34 21.68 -9.67
CA ALA A 308 -11.82 21.65 -11.04
C ALA A 308 -11.62 20.21 -11.49
N ASN A 309 -11.72 19.95 -12.79
CA ASN A 309 -11.60 18.58 -13.28
C ASN A 309 -10.86 18.51 -14.62
N PRO A 310 -9.87 17.63 -14.73
CA PRO A 310 -9.30 16.84 -13.59
C PRO A 310 -8.64 17.73 -12.51
N ALA A 311 -8.42 17.17 -11.33
CA ALA A 311 -7.71 17.90 -10.26
C ALA A 311 -6.26 18.26 -10.69
N VAL A 312 -5.86 19.50 -10.37
CA VAL A 312 -4.56 20.08 -10.77
C VAL A 312 -3.87 20.66 -9.51
N PRO A 313 -3.06 19.82 -8.82
CA PRO A 313 -2.42 20.31 -7.59
C PRO A 313 -1.43 21.42 -7.87
N TRP A 314 -1.41 22.43 -7.00
CA TRP A 314 -0.47 23.51 -7.19
C TRP A 314 0.98 22.99 -7.06
N GLY A 315 1.84 23.50 -7.94
CA GLY A 315 3.11 22.84 -8.28
C GLY A 315 4.24 22.98 -7.27
N GLN A 316 4.27 24.12 -6.56
CA GLN A 316 5.21 24.36 -5.46
C GLN A 316 4.84 23.70 -4.13
N GLY A 317 3.68 23.04 -4.04
CA GLY A 317 3.23 22.38 -2.80
C GLY A 317 4.20 21.33 -2.26
N VAL A 318 4.82 20.58 -3.17
CA VAL A 318 5.78 19.53 -2.80
C VAL A 318 6.93 20.11 -2.00
N GLU A 319 7.38 21.30 -2.37
CA GLU A 319 8.56 21.95 -1.75
C GLU A 319 8.27 22.39 -0.32
N ILE A 320 7.02 22.76 -0.06
CA ILE A 320 6.54 23.25 1.22
C ILE A 320 6.47 22.07 2.16
N GLU A 321 5.84 20.98 1.70
CA GLU A 321 5.77 19.69 2.44
C GLU A 321 7.18 19.23 2.88
N ARG A 322 8.12 19.26 1.94
CA ARG A 322 9.48 18.76 2.14
C ARG A 322 10.20 19.64 3.21
N ALA A 323 10.11 20.95 3.09
CA ALA A 323 10.56 21.85 4.16
C ALA A 323 9.97 21.64 5.55
N LEU A 324 8.66 21.40 5.66
CA LEU A 324 8.01 21.13 6.95
C LEU A 324 8.55 19.87 7.61
N LYS A 325 8.79 18.82 6.81
CA LYS A 325 9.21 17.53 7.43
C LYS A 325 10.69 17.57 7.77
N GLN A 326 11.38 18.51 7.14
CA GLN A 326 12.81 18.74 7.46
C GLN A 326 13.06 19.68 8.63
N VAL A 327 12.02 20.24 9.24
CA VAL A 327 12.15 21.05 10.46
C VAL A 327 12.63 20.24 11.65
N GLN A 328 13.61 20.72 12.40
CA GLN A 328 13.90 20.11 13.71
C GLN A 328 14.13 21.14 14.78
N VAL A 329 13.21 21.31 15.72
CA VAL A 329 13.39 22.35 16.78
C VAL A 329 12.93 21.81 18.11
N GLU A 330 13.20 22.55 19.20
CA GLU A 330 12.59 22.25 20.52
C GLU A 330 11.40 23.19 20.70
N GLY A 331 10.41 22.73 21.43
CA GLY A 331 9.34 23.65 21.85
C GLY A 331 8.66 23.11 23.09
N LEU A 332 7.42 23.48 23.32
CA LEU A 332 6.79 23.08 24.58
C LEU A 332 6.66 21.56 24.70
N SER A 333 6.49 20.86 23.57
CA SER A 333 6.32 19.41 23.58
C SER A 333 7.64 18.65 23.34
N GLY A 334 8.76 19.26 23.72
CA GLY A 334 10.07 18.61 23.68
C GLY A 334 10.70 18.70 22.30
N ASN A 335 11.54 17.72 21.97
CA ASN A 335 12.16 17.74 20.67
C ASN A 335 11.11 17.47 19.63
N ILE A 336 11.11 18.30 18.58
CA ILE A 336 10.16 18.18 17.50
C ILE A 336 10.90 17.78 16.23
N LYS A 337 10.54 16.62 15.68
CA LYS A 337 11.13 16.13 14.43
C LYS A 337 10.12 15.22 13.77
N PHE A 338 10.13 15.19 12.44
CA PHE A 338 9.17 14.42 11.63
C PHE A 338 9.89 13.44 10.74
N ASP A 339 9.25 12.33 10.49
CA ASP A 339 9.66 11.40 9.42
C ASP A 339 8.95 11.78 8.13
N GLN A 340 9.19 10.95 7.10
CA GLN A 340 8.73 11.26 5.79
C GLN A 340 7.27 11.18 5.59
N ASN A 341 6.56 10.59 6.56
CA ASN A 341 5.07 10.60 6.53
C ASN A 341 4.46 11.61 7.53
N GLY A 342 5.22 12.58 8.00
CA GLY A 342 4.71 13.65 8.89
C GLY A 342 4.38 13.27 10.30
N LYS A 343 4.94 12.17 10.82
CA LYS A 343 4.64 11.70 12.20
C LYS A 343 5.76 12.14 13.05
N ARG A 344 5.49 12.48 14.32
CA ARG A 344 6.60 12.83 15.25
C ARG A 344 7.52 11.63 15.43
N ILE A 345 8.83 11.86 15.40
CA ILE A 345 9.82 10.88 15.85
C ILE A 345 10.86 11.57 16.72
N ASN A 346 11.61 10.75 17.45
CA ASN A 346 12.54 11.22 18.45
C ASN A 346 11.91 12.04 19.58
N TYR A 347 10.70 11.70 19.96
CA TYR A 347 10.04 12.36 21.09
C TYR A 347 10.21 11.60 22.38
N THR A 348 9.91 12.33 23.46
CA THR A 348 9.83 11.81 24.80
C THR A 348 8.44 12.06 25.32
N ILE A 349 7.86 11.04 25.94
CA ILE A 349 6.62 11.19 26.71
C ILE A 349 6.96 10.92 28.16
N ASN A 350 6.68 11.85 29.06
CA ASN A 350 6.95 11.58 30.46
C ASN A 350 5.81 10.78 31.03
N ILE A 351 6.25 9.77 31.82
CA ILE A 351 5.39 8.88 32.61
C ILE A 351 5.23 9.57 33.95
N MET A 352 3.99 9.56 34.44
CA MET A 352 3.60 10.32 35.57
C MET A 352 2.83 9.42 36.52
N GLU A 353 3.00 9.64 37.81
CA GLU A 353 2.14 9.04 38.81
C GLU A 353 1.61 10.19 39.66
N LEU A 354 0.44 9.97 40.26
CA LEU A 354 -0.08 10.91 41.24
C LEU A 354 0.41 10.56 42.67
N LYS A 355 1.45 11.25 43.16
CA LYS A 355 1.91 11.13 44.57
C LYS A 355 1.07 12.04 45.48
N THR A 356 0.96 11.66 46.76
CA THR A 356 0.26 12.47 47.79
C THR A 356 0.74 13.94 47.80
N ASN A 357 2.06 14.10 47.59
CA ASN A 357 2.67 15.39 47.32
C ASN A 357 2.06 16.06 46.08
N GLY A 358 2.27 15.44 44.91
CA GLY A 358 1.72 15.92 43.64
C GLY A 358 2.04 15.02 42.46
N PRO A 359 1.47 15.31 41.26
CA PRO A 359 1.90 14.62 40.04
C PRO A 359 3.42 14.69 39.86
N ARG A 360 4.05 13.52 39.89
CA ARG A 360 5.50 13.40 39.77
C ARG A 360 5.82 12.49 38.59
N LYS A 361 7.02 12.72 38.06
CA LYS A 361 7.57 12.04 36.89
C LYS A 361 8.41 10.89 37.39
N ILE A 362 7.88 9.67 37.27
CA ILE A 362 8.62 8.44 37.59
C ILE A 362 9.46 7.91 36.44
N GLY A 363 9.44 8.61 35.31
CA GLY A 363 10.19 8.19 34.15
C GLY A 363 9.63 8.66 32.82
N TYR A 364 10.11 8.01 31.76
CA TYR A 364 9.73 8.35 30.39
C TYR A 364 9.74 7.15 29.45
N TRP A 365 8.95 7.30 28.39
CA TRP A 365 8.97 6.46 27.22
C TRP A 365 9.55 7.31 26.10
N SER A 366 10.71 6.94 25.61
CA SER A 366 11.38 7.64 24.54
C SER A 366 11.18 6.82 23.27
N GLU A 367 11.40 7.47 22.14
CA GLU A 367 10.93 6.93 20.87
C GLU A 367 11.81 5.79 20.33
N VAL A 368 13.03 5.65 20.87
CA VAL A 368 13.82 4.40 20.67
C VAL A 368 13.96 3.51 21.94
N ASP A 369 14.19 4.13 23.09
CA ASP A 369 14.54 3.40 24.32
C ASP A 369 13.36 2.77 25.12
N LYS A 370 12.09 3.01 24.68
CA LYS A 370 10.85 2.59 25.43
C LYS A 370 10.82 2.99 26.93
N MET A 371 10.20 2.20 27.82
CA MET A 371 9.99 2.67 29.21
C MET A 371 11.31 2.76 30.01
N VAL A 372 11.51 3.86 30.78
CA VAL A 372 12.74 4.06 31.57
C VAL A 372 12.49 4.69 32.96
N VAL A 373 12.92 3.98 34.01
CA VAL A 373 12.86 4.39 35.43
C VAL A 373 14.02 5.34 35.80
N THR A 374 13.73 6.34 36.66
CA THR A 374 14.65 7.44 36.98
C THR A 374 14.88 8.29 35.74
N PHE B 2 -47.98 17.04 -12.75
CA PHE B 2 -46.59 16.71 -12.29
C PHE B 2 -45.66 16.39 -13.51
N PRO B 3 -44.33 16.65 -13.39
CA PRO B 3 -43.45 16.44 -14.56
C PRO B 3 -43.30 14.97 -15.00
N SER B 4 -42.92 14.81 -16.27
CA SER B 4 -42.83 13.49 -16.91
C SER B 4 -41.54 12.71 -16.53
N SER B 5 -40.50 13.46 -16.16
CA SER B 5 -39.24 12.88 -15.71
C SER B 5 -38.97 13.27 -14.24
N VAL B 6 -38.16 12.47 -13.61
CA VAL B 6 -37.70 12.74 -12.27
C VAL B 6 -36.23 12.40 -12.29
N GLN B 7 -35.45 13.35 -11.81
CA GLN B 7 -34.00 13.39 -11.96
C GLN B 7 -33.31 12.85 -10.70
N ILE B 8 -32.41 11.87 -10.87
CA ILE B 8 -31.67 11.31 -9.72
C ILE B 8 -30.17 11.19 -10.03
N GLY B 9 -29.40 11.14 -8.93
CA GLY B 9 -28.00 10.81 -8.95
C GLY B 9 -27.78 9.32 -8.84
N GLY B 10 -26.70 8.87 -9.47
CA GLY B 10 -26.13 7.48 -9.30
C GLY B 10 -24.63 7.66 -9.05
N LEU B 11 -24.15 7.18 -7.91
CA LEU B 11 -22.77 7.38 -7.53
C LEU B 11 -22.21 6.04 -7.14
N PHE B 12 -21.38 5.48 -8.01
CA PHE B 12 -20.92 4.13 -7.82
C PHE B 12 -19.41 4.14 -7.70
N ILE B 13 -18.88 3.19 -6.97
CA ILE B 13 -17.45 3.14 -6.75
C ILE B 13 -16.80 1.92 -7.47
N ARG B 14 -15.51 1.74 -7.24
CA ARG B 14 -14.68 0.62 -7.72
C ARG B 14 -15.33 -0.74 -7.53
N ASN B 15 -15.29 -1.62 -8.54
CA ASN B 15 -15.81 -3.00 -8.40
C ASN B 15 -17.31 -3.06 -8.08
N THR B 16 -18.08 -2.41 -8.95
CA THR B 16 -19.55 -2.38 -8.81
C THR B 16 -20.32 -2.53 -10.14
N ASP B 17 -19.74 -3.28 -11.08
CA ASP B 17 -20.35 -3.64 -12.36
C ASP B 17 -21.75 -4.22 -12.23
N GLN B 18 -21.85 -5.25 -11.40
CA GLN B 18 -23.10 -5.98 -11.18
C GLN B 18 -24.19 -5.14 -10.51
N GLU B 19 -23.80 -4.40 -9.49
CA GLU B 19 -24.69 -3.44 -8.86
C GLU B 19 -25.21 -2.44 -9.87
N TYR B 20 -24.31 -1.93 -10.73
CA TYR B 20 -24.71 -0.88 -11.69
C TYR B 20 -25.61 -1.47 -12.75
N THR B 21 -25.40 -2.78 -13.02
CA THR B 21 -26.23 -3.53 -13.89
C THR B 21 -27.66 -3.56 -13.29
N ALA B 22 -27.72 -3.88 -12.02
CA ALA B 22 -29.00 -3.99 -11.36
C ALA B 22 -29.70 -2.63 -11.30
N PHE B 23 -28.93 -1.58 -11.17
CA PHE B 23 -29.52 -0.23 -11.13
C PHE B 23 -30.09 0.12 -12.49
N ARG B 24 -29.30 -0.09 -13.56
CA ARG B 24 -29.73 0.20 -14.94
C ARG B 24 -30.97 -0.55 -15.39
N LEU B 25 -31.16 -1.75 -14.85
CA LEU B 25 -32.30 -2.63 -15.19
C LEU B 25 -33.55 -2.19 -14.44
N ALA B 26 -33.38 -1.90 -13.15
CA ALA B 26 -34.53 -1.53 -12.37
C ALA B 26 -35.18 -0.27 -12.95
N ILE B 27 -34.34 0.64 -13.49
CA ILE B 27 -34.71 1.94 -14.14
C ILE B 27 -35.25 1.76 -15.58
N PHE B 28 -34.75 0.77 -16.30
CA PHE B 28 -35.24 0.45 -17.60
C PHE B 28 -36.65 -0.15 -17.49
N LEU B 29 -36.85 -1.11 -16.56
CA LEU B 29 -38.14 -1.77 -16.45
C LEU B 29 -39.18 -0.80 -15.90
N HIS B 30 -38.80 0.04 -14.96
CA HIS B 30 -39.71 1.10 -14.51
C HIS B 30 -40.07 2.06 -15.66
N ASN B 31 -39.10 2.46 -16.46
CA ASN B 31 -39.33 3.41 -17.55
C ASN B 31 -40.13 2.85 -18.76
N THR B 32 -40.29 1.54 -18.80
CA THR B 32 -41.06 0.90 -19.81
C THR B 32 -42.23 0.04 -19.28
N SER B 33 -42.46 -0.01 -17.96
CA SER B 33 -43.59 -0.80 -17.38
C SER B 33 -44.96 -0.30 -17.82
N PRO B 34 -45.84 -1.19 -18.28
CA PRO B 34 -47.24 -0.72 -18.38
C PRO B 34 -47.96 -0.47 -17.08
N ASN B 35 -47.64 -1.19 -16.00
CA ASN B 35 -48.40 -1.13 -14.71
C ASN B 35 -49.12 0.21 -14.45
N ALA B 36 -50.37 0.08 -14.02
CA ALA B 36 -51.19 1.26 -13.64
C ALA B 36 -50.58 2.08 -12.51
N ALA B 39 -50.45 9.45 -12.17
CA ALA B 39 -49.28 10.23 -11.88
C ALA B 39 -47.94 9.47 -12.20
N PRO B 40 -47.73 9.10 -13.49
CA PRO B 40 -46.53 8.36 -13.94
C PRO B 40 -45.33 9.23 -14.39
N PHE B 41 -44.12 8.65 -14.24
CA PHE B 41 -42.88 9.40 -14.44
C PHE B 41 -41.75 8.50 -14.96
N ASN B 42 -40.81 9.07 -15.70
CA ASN B 42 -39.56 8.42 -16.12
C ASN B 42 -38.42 8.81 -15.20
N LEU B 43 -37.69 7.85 -14.65
CA LEU B 43 -36.47 8.14 -13.85
C LEU B 43 -35.28 8.38 -14.71
N VAL B 44 -34.58 9.50 -14.52
CA VAL B 44 -33.49 9.91 -15.41
C VAL B 44 -32.19 10.05 -14.63
N PRO B 45 -31.25 9.12 -14.86
CA PRO B 45 -30.14 9.10 -13.90
C PRO B 45 -28.97 9.95 -14.36
N HIS B 46 -28.21 10.45 -13.39
CA HIS B 46 -26.94 11.14 -13.66
C HIS B 46 -25.84 10.48 -12.88
N VAL B 47 -24.98 9.79 -13.61
CA VAL B 47 -24.14 8.80 -13.01
C VAL B 47 -22.69 9.23 -13.05
N ASP B 48 -22.00 9.03 -11.90
CA ASP B 48 -20.51 9.06 -11.82
C ASP B 48 -19.99 7.81 -11.15
N ASN B 49 -19.10 7.07 -11.82
CA ASN B 49 -18.32 6.02 -11.20
C ASN B 49 -16.92 6.53 -10.92
N ILE B 50 -16.60 6.68 -9.64
CA ILE B 50 -15.37 7.32 -9.14
C ILE B 50 -14.21 6.34 -8.75
N GLU B 51 -14.20 5.11 -9.26
CA GLU B 51 -13.06 4.17 -8.99
C GLU B 51 -12.72 4.11 -7.50
N THR B 52 -11.46 4.37 -7.11
CA THR B 52 -11.05 4.39 -5.68
C THR B 52 -11.81 5.55 -4.98
N ALA B 53 -12.63 5.22 -3.98
CA ALA B 53 -13.59 6.16 -3.32
C ALA B 53 -12.90 6.98 -2.23
N ASN B 54 -12.86 8.28 -2.34
CA ASN B 54 -12.19 9.12 -1.34
C ASN B 54 -12.92 10.45 -1.32
N SER B 55 -12.78 11.22 -0.24
CA SER B 55 -13.62 12.39 -0.08
C SER B 55 -13.53 13.42 -1.22
N PHE B 56 -12.37 13.63 -1.81
CA PHE B 56 -12.22 14.56 -2.92
C PHE B 56 -13.11 14.14 -4.09
N ALA B 57 -13.01 12.88 -4.49
CA ALA B 57 -13.74 12.38 -5.64
C ALA B 57 -15.23 12.36 -5.34
N VAL B 58 -15.60 12.03 -4.11
CA VAL B 58 -17.01 11.95 -3.72
C VAL B 58 -17.69 13.33 -3.64
N THR B 59 -16.92 14.37 -3.35
CA THR B 59 -17.49 15.72 -3.35
C THR B 59 -17.69 16.23 -4.77
N ASN B 60 -16.77 15.95 -5.68
CA ASN B 60 -16.93 16.29 -7.10
C ASN B 60 -18.17 15.66 -7.70
N ALA B 61 -18.34 14.35 -7.40
CA ALA B 61 -19.43 13.61 -7.98
C ALA B 61 -20.72 14.14 -7.44
N PHE B 62 -20.82 14.28 -6.13
CA PHE B 62 -21.96 14.90 -5.47
C PHE B 62 -22.32 16.27 -6.03
N CYS B 63 -21.32 17.12 -6.16
CA CYS B 63 -21.58 18.51 -6.55
C CYS B 63 -21.96 18.61 -8.01
N SER B 64 -21.39 17.77 -8.82
CA SER B 64 -21.79 17.66 -10.20
C SER B 64 -23.31 17.23 -10.28
N GLN B 65 -23.73 16.27 -9.47
CA GLN B 65 -25.10 15.77 -9.45
C GLN B 65 -26.10 16.71 -8.80
N TYR B 66 -25.70 17.35 -7.72
CA TYR B 66 -26.48 18.43 -7.11
C TYR B 66 -26.75 19.59 -8.12
N SER B 67 -25.77 19.92 -8.95
CA SER B 67 -25.95 21.01 -9.93
C SER B 67 -26.81 20.62 -11.15
N ARG B 68 -26.96 19.32 -11.42
CA ARG B 68 -27.85 18.87 -12.53
C ARG B 68 -29.35 18.80 -12.16
N GLY B 69 -29.69 19.06 -10.90
CA GLY B 69 -31.09 19.13 -10.47
C GLY B 69 -31.65 17.88 -9.86
N VAL B 70 -30.78 16.95 -9.45
CA VAL B 70 -31.26 15.67 -8.87
C VAL B 70 -32.03 15.91 -7.57
N PHE B 71 -33.08 15.15 -7.34
CA PHE B 71 -33.83 15.26 -6.08
C PHE B 71 -33.31 14.27 -5.04
N ALA B 72 -32.74 13.18 -5.51
CA ALA B 72 -32.13 12.23 -4.61
C ALA B 72 -30.94 11.61 -5.31
N ILE B 73 -30.10 10.95 -4.51
CA ILE B 73 -28.89 10.33 -5.02
C ILE B 73 -28.87 8.90 -4.49
N PHE B 74 -28.89 7.96 -5.41
CA PHE B 74 -28.50 6.62 -5.13
C PHE B 74 -26.98 6.48 -5.15
N GLY B 75 -26.39 6.22 -3.99
CA GLY B 75 -24.96 6.23 -3.86
C GLY B 75 -24.40 5.13 -3.01
N LEU B 76 -23.15 4.82 -3.32
CA LEU B 76 -22.36 3.88 -2.56
C LEU B 76 -21.17 4.63 -1.94
N TYR B 77 -20.64 4.06 -0.87
CA TYR B 77 -19.46 4.64 -0.24
C TYR B 77 -18.68 3.54 0.39
N ASP B 78 -17.52 3.90 0.92
CA ASP B 78 -16.76 3.07 1.86
C ASP B 78 -16.35 4.01 3.02
N LYS B 79 -15.60 3.49 4.00
CA LYS B 79 -15.20 4.21 5.20
C LYS B 79 -14.56 5.59 4.95
N ARG B 80 -13.92 5.72 3.78
CA ARG B 80 -13.19 6.93 3.38
C ARG B 80 -14.11 8.03 2.85
N SER B 81 -15.31 7.67 2.41
CA SER B 81 -16.18 8.64 1.82
C SER B 81 -17.53 8.76 2.49
N VAL B 82 -17.85 7.88 3.44
CA VAL B 82 -19.21 7.81 3.99
C VAL B 82 -19.60 9.13 4.59
N HIS B 83 -18.74 9.69 5.42
CA HIS B 83 -19.08 10.89 6.20
C HIS B 83 -19.18 12.17 5.35
N THR B 84 -18.37 12.31 4.33
CA THR B 84 -18.48 13.44 3.45
C THR B 84 -19.81 13.36 2.71
N LEU B 85 -20.21 12.15 2.29
CA LEU B 85 -21.35 12.05 1.44
C LEU B 85 -22.59 12.21 2.29
N THR B 86 -22.63 11.62 3.48
CA THR B 86 -23.78 11.82 4.35
C THR B 86 -23.88 13.26 4.80
N SER B 87 -22.76 13.90 5.07
CA SER B 87 -22.72 15.26 5.58
C SER B 87 -23.14 16.33 4.59
N PHE B 88 -22.77 16.20 3.33
CA PHE B 88 -23.28 17.08 2.28
C PHE B 88 -24.79 16.89 2.00
N CYS B 89 -25.20 15.63 1.87
CA CYS B 89 -26.62 15.30 1.78
C CYS B 89 -27.48 15.90 2.90
N SER B 90 -27.08 15.75 4.17
CA SER B 90 -27.86 16.30 5.28
C SER B 90 -27.78 17.81 5.39
N ALA B 91 -26.65 18.39 4.99
CA ALA B 91 -26.52 19.85 4.91
C ALA B 91 -27.49 20.47 3.90
N LEU B 92 -27.56 19.86 2.72
CA LEU B 92 -28.22 20.40 1.53
C LEU B 92 -29.64 19.90 1.30
N HIS B 93 -30.08 19.00 2.17
CA HIS B 93 -31.41 18.40 2.10
C HIS B 93 -31.66 17.53 0.81
N ILE B 94 -30.59 16.94 0.25
CA ILE B 94 -30.71 15.91 -0.77
C ILE B 94 -30.65 14.53 -0.07
N SER B 95 -31.57 13.61 -0.32
CA SER B 95 -31.58 12.31 0.37
C SER B 95 -30.61 11.31 -0.32
N LEU B 96 -29.92 10.52 0.50
CA LEU B 96 -29.09 9.41 0.07
C LEU B 96 -29.82 8.07 0.22
N ILE B 97 -29.96 7.36 -0.90
CA ILE B 97 -30.44 5.97 -0.89
C ILE B 97 -29.20 5.15 -1.15
N THR B 98 -28.89 4.19 -0.28
CA THR B 98 -27.61 3.54 -0.30
C THR B 98 -27.70 2.05 0.10
N PRO B 99 -27.05 1.15 -0.68
CA PRO B 99 -26.93 -0.25 -0.31
C PRO B 99 -25.72 -0.49 0.55
N SER B 100 -24.91 0.55 0.81
CA SER B 100 -23.58 0.33 1.40
C SER B 100 -23.72 0.04 2.89
N PHE B 101 -22.57 -0.12 3.57
CA PHE B 101 -22.65 -0.50 4.96
C PHE B 101 -23.42 0.49 5.80
N PRO B 102 -24.23 -0.04 6.73
CA PRO B 102 -24.96 0.84 7.62
C PRO B 102 -24.08 1.42 8.70
N THR B 103 -24.42 2.62 9.14
CA THR B 103 -23.86 3.13 10.39
C THR B 103 -24.94 3.15 11.47
N GLU B 104 -24.49 3.00 12.72
CA GLU B 104 -25.35 3.09 13.91
C GLU B 104 -25.62 4.53 14.33
N GLY B 105 -24.80 5.47 13.85
CA GLY B 105 -24.90 6.89 14.25
C GLY B 105 -24.42 7.86 13.15
N GLU B 106 -25.18 8.90 12.79
CA GLU B 106 -26.54 9.23 13.30
C GLU B 106 -27.32 10.00 12.21
N SER B 107 -28.24 9.28 11.55
CA SER B 107 -28.60 9.60 10.16
C SER B 107 -29.84 10.45 9.94
N GLN B 108 -29.59 11.70 9.54
CA GLN B 108 -30.62 12.53 8.89
C GLN B 108 -30.35 12.52 7.36
N PHE B 109 -31.44 12.38 6.55
CA PHE B 109 -31.38 12.44 5.08
C PHE B 109 -30.69 11.23 4.36
N VAL B 110 -30.46 10.14 5.11
CA VAL B 110 -29.72 8.99 4.66
C VAL B 110 -30.58 7.74 4.91
N LEU B 111 -30.76 6.95 3.84
CA LEU B 111 -31.74 5.86 3.86
C LEU B 111 -30.97 4.55 3.53
N GLN B 112 -30.81 3.70 4.54
CA GLN B 112 -29.86 2.63 4.46
C GLN B 112 -30.60 1.35 4.22
N LEU B 113 -30.65 0.89 2.97
CA LEU B 113 -31.28 -0.34 2.55
C LEU B 113 -30.68 -1.59 3.17
N ARG B 114 -29.38 -1.54 3.52
CA ARG B 114 -28.71 -2.72 4.04
C ARG B 114 -28.93 -2.92 5.54
N PRO B 115 -29.65 -3.99 5.92
CA PRO B 115 -29.89 -4.21 7.34
C PRO B 115 -28.63 -4.63 8.08
N SER B 116 -28.63 -4.41 9.39
CA SER B 116 -27.51 -4.84 10.22
C SER B 116 -27.51 -6.36 10.42
N LEU B 117 -26.32 -6.89 10.61
CA LEU B 117 -26.10 -8.30 10.92
C LEU B 117 -25.89 -8.50 12.44
N ARG B 118 -25.90 -7.41 13.21
CA ARG B 118 -25.59 -7.43 14.65
C ARG B 118 -26.53 -8.36 15.41
N GLY B 119 -27.81 -8.10 15.31
CA GLY B 119 -28.83 -8.88 15.99
C GLY B 119 -28.80 -10.37 15.63
N ALA B 120 -28.77 -10.64 14.33
CA ALA B 120 -28.70 -11.99 13.80
C ALA B 120 -27.49 -12.72 14.35
N LEU B 121 -26.38 -12.02 14.40
CA LEU B 121 -25.11 -12.63 14.75
C LEU B 121 -25.04 -12.99 16.24
N LEU B 122 -25.64 -12.14 17.07
CA LEU B 122 -25.60 -12.33 18.51
C LEU B 122 -26.57 -13.37 19.00
N SER B 123 -27.71 -13.50 18.34
CA SER B 123 -28.67 -14.54 18.70
C SER B 123 -28.15 -15.95 18.35
N LEU B 124 -27.27 -16.04 17.35
CA LEU B 124 -26.68 -17.28 16.88
C LEU B 124 -25.63 -17.77 17.85
N LEU B 125 -24.86 -16.84 18.37
CA LEU B 125 -23.89 -17.18 19.39
C LEU B 125 -24.56 -17.71 20.66
N ASP B 126 -25.71 -17.14 21.04
CA ASP B 126 -26.54 -17.66 22.15
C ASP B 126 -26.99 -19.11 21.90
N HIS B 127 -27.74 -19.34 20.84
CA HIS B 127 -28.18 -20.68 20.43
C HIS B 127 -27.07 -21.76 20.41
N TYR B 128 -25.87 -21.42 19.92
CA TYR B 128 -24.72 -22.36 19.89
C TYR B 128 -23.93 -22.37 21.20
N GLU B 129 -24.21 -21.41 22.08
CA GLU B 129 -23.66 -21.37 23.46
C GLU B 129 -22.16 -21.14 23.43
N TRP B 130 -21.75 -20.17 22.63
CA TRP B 130 -20.34 -19.90 22.40
C TRP B 130 -19.79 -19.04 23.54
N ASN B 131 -18.75 -19.57 24.20
CA ASN B 131 -18.11 -18.93 25.36
C ASN B 131 -16.71 -18.41 25.03
N CYS B 132 -15.87 -19.30 24.52
CA CYS B 132 -14.49 -19.05 24.16
C CYS B 132 -14.46 -19.04 22.63
N PHE B 133 -14.18 -17.89 22.01
CA PHE B 133 -13.93 -17.86 20.56
C PHE B 133 -13.09 -16.71 20.07
N VAL B 134 -12.57 -16.88 18.86
CA VAL B 134 -11.85 -15.87 18.11
C VAL B 134 -12.81 -15.04 17.23
N PHE B 135 -12.67 -13.72 17.26
CA PHE B 135 -13.38 -12.81 16.33
C PHE B 135 -12.35 -12.24 15.40
N LEU B 136 -12.28 -12.76 14.17
CA LEU B 136 -11.41 -12.19 13.12
C LEU B 136 -12.14 -11.11 12.35
N TYR B 137 -11.61 -9.91 12.32
CA TYR B 137 -12.32 -8.81 11.63
C TYR B 137 -11.46 -7.75 10.90
N ASP B 138 -12.16 -6.90 10.16
CA ASP B 138 -11.59 -5.66 9.65
C ASP B 138 -12.56 -4.49 9.93
N THR B 139 -12.04 -3.27 9.79
CA THR B 139 -12.76 -2.03 10.06
C THR B 139 -13.50 -1.47 8.84
N ASP B 140 -13.54 -2.20 7.73
CA ASP B 140 -14.07 -1.69 6.46
C ASP B 140 -15.55 -1.32 6.48
N ARG B 141 -16.34 -1.88 7.41
CA ARG B 141 -17.76 -1.54 7.57
C ARG B 141 -18.05 -0.96 8.97
N GLY B 142 -17.03 -0.32 9.55
CA GLY B 142 -17.16 0.27 10.87
C GLY B 142 -16.90 -0.72 11.98
N TYR B 143 -17.15 -0.24 13.19
CA TYR B 143 -16.85 -0.96 14.42
C TYR B 143 -18.09 -1.45 15.13
N SER B 144 -19.26 -1.37 14.50
CA SER B 144 -20.47 -1.71 15.21
C SER B 144 -20.53 -3.17 15.69
N ILE B 145 -20.09 -4.09 14.84
CA ILE B 145 -20.10 -5.51 15.19
C ILE B 145 -19.15 -5.76 16.36
N LEU B 146 -17.91 -5.29 16.20
CA LEU B 146 -16.88 -5.50 17.19
C LEU B 146 -17.27 -5.00 18.57
N GLN B 147 -17.94 -3.86 18.63
CA GLN B 147 -18.36 -3.32 19.91
C GLN B 147 -19.46 -4.20 20.52
N ALA B 148 -20.46 -4.55 19.70
CA ALA B 148 -21.54 -5.47 20.12
C ALA B 148 -20.99 -6.77 20.76
N ILE B 149 -19.99 -7.33 20.12
CA ILE B 149 -19.35 -8.54 20.58
C ILE B 149 -18.54 -8.38 21.85
N MET B 150 -17.62 -7.41 21.87
CA MET B 150 -16.81 -7.20 23.07
C MET B 150 -17.66 -6.69 24.26
N GLU B 151 -18.76 -5.98 24.00
CA GLU B 151 -19.67 -5.66 25.11
C GLU B 151 -20.42 -6.91 25.60
N LYS B 152 -20.98 -7.75 24.71
CA LYS B 152 -21.63 -9.01 25.09
C LYS B 152 -20.65 -10.02 25.70
N ALA B 153 -19.37 -9.92 25.41
CA ALA B 153 -18.35 -10.70 26.12
C ALA B 153 -18.24 -10.23 27.57
N GLY B 154 -18.14 -8.92 27.76
CA GLY B 154 -18.13 -8.33 29.10
C GLY B 154 -19.43 -8.51 29.89
N GLN B 155 -20.56 -8.27 29.23
CA GLN B 155 -21.89 -8.44 29.82
C GLN B 155 -22.13 -9.85 30.32
N ASN B 156 -21.79 -10.86 29.50
CA ASN B 156 -22.05 -12.28 29.81
C ASN B 156 -20.78 -13.11 30.12
N GLY B 157 -19.69 -12.45 30.52
CA GLY B 157 -18.49 -13.13 31.03
C GLY B 157 -17.71 -14.09 30.12
N TRP B 158 -17.85 -13.94 28.80
CA TRP B 158 -17.15 -14.78 27.81
C TRP B 158 -15.65 -14.49 27.74
N HIS B 159 -14.98 -15.21 26.84
CA HIS B 159 -13.59 -15.00 26.48
C HIS B 159 -13.52 -14.82 24.94
N VAL B 160 -12.84 -13.76 24.51
CA VAL B 160 -12.74 -13.41 23.09
C VAL B 160 -11.31 -13.06 22.70
N SER B 161 -10.82 -13.72 21.65
CA SER B 161 -9.58 -13.33 20.98
C SER B 161 -10.00 -12.48 19.77
N ALA B 162 -9.89 -11.15 19.90
CA ALA B 162 -10.38 -10.21 18.87
C ALA B 162 -9.19 -9.62 18.15
N ILE B 163 -9.00 -10.03 16.88
CA ILE B 163 -7.87 -9.52 16.10
C ILE B 163 -8.30 -8.80 14.80
N CYS B 164 -7.83 -7.56 14.61
CA CYS B 164 -8.06 -6.85 13.36
C CYS B 164 -7.06 -7.34 12.32
N VAL B 165 -7.57 -8.12 11.38
CA VAL B 165 -6.80 -8.71 10.28
C VAL B 165 -6.55 -7.78 9.09
N GLU B 166 -6.81 -6.48 9.22
CA GLU B 166 -6.49 -5.51 8.18
C GLU B 166 -4.96 -5.38 8.11
N ASN B 167 -4.46 -5.34 6.88
CA ASN B 167 -2.98 -5.30 6.62
C ASN B 167 -2.21 -6.59 6.95
N PHE B 168 -2.90 -7.74 6.92
CA PHE B 168 -2.25 -9.05 7.07
C PHE B 168 -1.89 -9.60 5.71
N ASN B 169 -0.62 -9.99 5.55
CA ASN B 169 -0.20 -10.83 4.43
C ASN B 169 -0.55 -12.29 4.71
N ASP B 170 -0.29 -13.15 3.74
CA ASP B 170 -0.77 -14.53 3.81
C ASP B 170 -0.02 -15.40 4.84
N VAL B 171 1.27 -15.17 5.07
CA VAL B 171 1.95 -15.95 6.15
C VAL B 171 1.36 -15.60 7.53
N SER B 172 1.20 -14.31 7.82
CA SER B 172 0.56 -13.78 9.06
C SER B 172 -0.74 -14.48 9.45
N TYR B 173 -1.54 -14.81 8.44
CA TYR B 173 -2.70 -15.65 8.65
C TYR B 173 -2.27 -17.06 9.08
N ARG B 174 -1.36 -17.70 8.35
CA ARG B 174 -0.86 -19.04 8.72
C ARG B 174 -0.16 -18.99 10.10
N GLN B 175 0.75 -18.04 10.25
CA GLN B 175 1.38 -17.78 11.53
C GLN B 175 0.33 -17.60 12.65
N LEU B 176 -0.70 -16.79 12.41
CA LEU B 176 -1.76 -16.61 13.41
C LEU B 176 -2.54 -17.90 13.63
N LEU B 177 -2.96 -18.55 12.54
CA LEU B 177 -3.68 -19.82 12.66
C LEU B 177 -2.84 -20.91 13.35
N GLU B 178 -1.51 -20.85 13.18
CA GLU B 178 -0.59 -21.74 13.93
C GLU B 178 -0.66 -21.39 15.42
N GLU B 179 -0.50 -20.12 15.77
CA GLU B 179 -0.58 -19.73 17.18
C GLU B 179 -1.95 -20.07 17.84
N LEU B 180 -3.03 -19.95 17.09
CA LEU B 180 -4.35 -20.34 17.59
C LEU B 180 -4.56 -21.87 17.62
N ASP B 181 -3.83 -22.60 16.77
CA ASP B 181 -3.72 -24.08 16.83
C ASP B 181 -3.22 -24.49 18.23
N ARG B 182 -2.05 -23.95 18.61
CA ARG B 182 -1.43 -24.29 19.89
C ARG B 182 -2.31 -23.89 21.10
N ARG B 183 -3.18 -22.88 20.98
CA ARG B 183 -4.08 -22.54 22.11
C ARG B 183 -5.38 -23.38 22.13
N GLN B 184 -5.49 -24.40 21.26
CA GLN B 184 -6.73 -25.24 21.10
C GLN B 184 -8.01 -24.42 20.75
N GLU B 185 -7.81 -23.37 19.92
CA GLU B 185 -8.87 -22.42 19.48
C GLU B 185 -9.52 -22.95 18.19
N LYS B 186 -10.80 -23.31 18.34
CA LYS B 186 -11.57 -24.07 17.36
C LYS B 186 -12.76 -23.29 16.75
N LYS B 187 -13.25 -22.30 17.49
CA LYS B 187 -14.49 -21.60 17.19
C LYS B 187 -14.17 -20.13 16.81
N PHE B 188 -14.78 -19.67 15.73
CA PHE B 188 -14.46 -18.42 15.10
C PHE B 188 -15.73 -17.73 14.62
N VAL B 189 -15.74 -16.42 14.78
CA VAL B 189 -16.59 -15.53 14.02
C VAL B 189 -15.66 -14.75 13.10
N ILE B 190 -15.94 -14.76 11.79
CA ILE B 190 -15.21 -13.91 10.85
C ILE B 190 -16.15 -12.86 10.27
N ASP B 191 -15.70 -11.61 10.32
CA ASP B 191 -16.46 -10.43 9.85
C ASP B 191 -15.55 -9.52 9.02
N CYS B 192 -15.48 -9.81 7.71
CA CYS B 192 -14.56 -9.14 6.80
C CYS B 192 -15.22 -8.80 5.45
N GLU B 193 -14.68 -7.81 4.76
CA GLU B 193 -15.00 -7.55 3.36
C GLU B 193 -14.69 -8.76 2.53
N ILE B 194 -15.51 -8.97 1.51
CA ILE B 194 -15.58 -10.26 0.78
C ILE B 194 -14.25 -10.75 0.24
N GLU B 195 -13.45 -9.85 -0.31
CA GLU B 195 -12.18 -10.30 -0.88
C GLU B 195 -11.29 -10.86 0.24
N ARG B 196 -11.30 -10.22 1.41
CA ARG B 196 -10.51 -10.68 2.55
C ARG B 196 -11.03 -12.00 3.13
N LEU B 197 -12.37 -12.15 3.13
CA LEU B 197 -12.97 -13.41 3.57
C LEU B 197 -12.50 -14.58 2.73
N GLN B 198 -12.63 -14.47 1.41
CA GLN B 198 -12.19 -15.54 0.54
C GLN B 198 -10.73 -15.94 0.84
N ASN B 199 -9.87 -14.94 1.05
CA ASN B 199 -8.47 -15.21 1.34
C ASN B 199 -8.27 -15.99 2.65
N ILE B 200 -9.01 -15.60 3.69
CA ILE B 200 -8.88 -16.24 4.99
C ILE B 200 -9.33 -17.67 4.85
N LEU B 201 -10.41 -17.87 4.10
CA LEU B 201 -10.94 -19.19 3.87
C LEU B 201 -9.93 -20.08 3.13
N GLU B 202 -9.22 -19.52 2.15
CA GLU B 202 -8.08 -20.23 1.56
C GLU B 202 -7.03 -20.54 2.61
N GLN B 203 -6.65 -19.55 3.40
CA GLN B 203 -5.63 -19.81 4.43
C GLN B 203 -6.05 -20.86 5.46
N ILE B 204 -7.28 -20.81 5.97
CA ILE B 204 -7.82 -21.86 6.85
C ILE B 204 -7.60 -23.25 6.24
N VAL B 205 -7.89 -23.36 4.95
CA VAL B 205 -7.71 -24.61 4.18
C VAL B 205 -6.24 -25.10 4.14
N SER B 206 -5.34 -24.23 3.73
CA SER B 206 -3.90 -24.56 3.71
C SER B 206 -3.45 -25.18 5.02
N VAL B 207 -3.84 -24.55 6.13
CA VAL B 207 -3.49 -25.01 7.46
C VAL B 207 -4.16 -26.36 7.84
N GLY B 208 -5.26 -26.72 7.20
CA GLY B 208 -5.98 -27.96 7.51
C GLY B 208 -6.96 -27.80 8.66
N LYS B 209 -7.51 -26.59 8.81
CA LYS B 209 -8.43 -26.25 9.90
C LYS B 209 -9.90 -26.16 9.40
N HIS B 210 -10.18 -26.82 8.27
CA HIS B 210 -11.50 -26.85 7.60
C HIS B 210 -12.26 -28.20 7.81
N VAL B 211 -12.01 -28.85 8.96
CA VAL B 211 -12.45 -30.23 9.25
C VAL B 211 -13.26 -30.32 10.54
N LYS B 212 -13.89 -31.48 10.79
CA LYS B 212 -14.63 -31.74 12.04
C LYS B 212 -13.89 -31.24 13.30
N GLY B 213 -14.59 -30.50 14.16
CA GLY B 213 -14.00 -29.89 15.36
C GLY B 213 -14.03 -28.38 15.27
N TYR B 214 -13.71 -27.87 14.07
CA TYR B 214 -13.59 -26.44 13.82
C TYR B 214 -14.96 -25.84 13.48
N HIS B 215 -15.25 -24.63 13.98
CA HIS B 215 -16.53 -23.94 13.73
C HIS B 215 -16.30 -22.50 13.23
N TYR B 216 -17.03 -22.10 12.19
CA TYR B 216 -16.91 -20.74 11.61
C TYR B 216 -18.32 -20.12 11.44
N ILE B 217 -18.55 -18.98 12.08
CA ILE B 217 -19.75 -18.18 11.78
C ILE B 217 -19.28 -17.04 10.88
N ILE B 218 -19.82 -16.98 9.67
CA ILE B 218 -19.43 -15.97 8.67
C ILE B 218 -20.45 -14.81 8.65
N ALA B 219 -20.03 -13.65 9.16
CA ALA B 219 -20.85 -12.42 9.12
C ALA B 219 -20.76 -11.81 7.73
N ASN B 220 -21.63 -12.34 6.87
CA ASN B 220 -21.85 -11.85 5.51
C ASN B 220 -23.32 -12.11 5.19
N LEU B 221 -23.89 -11.32 4.28
CA LEU B 221 -25.32 -11.43 3.92
C LEU B 221 -25.60 -12.27 2.68
N GLY B 222 -24.56 -12.92 2.15
CA GLY B 222 -24.70 -13.77 0.95
C GLY B 222 -23.92 -15.05 1.14
N PHE B 223 -24.38 -15.86 2.08
CA PHE B 223 -23.72 -17.11 2.40
C PHE B 223 -23.62 -18.03 1.20
N LYS B 224 -24.66 -17.96 0.37
CA LYS B 224 -24.79 -18.81 -0.82
C LYS B 224 -23.77 -18.53 -1.92
N ASP B 225 -23.22 -17.31 -1.92
CA ASP B 225 -22.30 -16.88 -2.99
C ASP B 225 -20.82 -17.18 -2.62
N ILE B 226 -20.60 -17.74 -1.42
CA ILE B 226 -19.28 -18.06 -0.95
C ILE B 226 -18.96 -19.49 -1.43
N SER B 227 -17.85 -19.65 -2.14
CA SER B 227 -17.44 -20.95 -2.68
C SER B 227 -16.76 -21.72 -1.54
N LEU B 228 -17.45 -22.77 -1.09
CA LEU B 228 -17.13 -23.46 0.16
C LEU B 228 -16.88 -24.98 -0.05
N GLU B 229 -16.31 -25.33 -1.20
CA GLU B 229 -16.15 -26.73 -1.61
C GLU B 229 -15.26 -27.49 -0.67
N ARG B 230 -14.12 -26.93 -0.31
CA ARG B 230 -13.19 -27.71 0.50
C ARG B 230 -13.66 -27.89 1.95
N PHE B 231 -14.46 -26.95 2.45
CA PHE B 231 -15.08 -27.08 3.78
C PHE B 231 -16.26 -28.05 3.77
N ILE B 232 -16.99 -28.13 2.65
CA ILE B 232 -18.01 -29.19 2.48
C ILE B 232 -17.41 -30.59 2.73
N HIS B 233 -16.28 -30.84 2.06
CA HIS B 233 -15.57 -32.12 2.09
C HIS B 233 -14.86 -32.36 3.41
N GLY B 234 -14.17 -31.32 3.88
CA GLY B 234 -13.40 -31.41 5.11
C GLY B 234 -14.22 -31.65 6.36
N GLY B 235 -15.41 -31.07 6.42
CA GLY B 235 -16.33 -31.28 7.55
C GLY B 235 -16.27 -30.34 8.75
N ALA B 236 -15.62 -29.16 8.61
CA ALA B 236 -15.81 -28.11 9.62
C ALA B 236 -17.25 -27.58 9.52
N ASN B 237 -17.82 -27.20 10.65
CA ASN B 237 -19.19 -26.75 10.73
C ASN B 237 -19.10 -25.23 10.42
N VAL B 238 -19.93 -24.72 9.50
CA VAL B 238 -19.81 -23.34 8.95
C VAL B 238 -21.24 -22.83 8.80
N THR B 239 -21.48 -21.61 9.25
CA THR B 239 -22.82 -21.07 9.39
C THR B 239 -22.81 -19.68 8.84
N GLY B 240 -23.89 -19.27 8.19
CA GLY B 240 -23.97 -17.91 7.71
C GLY B 240 -25.38 -17.40 7.45
N PHE B 241 -25.46 -16.30 6.71
CA PHE B 241 -26.73 -15.64 6.51
C PHE B 241 -26.95 -15.37 5.04
N GLN B 242 -28.21 -15.21 4.67
CA GLN B 242 -28.63 -15.08 3.29
C GLN B 242 -29.87 -14.25 3.25
N LEU B 243 -29.70 -12.98 2.87
CA LEU B 243 -30.80 -11.98 2.82
C LEU B 243 -31.82 -12.25 1.73
N VAL B 244 -31.32 -12.49 0.54
CA VAL B 244 -32.14 -12.65 -0.66
C VAL B 244 -32.62 -14.07 -0.79
N ASP B 245 -33.94 -14.30 -0.68
CA ASP B 245 -34.54 -15.66 -0.69
C ASP B 245 -35.03 -15.91 -2.11
N PHE B 246 -34.24 -16.73 -2.83
CA PHE B 246 -34.43 -16.98 -4.26
C PHE B 246 -35.73 -17.70 -4.65
N ASN B 247 -36.36 -18.36 -3.68
CA ASN B 247 -37.58 -19.13 -3.99
C ASN B 247 -38.90 -18.42 -3.84
N THR B 248 -38.85 -17.13 -3.55
CA THR B 248 -40.05 -16.32 -3.64
C THR B 248 -40.37 -15.95 -5.12
N PRO B 249 -41.67 -15.83 -5.48
CA PRO B 249 -41.97 -15.51 -6.89
C PRO B 249 -41.56 -14.14 -7.37
N MET B 250 -41.35 -13.18 -6.46
CA MET B 250 -40.81 -11.88 -6.88
C MET B 250 -39.37 -11.98 -7.37
N VAL B 251 -38.52 -12.69 -6.61
CA VAL B 251 -37.13 -12.95 -7.01
C VAL B 251 -37.10 -13.83 -8.26
N THR B 252 -37.88 -14.89 -8.26
CA THR B 252 -37.95 -15.75 -9.44
C THR B 252 -38.30 -15.00 -10.71
N LYS B 253 -39.29 -14.11 -10.65
CA LYS B 253 -39.70 -13.29 -11.81
C LYS B 253 -38.49 -12.50 -12.34
N LEU B 254 -37.85 -11.73 -11.46
CA LEU B 254 -36.59 -11.08 -11.77
C LEU B 254 -35.55 -12.01 -12.39
N MET B 255 -35.35 -13.17 -11.78
CA MET B 255 -34.36 -14.13 -12.29
C MET B 255 -34.68 -14.62 -13.69
N ASP B 256 -35.95 -14.71 -14.04
CA ASP B 256 -36.31 -15.09 -15.41
C ASP B 256 -35.75 -14.02 -16.38
N ARG B 257 -35.87 -12.75 -16.02
CA ARG B 257 -35.28 -11.67 -16.84
C ARG B 257 -33.75 -11.69 -16.82
N TRP B 258 -33.19 -11.88 -15.61
CA TRP B 258 -31.78 -11.71 -15.34
C TRP B 258 -30.99 -12.69 -16.17
N LYS B 259 -31.51 -13.93 -16.24
CA LYS B 259 -30.97 -15.03 -17.05
C LYS B 259 -30.91 -14.81 -18.56
N LYS B 260 -31.73 -13.90 -19.04
CA LYS B 260 -31.84 -13.63 -20.48
C LYS B 260 -31.15 -12.34 -20.90
N LEU B 261 -30.46 -11.71 -19.96
CA LEU B 261 -29.86 -10.42 -20.23
C LEU B 261 -28.60 -10.69 -21.06
N ASP B 262 -28.28 -9.76 -21.95
CA ASP B 262 -27.11 -9.82 -22.76
C ASP B 262 -25.92 -9.40 -21.92
N GLN B 263 -24.95 -10.31 -21.82
CA GLN B 263 -23.80 -10.14 -20.94
C GLN B 263 -22.89 -8.92 -21.22
N ARG B 264 -22.94 -8.39 -22.43
CA ARG B 264 -22.14 -7.27 -22.87
C ARG B 264 -22.79 -5.93 -22.52
N GLU B 265 -24.12 -5.86 -22.60
CA GLU B 265 -24.92 -4.75 -22.03
C GLU B 265 -24.87 -4.72 -20.51
N TYR B 266 -25.03 -5.88 -19.89
CA TYR B 266 -25.21 -6.01 -18.44
C TYR B 266 -24.20 -6.92 -17.84
N PRO B 267 -22.96 -6.41 -17.63
CA PRO B 267 -21.90 -7.30 -17.11
C PRO B 267 -22.19 -7.57 -15.67
N GLY B 268 -21.89 -8.78 -15.22
CA GLY B 268 -22.31 -9.25 -13.92
C GLY B 268 -23.57 -10.08 -13.92
N SER B 269 -24.36 -10.01 -15.00
CA SER B 269 -25.65 -10.76 -15.10
C SER B 269 -25.45 -12.27 -15.39
N GLU B 270 -24.22 -12.63 -15.76
CA GLU B 270 -23.79 -14.03 -15.91
C GLU B 270 -23.80 -14.90 -14.63
N THR B 271 -23.80 -14.25 -13.47
CA THR B 271 -23.89 -14.91 -12.17
C THR B 271 -25.11 -14.32 -11.52
N PRO B 272 -25.63 -14.96 -10.48
CA PRO B 272 -26.82 -14.38 -9.84
C PRO B 272 -26.49 -13.17 -8.99
N PRO B 273 -27.51 -12.35 -8.63
CA PRO B 273 -27.32 -11.08 -7.92
C PRO B 273 -26.82 -11.21 -6.53
N LYS B 274 -25.77 -10.49 -6.20
CA LYS B 274 -25.26 -10.51 -4.85
C LYS B 274 -26.20 -9.66 -4.03
N TYR B 275 -26.09 -9.77 -2.71
CA TYR B 275 -27.01 -9.06 -1.85
C TYR B 275 -27.00 -7.55 -2.16
N THR B 276 -25.84 -7.01 -2.54
CA THR B 276 -25.70 -5.59 -2.83
C THR B 276 -26.37 -5.20 -4.13
N SER B 277 -26.26 -6.03 -5.15
CA SER B 277 -27.01 -5.84 -6.37
C SER B 277 -28.53 -5.88 -6.11
N ALA B 278 -28.96 -6.81 -5.26
CA ALA B 278 -30.36 -6.92 -4.96
C ALA B 278 -30.85 -5.69 -4.16
N LEU B 279 -29.99 -5.15 -3.31
CA LEU B 279 -30.33 -3.93 -2.56
C LEU B 279 -30.43 -2.75 -3.50
N THR B 280 -29.61 -2.77 -4.53
CA THR B 280 -29.53 -1.69 -5.48
C THR B 280 -30.77 -1.60 -6.31
N TYR B 281 -31.31 -2.74 -6.70
CA TYR B 281 -32.60 -2.77 -7.42
C TYR B 281 -33.71 -2.32 -6.46
N ASP B 282 -33.65 -2.78 -5.21
CA ASP B 282 -34.62 -2.37 -4.22
C ASP B 282 -34.58 -0.85 -4.00
N GLY B 283 -33.39 -0.24 -4.11
CA GLY B 283 -33.23 1.17 -3.97
C GLY B 283 -33.98 1.97 -5.00
N VAL B 284 -33.87 1.55 -6.25
CA VAL B 284 -34.65 2.08 -7.35
C VAL B 284 -36.19 1.94 -7.09
N LEU B 285 -36.62 0.83 -6.49
CA LEU B 285 -38.07 0.63 -6.20
C LEU B 285 -38.55 1.49 -5.07
N VAL B 286 -37.69 1.72 -4.08
CA VAL B 286 -37.95 2.72 -3.03
C VAL B 286 -38.00 4.15 -3.57
N MET B 287 -37.12 4.52 -4.50
CA MET B 287 -37.14 5.88 -5.05
C MET B 287 -38.41 6.04 -5.87
N ALA B 288 -38.78 5.05 -6.66
CA ALA B 288 -40.06 5.06 -7.39
C ALA B 288 -41.29 5.18 -6.49
N GLU B 289 -41.38 4.36 -5.45
CA GLU B 289 -42.54 4.39 -4.55
C GLU B 289 -42.66 5.79 -3.91
N THR B 290 -41.54 6.33 -3.44
CA THR B 290 -41.50 7.66 -2.86
C THR B 290 -41.94 8.82 -3.73
N PHE B 291 -41.49 8.87 -4.99
CA PHE B 291 -42.00 9.89 -5.93
C PHE B 291 -43.52 9.64 -6.16
N ARG B 292 -43.93 8.38 -6.34
CA ARG B 292 -45.34 8.02 -6.52
C ARG B 292 -46.18 8.60 -5.37
N SER B 293 -45.79 8.34 -4.12
CA SER B 293 -46.52 8.82 -2.94
C SER B 293 -46.50 10.34 -2.77
N LEU B 294 -45.43 11.00 -3.20
CA LEU B 294 -45.39 12.46 -3.18
C LEU B 294 -46.42 13.07 -4.13
N ARG B 295 -46.59 12.44 -5.30
CA ARG B 295 -47.61 12.89 -6.25
C ARG B 295 -49.05 12.64 -5.78
N ARG B 296 -49.28 11.49 -5.14
CA ARG B 296 -50.56 11.18 -4.48
C ARG B 296 -50.84 12.19 -3.33
N GLN B 297 -49.78 12.64 -2.65
CA GLN B 297 -49.84 13.69 -1.62
C GLN B 297 -50.04 15.06 -2.19
N LYS B 298 -49.79 15.25 -3.49
CA LYS B 298 -50.11 16.48 -4.20
C LYS B 298 -49.04 17.51 -3.76
N ILE B 299 -47.77 17.21 -4.07
CA ILE B 299 -46.61 18.09 -3.83
C ILE B 299 -45.79 18.15 -5.14
N ASP B 300 -45.74 19.32 -5.77
CA ASP B 300 -45.11 19.46 -7.09
C ASP B 300 -43.61 19.77 -6.89
N ILE B 301 -42.83 18.80 -6.40
CA ILE B 301 -41.42 19.06 -6.09
C ILE B 301 -40.67 19.48 -7.37
N SER B 302 -39.83 20.51 -7.18
CA SER B 302 -38.91 21.01 -8.20
C SER B 302 -37.65 21.61 -7.58
N ARG B 303 -36.62 21.72 -8.41
CA ARG B 303 -35.42 22.43 -8.03
C ARG B 303 -35.06 23.50 -9.06
N ARG B 304 -36.10 24.24 -9.47
CA ARG B 304 -35.94 25.62 -10.02
C ARG B 304 -36.20 26.73 -8.96
N GLY B 305 -35.58 27.90 -9.06
CA GLY B 305 -34.31 28.15 -9.70
C GLY B 305 -33.32 28.26 -8.56
N ASN B 306 -33.24 27.21 -7.74
CA ASN B 306 -32.21 27.12 -6.69
C ASN B 306 -30.81 27.08 -7.36
N ALA B 307 -29.81 27.70 -6.74
CA ALA B 307 -28.49 27.90 -7.38
C ALA B 307 -27.79 26.63 -7.89
N GLY B 308 -27.89 25.51 -7.16
CA GLY B 308 -27.14 24.31 -7.52
C GLY B 308 -25.60 24.38 -7.45
N ASP B 309 -25.02 25.31 -6.68
CA ASP B 309 -23.57 25.27 -6.26
C ASP B 309 -23.50 24.73 -4.83
N CYS B 310 -22.91 23.54 -4.65
CA CYS B 310 -22.80 22.87 -3.34
C CYS B 310 -21.97 23.60 -2.28
N LEU B 311 -20.98 24.40 -2.69
CA LEU B 311 -20.19 25.26 -1.77
C LEU B 311 -20.70 26.70 -1.61
N ALA B 312 -21.98 26.90 -1.78
CA ALA B 312 -22.56 28.25 -1.69
C ALA B 312 -22.65 28.69 -0.22
N ASN B 313 -22.10 29.88 0.08
CA ASN B 313 -22.19 30.52 1.40
C ASN B 313 -23.03 31.79 1.26
N PRO B 314 -24.12 31.94 2.02
CA PRO B 314 -24.63 30.96 3.00
C PRO B 314 -25.15 29.65 2.38
N ALA B 315 -25.07 28.54 3.12
CA ALA B 315 -25.66 27.23 2.71
C ALA B 315 -27.16 27.38 2.47
N ALA B 316 -27.64 26.87 1.33
CA ALA B 316 -29.06 27.00 0.91
C ALA B 316 -29.71 25.62 0.77
N PRO B 317 -30.23 25.10 1.90
CA PRO B 317 -30.84 23.77 1.85
C PRO B 317 -32.09 23.75 1.02
N TRP B 318 -32.37 22.60 0.42
CA TRP B 318 -33.60 22.40 -0.31
C TRP B 318 -34.82 22.33 0.67
N GLY B 319 -35.72 23.33 0.56
CA GLY B 319 -36.96 23.42 1.38
C GLY B 319 -37.88 22.21 1.32
N GLN B 320 -38.03 21.64 0.13
CA GLN B 320 -38.85 20.43 -0.03
C GLN B 320 -38.14 19.10 0.27
N GLY B 321 -36.82 19.18 0.51
CA GLY B 321 -36.05 18.04 0.98
C GLY B 321 -36.61 17.34 2.21
N ILE B 322 -37.23 18.14 3.08
CA ILE B 322 -37.87 17.66 4.31
C ILE B 322 -39.03 16.66 3.99
N ASP B 323 -39.85 16.99 2.99
CA ASP B 323 -40.98 16.11 2.62
C ASP B 323 -40.49 14.87 1.87
N MET B 324 -39.53 15.06 0.97
CA MET B 324 -38.83 13.93 0.35
C MET B 324 -38.35 12.91 1.40
N GLU B 325 -37.62 13.42 2.38
CA GLU B 325 -37.07 12.59 3.47
C GLU B 325 -38.17 11.87 4.24
N ARG B 326 -39.18 12.62 4.70
CA ARG B 326 -40.28 12.09 5.53
C ARG B 326 -41.04 10.97 4.82
N THR B 327 -41.29 11.15 3.51
CA THR B 327 -41.94 10.11 2.71
C THR B 327 -41.09 8.84 2.49
N LEU B 328 -39.80 9.02 2.16
CA LEU B 328 -38.80 7.94 2.04
C LEU B 328 -38.81 7.02 3.22
N LYS B 329 -38.78 7.61 4.41
CA LYS B 329 -38.77 6.86 5.68
C LYS B 329 -40.08 6.18 6.05
N GLN B 330 -41.19 6.54 5.40
CA GLN B 330 -42.51 5.89 5.59
C GLN B 330 -42.80 4.79 4.54
N VAL B 331 -41.91 4.62 3.56
CA VAL B 331 -42.06 3.65 2.46
C VAL B 331 -42.19 2.24 3.06
N ARG B 332 -43.02 1.41 2.43
CA ARG B 332 -43.21 0.01 2.80
C ARG B 332 -43.62 -0.77 1.57
N ILE B 333 -42.68 -1.51 0.99
CA ILE B 333 -42.89 -2.26 -0.26
C ILE B 333 -42.11 -3.59 -0.27
N GLN B 334 -42.43 -4.51 -1.18
CA GLN B 334 -41.66 -5.78 -1.31
C GLN B 334 -40.59 -5.68 -2.39
N GLY B 335 -39.48 -6.32 -2.12
CA GLY B 335 -38.31 -6.21 -2.98
C GLY B 335 -37.62 -7.55 -2.95
N LEU B 336 -36.54 -7.65 -3.70
CA LEU B 336 -35.77 -8.88 -3.78
C LEU B 336 -35.21 -9.27 -2.41
N THR B 337 -34.95 -8.27 -1.57
CA THR B 337 -34.58 -8.51 -0.18
C THR B 337 -35.81 -8.57 0.75
N GLY B 338 -36.99 -8.89 0.24
CA GLY B 338 -38.12 -9.16 1.09
C GLY B 338 -38.84 -7.89 1.45
N ASN B 339 -39.44 -7.80 2.63
CA ASN B 339 -40.15 -6.56 2.97
C ASN B 339 -39.17 -5.43 3.26
N VAL B 340 -39.41 -4.29 2.63
CA VAL B 340 -38.49 -3.16 2.72
C VAL B 340 -39.19 -2.03 3.48
N GLN B 341 -38.80 -1.77 4.73
CA GLN B 341 -39.23 -0.52 5.37
C GLN B 341 -38.22 -0.08 6.40
N PHE B 342 -38.39 1.15 6.86
CA PHE B 342 -37.42 1.79 7.75
C PHE B 342 -38.07 2.53 8.91
N ASP B 343 -37.20 2.88 9.84
CA ASP B 343 -37.55 3.63 11.02
C ASP B 343 -37.19 5.10 10.81
N HIS B 344 -37.49 5.93 11.83
CA HIS B 344 -37.33 7.38 11.76
C HIS B 344 -35.86 7.81 11.51
N TYR B 345 -34.92 7.01 12.00
CA TYR B 345 -33.48 7.25 11.77
C TYR B 345 -32.96 6.67 10.41
N GLY B 346 -33.86 6.08 9.59
CA GLY B 346 -33.58 5.63 8.22
C GLY B 346 -33.09 4.20 8.02
N ARG B 347 -32.94 3.46 9.11
CA ARG B 347 -32.38 2.09 9.10
C ARG B 347 -33.48 1.08 8.89
N ARG B 348 -33.12 -0.07 8.32
CA ARG B 348 -34.08 -1.09 7.92
C ARG B 348 -34.72 -1.67 9.12
N VAL B 349 -36.02 -1.89 9.05
CA VAL B 349 -36.77 -2.43 10.15
C VAL B 349 -37.81 -3.38 9.57
N ASN B 350 -38.21 -4.35 10.38
CA ASN B 350 -39.10 -5.43 10.00
C ASN B 350 -38.66 -6.13 8.74
N TYR B 351 -37.40 -6.58 8.81
CA TYR B 351 -36.70 -7.26 7.74
C TYR B 351 -36.38 -8.67 8.27
N THR B 352 -35.97 -9.54 7.36
CA THR B 352 -35.73 -10.93 7.69
C THR B 352 -34.65 -11.51 6.78
N MET B 353 -34.05 -12.60 7.21
CA MET B 353 -32.94 -13.20 6.48
C MET B 353 -32.77 -14.66 6.89
N ASP B 354 -32.36 -15.50 5.95
CA ASP B 354 -32.24 -16.91 6.25
C ASP B 354 -30.92 -17.25 6.91
N VAL B 355 -30.96 -18.27 7.76
CA VAL B 355 -29.80 -18.86 8.40
C VAL B 355 -29.51 -20.14 7.64
N PHE B 356 -28.25 -20.33 7.28
CA PHE B 356 -27.81 -21.44 6.44
C PHE B 356 -26.68 -22.15 7.14
N GLU B 357 -26.72 -23.49 7.16
CA GLU B 357 -25.68 -24.30 7.79
C GLU B 357 -25.05 -25.14 6.70
N LEU B 358 -23.73 -25.33 6.76
CA LEU B 358 -23.01 -26.15 5.79
C LEU B 358 -23.06 -27.61 6.23
N LYS B 359 -23.68 -28.45 5.41
CA LYS B 359 -23.70 -29.93 5.60
C LYS B 359 -23.12 -30.59 4.33
N SER B 360 -22.98 -31.91 4.34
CA SER B 360 -22.41 -32.68 3.20
C SER B 360 -23.18 -32.55 1.85
N THR B 361 -24.50 -32.36 1.96
CA THR B 361 -25.35 -32.01 0.81
C THR B 361 -25.09 -30.60 0.23
N GLY B 362 -24.39 -29.75 0.98
CA GLY B 362 -24.18 -28.34 0.65
C GLY B 362 -24.92 -27.45 1.64
N PRO B 363 -24.94 -26.13 1.41
CA PRO B 363 -25.57 -25.20 2.36
C PRO B 363 -27.09 -25.34 2.49
N ARG B 364 -27.55 -25.68 3.69
CA ARG B 364 -28.97 -25.91 3.89
C ARG B 364 -29.53 -24.94 4.91
N LYS B 365 -30.65 -24.33 4.57
CA LYS B 365 -31.44 -23.53 5.50
C LYS B 365 -31.94 -24.28 6.76
N VAL B 366 -31.34 -23.97 7.92
CA VAL B 366 -31.76 -24.45 9.25
C VAL B 366 -32.67 -23.48 10.02
N GLY B 367 -33.15 -22.40 9.36
CA GLY B 367 -34.01 -21.38 10.01
C GLY B 367 -34.11 -19.99 9.34
N TYR B 368 -34.58 -19.00 10.08
CA TYR B 368 -34.48 -17.62 9.64
C TYR B 368 -34.54 -16.68 10.86
N TRP B 369 -34.12 -15.43 10.66
CA TRP B 369 -34.00 -14.43 11.72
C TRP B 369 -34.66 -13.16 11.22
N ASN B 370 -35.57 -12.63 12.04
CA ASN B 370 -36.33 -11.43 11.79
C ASN B 370 -35.99 -10.51 12.93
N ASP B 371 -35.93 -9.22 12.72
CA ASP B 371 -35.43 -8.28 13.74
C ASP B 371 -36.31 -8.12 14.98
N MET B 372 -37.59 -8.41 14.82
CA MET B 372 -38.55 -8.28 15.92
C MET B 372 -38.76 -9.68 16.56
N ASP B 373 -38.99 -10.72 15.75
CA ASP B 373 -39.18 -12.09 16.25
C ASP B 373 -37.88 -12.80 16.70
N LYS B 374 -36.74 -12.35 16.18
CA LYS B 374 -35.43 -13.01 16.38
C LYS B 374 -35.36 -14.41 15.68
N LEU B 375 -34.48 -15.28 16.18
CA LEU B 375 -34.22 -16.57 15.54
C LEU B 375 -35.37 -17.59 15.73
N VAL B 376 -35.99 -18.00 14.62
CA VAL B 376 -37.00 -19.10 14.58
C VAL B 376 -36.47 -20.25 13.71
N LEU B 377 -36.09 -21.35 14.38
CA LEU B 377 -35.38 -22.47 13.75
C LEU B 377 -36.29 -23.50 13.06
N ILE B 378 -35.64 -24.43 12.36
CA ILE B 378 -36.27 -25.56 11.68
C ILE B 378 -35.60 -26.88 12.13
N SER C 2 -13.52 1.47 -36.86
CA SER C 2 -12.36 0.67 -36.30
C SER C 2 -11.48 1.46 -35.29
N ILE C 3 -11.04 0.73 -34.27
CA ILE C 3 -10.34 1.25 -33.09
C ILE C 3 -8.85 0.99 -33.26
N GLN C 4 -8.06 2.01 -33.01
CA GLN C 4 -6.60 1.92 -33.17
C GLN C 4 -5.99 1.25 -31.90
N ILE C 5 -5.12 0.25 -32.08
CA ILE C 5 -4.35 -0.33 -30.95
C ILE C 5 -2.87 -0.57 -31.27
N GLY C 6 -2.05 -0.63 -30.24
CA GLY C 6 -0.65 -0.89 -30.42
C GLY C 6 -0.32 -2.37 -30.21
N GLY C 7 0.73 -2.83 -30.90
CA GLY C 7 1.32 -4.13 -30.62
C GLY C 7 2.84 -3.96 -30.42
N LEU C 8 3.36 -4.33 -29.25
CA LEU C 8 4.80 -4.36 -28.93
C LEU C 8 5.35 -5.79 -28.90
N PHE C 9 6.04 -6.15 -29.98
CA PHE C 9 6.41 -7.55 -30.26
C PHE C 9 7.94 -7.74 -30.17
N PRO C 10 8.43 -8.68 -29.34
CA PRO C 10 9.88 -8.89 -29.18
C PRO C 10 10.49 -9.50 -30.40
N ARG C 11 11.82 -9.54 -30.40
CA ARG C 11 12.62 -10.17 -31.47
CA ARG C 11 12.58 -10.15 -31.50
C ARG C 11 12.43 -11.67 -31.42
N GLY C 12 12.21 -12.29 -32.58
CA GLY C 12 11.89 -13.70 -32.63
C GLY C 12 10.62 -14.19 -31.93
N ALA C 13 9.64 -13.29 -31.73
CA ALA C 13 8.29 -13.70 -31.38
C ALA C 13 7.51 -13.91 -32.69
N ASP C 14 7.90 -14.95 -33.43
CA ASP C 14 7.36 -15.23 -34.76
C ASP C 14 6.00 -15.88 -34.63
N GLN C 15 5.96 -16.95 -33.85
CA GLN C 15 4.73 -17.70 -33.63
C GLN C 15 3.66 -16.80 -33.02
N GLU C 16 4.04 -16.05 -31.98
CA GLU C 16 3.15 -15.12 -31.27
C GLU C 16 2.56 -14.05 -32.22
N TYR C 17 3.37 -13.54 -33.15
CA TYR C 17 2.79 -12.63 -34.16
C TYR C 17 1.80 -13.37 -35.09
N SER C 18 2.13 -14.61 -35.43
CA SER C 18 1.24 -15.44 -36.27
C SER C 18 -0.10 -15.69 -35.52
N ALA C 19 -0.01 -15.97 -34.21
CA ALA C 19 -1.18 -16.06 -33.34
C ALA C 19 -2.02 -14.79 -33.33
N PHE C 20 -1.37 -13.64 -33.20
CA PHE C 20 -2.01 -12.32 -33.25
C PHE C 20 -2.72 -12.08 -34.58
N ARG C 21 -2.04 -12.34 -35.70
CA ARG C 21 -2.65 -12.17 -37.06
C ARG C 21 -3.97 -12.93 -37.20
N VAL C 22 -3.95 -14.16 -36.71
CA VAL C 22 -5.07 -15.09 -36.88
C VAL C 22 -6.19 -14.74 -35.91
N GLY C 23 -5.86 -14.29 -34.73
CA GLY C 23 -6.84 -13.73 -33.81
C GLY C 23 -7.51 -12.50 -34.35
N MET C 24 -6.74 -11.66 -35.02
CA MET C 24 -7.25 -10.48 -35.67
C MET C 24 -8.35 -10.82 -36.66
N VAL C 25 -8.05 -11.77 -37.53
CA VAL C 25 -9.02 -12.24 -38.52
C VAL C 25 -10.23 -12.93 -37.85
N GLN C 26 -10.01 -13.75 -36.83
CA GLN C 26 -11.11 -14.48 -36.22
C GLN C 26 -12.13 -13.67 -35.45
N PHE C 27 -11.69 -12.60 -34.79
CA PHE C 27 -12.59 -11.88 -33.88
C PHE C 27 -12.96 -10.50 -34.40
N SER C 28 -12.62 -10.25 -35.66
CA SER C 28 -13.05 -9.07 -36.42
C SER C 28 -14.55 -9.06 -36.61
N THR C 29 -15.11 -7.85 -36.58
CA THR C 29 -16.55 -7.62 -36.46
C THR C 29 -17.04 -6.80 -37.64
N SER C 30 -18.35 -6.89 -37.88
CA SER C 30 -19.04 -6.04 -38.86
C SER C 30 -19.13 -4.56 -38.39
N GLU C 31 -19.26 -4.35 -37.08
CA GLU C 31 -19.21 -3.02 -36.47
C GLU C 31 -17.78 -2.38 -36.42
N PHE C 32 -16.75 -3.21 -36.30
CA PHE C 32 -15.38 -2.69 -36.15
C PHE C 32 -14.36 -3.83 -36.27
N ARG C 33 -13.19 -3.49 -36.80
CA ARG C 33 -12.02 -4.35 -36.65
C ARG C 33 -11.17 -3.68 -35.58
N LEU C 34 -9.95 -4.14 -35.47
CA LEU C 34 -8.92 -3.40 -34.81
C LEU C 34 -7.89 -3.05 -35.87
N THR C 35 -7.43 -1.81 -35.78
CA THR C 35 -6.37 -1.28 -36.60
C THR C 35 -5.06 -1.25 -35.74
N PRO C 36 -4.29 -2.36 -35.70
CA PRO C 36 -3.04 -2.36 -34.99
C PRO C 36 -1.94 -1.58 -35.65
N HIS C 37 -1.09 -0.93 -34.85
CA HIS C 37 0.24 -0.54 -35.27
C HIS C 37 1.24 -1.45 -34.54
N ILE C 38 2.07 -2.14 -35.32
CA ILE C 38 3.07 -3.07 -34.80
C ILE C 38 4.47 -2.50 -34.85
N ASP C 39 5.19 -2.64 -33.73
CA ASP C 39 6.60 -2.29 -33.64
C ASP C 39 7.31 -3.51 -33.07
N ASN C 40 8.46 -3.88 -33.64
CA ASN C 40 9.27 -4.96 -33.11
C ASN C 40 10.56 -4.39 -32.57
N LEU C 41 10.99 -4.90 -31.42
CA LEU C 41 11.99 -4.23 -30.63
C LEU C 41 12.58 -5.17 -29.56
N GLU C 42 13.71 -4.77 -28.97
CA GLU C 42 14.35 -5.45 -27.84
C GLU C 42 13.58 -5.10 -26.55
N VAL C 43 12.67 -5.96 -26.06
CA VAL C 43 11.87 -5.60 -24.85
C VAL C 43 12.68 -5.57 -23.55
N ALA C 44 13.92 -6.02 -23.59
CA ALA C 44 14.82 -5.90 -22.46
C ALA C 44 15.46 -4.50 -22.32
N ASN C 45 15.19 -3.66 -23.32
CA ASN C 45 15.81 -2.33 -23.46
C ASN C 45 14.72 -1.32 -23.07
N SER C 46 14.77 -0.82 -21.83
CA SER C 46 13.70 0.07 -21.38
C SER C 46 13.65 1.35 -22.21
N PHE C 47 14.79 1.81 -22.70
CA PHE C 47 14.80 2.96 -23.59
C PHE C 47 13.96 2.68 -24.84
N ALA C 48 14.14 1.48 -25.40
CA ALA C 48 13.41 1.04 -26.62
C ALA C 48 11.92 0.92 -26.36
N VAL C 49 11.56 0.34 -25.21
CA VAL C 49 10.16 0.13 -24.80
C VAL C 49 9.45 1.47 -24.53
N THR C 50 10.15 2.38 -23.85
CA THR C 50 9.59 3.71 -23.56
C THR C 50 9.33 4.48 -24.85
N ASN C 51 10.28 4.48 -25.78
CA ASN C 51 10.06 5.08 -27.11
C ASN C 51 8.84 4.48 -27.82
N ALA C 52 8.73 3.15 -27.81
CA ALA C 52 7.61 2.51 -28.49
C ALA C 52 6.31 2.84 -27.78
N PHE C 53 6.27 2.68 -26.46
CA PHE C 53 5.11 3.12 -25.72
C PHE C 53 4.74 4.55 -26.12
N CYS C 54 5.71 5.46 -26.13
CA CYS C 54 5.40 6.88 -26.39
C CYS C 54 4.92 7.16 -27.80
N SER C 55 5.41 6.42 -28.81
CA SER C 55 4.91 6.51 -30.19
C SER C 55 3.42 6.19 -30.27
N GLN C 56 2.98 5.20 -29.51
CA GLN C 56 1.59 4.73 -29.63
C GLN C 56 0.66 5.67 -28.86
N PHE C 57 1.13 6.16 -27.72
CA PHE C 57 0.32 7.11 -26.96
C PHE C 57 0.15 8.42 -27.76
N SER C 58 1.19 8.73 -28.52
CA SER C 58 1.29 9.97 -29.27
C SER C 58 0.26 10.01 -30.43
N ARG C 59 0.09 8.87 -31.14
CA ARG C 59 -0.88 8.68 -32.23
C ARG C 59 -2.32 8.80 -31.75
N GLY C 60 -2.59 8.20 -30.60
CA GLY C 60 -3.95 8.21 -29.98
C GLY C 60 -4.61 6.84 -29.77
N VAL C 61 -3.83 5.76 -29.72
CA VAL C 61 -4.38 4.41 -29.55
C VAL C 61 -5.20 4.23 -28.28
N TYR C 62 -6.07 3.25 -28.33
CA TYR C 62 -7.06 2.98 -27.29
C TYR C 62 -6.53 1.86 -26.36
N ALA C 63 -5.54 1.10 -26.77
CA ALA C 63 -4.96 0.11 -25.89
C ALA C 63 -3.72 -0.46 -26.55
N ILE C 64 -2.86 -1.09 -25.77
CA ILE C 64 -1.60 -1.64 -26.26
C ILE C 64 -1.46 -3.11 -25.87
N PHE C 65 -1.33 -4.00 -26.85
CA PHE C 65 -0.91 -5.35 -26.56
C PHE C 65 0.62 -5.42 -26.67
N GLY C 66 1.24 -6.23 -25.80
CA GLY C 66 2.66 -6.31 -25.72
C GLY C 66 3.24 -7.33 -24.76
N PHE C 67 4.57 -7.47 -24.89
CA PHE C 67 5.45 -8.24 -24.00
C PHE C 67 6.42 -7.29 -23.32
N TYR C 68 6.70 -7.56 -22.05
CA TYR C 68 7.81 -6.95 -21.34
C TYR C 68 8.64 -8.07 -20.73
N ASP C 69 9.79 -7.72 -20.18
CA ASP C 69 10.53 -8.66 -19.35
C ASP C 69 10.84 -7.97 -18.02
N LYS C 70 11.63 -8.57 -17.15
CA LYS C 70 11.95 -8.05 -15.78
C LYS C 70 12.59 -6.70 -15.73
N LYS C 71 13.35 -6.37 -16.77
CA LYS C 71 13.96 -5.06 -16.91
C LYS C 71 12.97 -4.00 -17.35
N SER C 72 11.97 -4.35 -18.15
CA SER C 72 11.08 -3.34 -18.72
C SER C 72 9.68 -3.30 -18.09
N VAL C 73 9.41 -4.12 -17.08
CA VAL C 73 8.06 -4.19 -16.50
C VAL C 73 7.63 -2.92 -15.79
N ASN C 74 8.56 -2.26 -15.14
CA ASN C 74 8.27 -0.98 -14.47
C ASN C 74 8.01 0.20 -15.41
N THR C 75 8.66 0.19 -16.57
CA THR C 75 8.39 1.18 -17.60
C THR C 75 6.93 1.08 -17.96
N ILE C 76 6.48 -0.13 -18.28
CA ILE C 76 5.10 -0.36 -18.74
C ILE C 76 4.09 -0.07 -17.64
N THR C 77 4.31 -0.58 -16.43
CA THR C 77 3.31 -0.37 -15.42
C THR C 77 3.26 1.09 -14.95
N SER C 78 4.40 1.79 -14.94
CA SER C 78 4.38 3.24 -14.62
C SER C 78 3.75 4.12 -15.70
N PHE C 79 4.12 3.90 -16.95
CA PHE C 79 3.56 4.69 -18.07
C PHE C 79 2.06 4.42 -18.28
N CYS C 80 1.66 3.16 -18.16
CA CYS C 80 0.25 2.75 -18.30
C CYS C 80 -0.58 3.25 -17.14
N GLY C 81 -0.06 3.08 -15.92
CA GLY C 81 -0.68 3.64 -14.73
C GLY C 81 -0.89 5.14 -14.75
N THR C 82 0.10 5.87 -15.21
CA THR C 82 0.05 7.32 -15.16
C THR C 82 -0.84 7.89 -16.26
N LEU C 83 -0.71 7.33 -17.48
CA LEU C 83 -1.52 7.82 -18.59
C LEU C 83 -2.93 7.13 -18.80
N HIS C 84 -3.24 6.08 -18.05
CA HIS C 84 -4.49 5.33 -18.13
C HIS C 84 -4.59 4.59 -19.46
N VAL C 85 -3.44 4.13 -19.98
CA VAL C 85 -3.38 3.39 -21.25
C VAL C 85 -3.24 1.90 -20.94
N SER C 86 -4.23 1.10 -21.33
CA SER C 86 -4.35 -0.25 -20.78
C SER C 86 -3.39 -1.16 -21.58
N PHE C 87 -2.65 -2.04 -20.89
CA PHE C 87 -1.61 -2.89 -21.51
C PHE C 87 -1.94 -4.35 -21.28
N ILE C 88 -2.17 -5.11 -22.36
CA ILE C 88 -2.70 -6.48 -22.31
C ILE C 88 -1.53 -7.34 -22.75
N THR C 89 -1.14 -8.31 -21.92
CA THR C 89 0.16 -8.98 -22.07
C THR C 89 0.14 -10.48 -21.73
N PRO C 90 0.97 -11.30 -22.43
CA PRO C 90 1.25 -12.67 -22.01
C PRO C 90 2.38 -12.85 -21.04
N SER C 91 3.04 -11.75 -20.71
CA SER C 91 4.25 -11.75 -19.91
C SER C 91 4.00 -12.14 -18.47
N PHE C 92 5.09 -12.41 -17.72
CA PHE C 92 4.98 -12.88 -16.33
C PHE C 92 4.11 -11.92 -15.52
N PRO C 93 3.16 -12.42 -14.70
CA PRO C 93 2.46 -11.52 -13.79
C PRO C 93 3.32 -11.05 -12.59
N THR C 94 3.28 -9.76 -12.32
CA THR C 94 3.86 -9.16 -11.12
C THR C 94 3.09 -9.62 -9.89
N ASP C 95 3.78 -9.80 -8.76
CA ASP C 95 3.12 -10.14 -7.48
C ASP C 95 2.12 -9.07 -7.06
N GLY C 96 2.50 -7.80 -7.20
CA GLY C 96 1.69 -6.71 -6.71
C GLY C 96 0.61 -6.28 -7.68
N THR C 97 -0.03 -5.18 -7.29
CA THR C 97 -1.14 -4.60 -8.00
C THR C 97 -0.61 -3.54 -8.95
N HIS C 98 -1.16 -3.47 -10.15
CA HIS C 98 -0.77 -2.42 -11.07
C HIS C 98 -1.95 -2.08 -11.94
N PRO C 99 -2.60 -0.94 -11.69
CA PRO C 99 -3.76 -0.63 -12.57
C PRO C 99 -3.35 -0.45 -14.04
N PHE C 100 -4.33 -0.65 -14.92
CA PHE C 100 -4.16 -0.56 -16.37
C PHE C 100 -3.31 -1.66 -17.03
N VAL C 101 -3.16 -2.80 -16.36
CA VAL C 101 -2.41 -3.97 -16.90
C VAL C 101 -3.31 -5.20 -16.79
N ILE C 102 -3.59 -5.86 -17.90
CA ILE C 102 -4.44 -7.04 -17.95
C ILE C 102 -3.46 -8.17 -18.22
N GLN C 103 -3.25 -9.04 -17.23
CA GLN C 103 -2.19 -10.03 -17.34
C GLN C 103 -2.91 -11.29 -17.75
N MET C 104 -2.69 -11.69 -19.01
CA MET C 104 -3.30 -12.87 -19.57
C MET C 104 -2.71 -14.11 -18.92
N ARG C 105 -1.48 -14.03 -18.41
CA ARG C 105 -0.83 -15.21 -17.89
C ARG C 105 -1.26 -15.51 -16.49
N PRO C 106 -1.74 -16.74 -16.25
CA PRO C 106 -2.08 -16.98 -14.86
C PRO C 106 -0.85 -17.24 -14.00
N ASP C 107 -1.04 -17.05 -12.71
CA ASP C 107 0.01 -17.23 -11.68
C ASP C 107 0.33 -18.72 -11.58
N LEU C 108 1.62 -19.06 -11.57
CA LEU C 108 2.07 -20.44 -11.46
C LEU C 108 2.50 -20.90 -10.05
N LYS C 109 2.87 -19.95 -9.21
CA LYS C 109 3.35 -20.20 -7.83
C LYS C 109 2.51 -21.17 -7.03
N GLY C 110 1.22 -20.88 -6.86
CA GLY C 110 0.33 -21.68 -5.99
C GLY C 110 0.25 -23.13 -6.43
N ALA C 111 0.19 -23.31 -7.74
CA ALA C 111 0.20 -24.61 -8.36
C ALA C 111 1.58 -25.26 -8.20
N LEU C 112 2.65 -24.49 -8.31
CA LEU C 112 3.99 -25.08 -8.06
C LEU C 112 4.09 -25.52 -6.63
N LEU C 113 3.73 -24.64 -5.70
CA LEU C 113 3.75 -24.98 -4.27
C LEU C 113 2.89 -26.15 -3.96
N SER C 114 1.70 -26.20 -4.53
CA SER C 114 0.84 -27.33 -4.35
C SER C 114 1.38 -28.66 -4.93
N LEU C 115 2.21 -28.61 -5.96
CA LEU C 115 2.77 -29.82 -6.56
C LEU C 115 3.88 -30.39 -5.71
N ILE C 116 4.68 -29.50 -5.13
CA ILE C 116 5.70 -29.87 -4.13
C ILE C 116 5.02 -30.61 -2.97
N GLU C 117 3.93 -30.04 -2.47
CA GLU C 117 3.09 -30.66 -1.44
C GLU C 117 2.51 -32.01 -1.86
N TYR C 118 2.21 -32.15 -3.16
CA TYR C 118 1.62 -33.37 -3.74
C TYR C 118 2.57 -34.57 -3.79
N TYR C 119 3.81 -34.33 -4.17
CA TYR C 119 4.85 -35.37 -4.15
C TYR C 119 5.55 -35.51 -2.79
N GLN C 120 5.20 -34.65 -1.82
CA GLN C 120 5.63 -34.72 -0.44
C GLN C 120 7.15 -34.65 -0.31
N TRP C 121 7.68 -33.62 -0.97
CA TRP C 121 9.10 -33.32 -0.99
C TRP C 121 9.41 -32.48 0.23
N ASP C 122 10.43 -32.87 0.98
CA ASP C 122 11.00 -32.05 2.03
C ASP C 122 12.39 -31.52 1.64
N LYS C 123 13.09 -32.20 0.74
CA LYS C 123 14.44 -31.83 0.37
C LYS C 123 14.43 -31.85 -1.16
N PHE C 124 14.91 -30.77 -1.76
CA PHE C 124 15.07 -30.65 -3.19
C PHE C 124 16.03 -29.56 -3.62
N ALA C 125 16.54 -29.69 -4.84
CA ALA C 125 17.23 -28.59 -5.55
C ALA C 125 16.24 -27.71 -6.30
N TYR C 126 16.52 -26.40 -6.34
CA TYR C 126 15.76 -25.43 -7.13
C TYR C 126 16.72 -24.70 -8.04
N LEU C 127 16.66 -24.99 -9.34
CA LEU C 127 17.53 -24.35 -10.32
C LEU C 127 16.75 -23.22 -10.98
N TYR C 128 17.34 -22.01 -10.97
CA TYR C 128 16.63 -20.76 -11.38
C TYR C 128 17.50 -19.88 -12.31
N ASP C 129 16.86 -18.91 -12.96
CA ASP C 129 17.48 -18.04 -13.98
C ASP C 129 17.36 -16.57 -13.60
N SER C 130 18.49 -15.93 -13.27
CA SER C 130 18.52 -14.49 -12.85
C SER C 130 17.99 -13.53 -13.92
N ASP C 131 18.12 -13.92 -15.18
CA ASP C 131 17.65 -13.13 -16.32
C ASP C 131 16.10 -13.02 -16.40
N ARG C 132 15.38 -14.10 -16.07
CA ARG C 132 13.89 -14.11 -16.16
C ARG C 132 13.15 -13.59 -14.90
N GLY C 133 13.90 -13.33 -13.83
CA GLY C 133 13.32 -12.90 -12.56
C GLY C 133 13.42 -14.00 -11.51
N LEU C 134 13.59 -13.58 -10.25
CA LEU C 134 13.68 -14.51 -9.12
C LEU C 134 12.43 -14.57 -8.26
N SER C 135 11.34 -13.97 -8.75
CA SER C 135 10.03 -13.95 -8.08
C SER C 135 9.52 -15.30 -7.51
N THR C 136 9.77 -16.38 -8.24
CA THR C 136 9.29 -17.74 -7.88
C THR C 136 10.25 -18.42 -6.90
N LEU C 137 11.55 -18.16 -7.06
CA LEU C 137 12.60 -18.55 -6.09
C LEU C 137 12.22 -18.08 -4.71
N GLN C 138 11.94 -16.80 -4.58
CA GLN C 138 11.48 -16.29 -3.28
C GLN C 138 10.21 -17.01 -2.78
N ALA C 139 9.24 -17.34 -3.62
CA ALA C 139 8.01 -17.97 -3.10
C ALA C 139 8.32 -19.34 -2.50
N VAL C 140 9.18 -20.09 -3.20
CA VAL C 140 9.61 -21.43 -2.79
C VAL C 140 10.53 -21.36 -1.55
N LEU C 141 11.50 -20.46 -1.55
CA LEU C 141 12.29 -20.19 -0.35
C LEU C 141 11.41 -19.78 0.85
N ASP C 142 10.48 -18.83 0.66
CA ASP C 142 9.50 -18.43 1.72
C ASP C 142 8.76 -19.62 2.32
N SER C 143 8.26 -20.48 1.44
CA SER C 143 7.48 -21.62 1.92
C SER C 143 8.41 -22.69 2.57
N ALA C 144 9.65 -22.83 2.08
CA ALA C 144 10.67 -23.71 2.65
C ALA C 144 11.05 -23.40 4.10
N ALA C 145 11.17 -22.11 4.42
CA ALA C 145 11.46 -21.70 5.78
C ALA C 145 10.24 -21.83 6.68
N GLU C 146 9.03 -21.71 6.15
CA GLU C 146 7.79 -22.00 6.88
C GLU C 146 7.73 -23.52 7.15
N LYS C 147 7.97 -24.34 6.11
CA LYS C 147 7.79 -25.79 6.19
C LYS C 147 9.08 -26.64 6.38
N LYS C 148 10.18 -26.00 6.78
CA LYS C 148 11.47 -26.67 7.02
C LYS C 148 11.88 -27.66 5.89
N TRP C 149 11.68 -27.24 4.66
CA TRP C 149 12.21 -27.93 3.49
C TRP C 149 13.70 -27.61 3.35
N GLN C 150 14.48 -28.52 2.80
CA GLN C 150 15.95 -28.35 2.66
C GLN C 150 16.31 -28.02 1.22
N VAL C 151 16.29 -26.73 0.90
CA VAL C 151 16.43 -26.27 -0.48
C VAL C 151 17.85 -25.81 -0.84
N THR C 152 18.43 -26.52 -1.81
CA THR C 152 19.68 -26.17 -2.48
C THR C 152 19.28 -25.41 -3.74
N ALA C 153 19.66 -24.13 -3.79
CA ALA C 153 19.29 -23.23 -4.89
C ALA C 153 20.53 -22.79 -5.68
N ILE C 154 20.66 -23.34 -6.87
CA ILE C 154 21.79 -23.03 -7.76
C ILE C 154 21.28 -22.13 -8.90
N ASN C 155 21.94 -21.00 -9.14
CA ASN C 155 21.68 -20.21 -10.36
C ASN C 155 22.36 -20.89 -11.54
N VAL C 156 21.58 -21.15 -12.59
CA VAL C 156 22.04 -21.84 -13.79
C VAL C 156 21.94 -20.97 -15.05
N GLY C 157 21.71 -19.67 -14.92
CA GLY C 157 21.65 -18.76 -16.07
C GLY C 157 23.00 -18.51 -16.78
N ASN C 158 23.91 -17.81 -16.11
CA ASN C 158 25.11 -17.21 -16.75
C ASN C 158 26.42 -17.86 -16.29
N ARG C 169 31.17 -26.85 -13.64
CA ARG C 169 32.14 -27.50 -12.75
C ARG C 169 31.56 -27.67 -11.34
N SER C 170 31.27 -26.55 -10.68
CA SER C 170 30.78 -26.55 -9.30
C SER C 170 29.33 -27.03 -9.12
N LEU C 171 28.57 -27.17 -10.20
CA LEU C 171 27.22 -27.77 -10.17
C LEU C 171 27.29 -29.30 -10.23
N PHE C 172 28.00 -29.80 -11.25
CA PHE C 172 28.13 -31.23 -11.51
C PHE C 172 28.58 -32.04 -10.28
N GLN C 173 29.81 -31.83 -9.84
CA GLN C 173 30.42 -32.63 -8.76
C GLN C 173 29.76 -32.46 -7.36
N ASP C 174 29.01 -31.37 -7.15
CA ASP C 174 28.27 -31.15 -5.89
C ASP C 174 27.02 -32.04 -5.79
N LEU C 175 26.38 -32.29 -6.93
CA LEU C 175 25.22 -33.20 -6.97
C LEU C 175 25.63 -34.64 -6.59
N GLU C 176 26.82 -35.07 -7.04
CA GLU C 176 27.33 -36.43 -6.77
C GLU C 176 27.51 -36.66 -5.26
N LEU C 177 28.33 -35.83 -4.62
CA LEU C 177 28.69 -35.98 -3.20
C LEU C 177 27.50 -35.85 -2.25
N LYS C 178 26.62 -34.87 -2.54
CA LYS C 178 25.36 -34.68 -1.77
C LYS C 178 24.37 -35.81 -2.07
N LYS C 179 24.23 -36.13 -3.36
CA LYS C 179 23.21 -37.07 -3.86
C LYS C 179 21.78 -36.52 -3.69
N GLU C 180 21.52 -35.35 -4.30
CA GLU C 180 20.19 -34.68 -4.28
C GLU C 180 19.34 -35.13 -5.50
N ARG C 181 18.25 -35.84 -5.25
CA ARG C 181 17.54 -36.56 -6.32
C ARG C 181 16.42 -35.77 -7.00
N ARG C 182 15.73 -34.93 -6.23
CA ARG C 182 14.48 -34.28 -6.63
C ARG C 182 14.71 -32.81 -6.95
N VAL C 183 14.23 -32.37 -8.10
CA VAL C 183 14.77 -31.15 -8.74
C VAL C 183 13.68 -30.31 -9.41
N ILE C 184 13.67 -28.99 -9.13
CA ILE C 184 12.79 -28.04 -9.81
C ILE C 184 13.63 -27.25 -10.76
N LEU C 185 13.16 -27.15 -12.00
CA LEU C 185 13.77 -26.33 -13.07
C LEU C 185 12.88 -25.10 -13.37
N ASP C 186 13.43 -23.91 -13.14
CA ASP C 186 12.71 -22.65 -13.33
C ASP C 186 13.55 -21.80 -14.25
N CYS C 187 13.63 -22.23 -15.51
CA CYS C 187 14.47 -21.58 -16.55
C CYS C 187 13.67 -21.18 -17.79
N GLU C 188 14.33 -20.54 -18.75
CA GLU C 188 13.82 -20.37 -20.11
C GLU C 188 13.94 -21.70 -20.90
N ARG C 189 13.35 -21.72 -22.08
CA ARG C 189 13.30 -22.94 -22.93
C ARG C 189 14.69 -23.42 -23.37
N ASP C 190 15.59 -22.49 -23.64
CA ASP C 190 16.99 -22.80 -23.98
C ASP C 190 17.66 -23.72 -22.96
N LYS C 191 17.52 -23.35 -21.69
CA LYS C 191 18.32 -23.92 -20.60
C LYS C 191 17.96 -25.36 -20.24
N VAL C 192 16.69 -25.74 -20.41
CA VAL C 192 16.18 -27.07 -19.99
C VAL C 192 16.99 -28.24 -20.53
N ASN C 193 17.42 -28.11 -21.79
CA ASN C 193 18.22 -29.13 -22.49
C ASN C 193 19.60 -29.27 -21.88
N ASP C 194 20.26 -28.14 -21.62
CA ASP C 194 21.60 -28.09 -21.04
C ASP C 194 21.69 -28.82 -19.71
N ILE C 195 20.69 -28.60 -18.84
CA ILE C 195 20.77 -29.09 -17.45
C ILE C 195 20.55 -30.61 -17.35
N VAL C 196 19.70 -31.17 -18.22
CA VAL C 196 19.50 -32.63 -18.21
C VAL C 196 20.79 -33.34 -18.64
N ASP C 197 21.59 -32.67 -19.48
CA ASP C 197 22.87 -33.20 -19.93
C ASP C 197 23.82 -33.43 -18.77
N GLN C 198 24.12 -32.38 -18.00
CA GLN C 198 25.03 -32.47 -16.84
C GLN C 198 24.78 -33.74 -16.01
N VAL C 199 23.50 -34.04 -15.76
CA VAL C 199 23.10 -35.23 -15.00
C VAL C 199 23.37 -36.54 -15.76
N ILE C 200 23.12 -36.53 -17.07
CA ILE C 200 23.39 -37.68 -17.93
C ILE C 200 24.90 -37.81 -18.22
N GLY C 208 15.62 -42.68 -11.17
CA GLY C 208 15.89 -42.21 -9.80
C GLY C 208 15.59 -40.73 -9.56
N TYR C 209 15.96 -39.90 -10.54
CA TYR C 209 15.68 -38.45 -10.50
C TYR C 209 14.18 -38.14 -10.68
N HIS C 210 13.74 -36.98 -10.16
CA HIS C 210 12.39 -36.48 -10.36
C HIS C 210 12.42 -34.96 -10.57
N TYR C 211 12.18 -34.58 -11.83
CA TYR C 211 12.21 -33.20 -12.32
C TYR C 211 10.79 -32.60 -12.39
N ILE C 212 10.62 -31.41 -11.84
CA ILE C 212 9.47 -30.56 -12.09
C ILE C 212 9.92 -29.41 -12.95
N ILE C 213 9.47 -29.31 -14.19
CA ILE C 213 9.71 -28.10 -15.03
C ILE C 213 8.68 -27.03 -14.63
N ALA C 214 9.16 -25.94 -14.03
CA ALA C 214 8.28 -24.88 -13.52
C ALA C 214 7.90 -23.88 -14.65
N ASN C 215 7.11 -24.33 -15.63
CA ASN C 215 6.51 -23.39 -16.58
C ASN C 215 5.18 -23.92 -17.03
N LEU C 216 4.43 -23.10 -17.79
CA LEU C 216 3.04 -23.35 -18.16
C LEU C 216 2.83 -24.08 -19.50
N GLY C 217 3.93 -24.45 -20.16
CA GLY C 217 3.83 -25.23 -21.42
C GLY C 217 4.76 -26.43 -21.39
N PHE C 218 4.31 -27.49 -20.69
CA PHE C 218 5.12 -28.72 -20.47
C PHE C 218 5.49 -29.38 -21.79
N THR C 219 4.55 -29.38 -22.74
CA THR C 219 4.73 -30.05 -24.03
C THR C 219 5.12 -29.13 -25.22
N ASP C 220 5.68 -27.95 -24.91
CA ASP C 220 5.74 -26.85 -25.90
C ASP C 220 6.90 -27.02 -26.85
N GLY C 221 6.62 -27.03 -28.15
CA GLY C 221 7.63 -27.16 -29.19
C GLY C 221 8.07 -28.61 -29.39
N ASP C 222 9.36 -28.85 -29.19
CA ASP C 222 9.95 -30.17 -29.38
C ASP C 222 10.38 -30.78 -28.04
N LEU C 223 9.69 -30.41 -26.95
CA LEU C 223 10.15 -30.74 -25.58
C LEU C 223 9.95 -32.22 -25.26
N LEU C 224 8.72 -32.68 -25.42
CA LEU C 224 8.32 -34.05 -25.12
C LEU C 224 8.52 -34.96 -26.34
N LYS C 225 9.62 -35.73 -26.45
CA LYS C 225 10.60 -36.01 -25.38
C LYS C 225 12.07 -36.07 -25.88
N ILE C 226 12.87 -35.10 -25.44
CA ILE C 226 14.34 -35.15 -25.56
C ILE C 226 14.89 -36.22 -24.60
N GLN C 227 16.20 -36.25 -24.36
CA GLN C 227 16.80 -37.28 -23.49
C GLN C 227 16.60 -36.96 -22.01
N PHE C 228 16.41 -38.00 -21.19
CA PHE C 228 16.20 -37.83 -19.74
C PHE C 228 16.88 -38.87 -18.81
N GLY C 229 17.50 -39.92 -19.36
CA GLY C 229 18.07 -41.02 -18.56
C GLY C 229 17.04 -41.90 -17.83
N GLY C 230 15.86 -42.05 -18.43
CA GLY C 230 14.72 -42.76 -17.83
C GLY C 230 14.10 -42.13 -16.57
N ALA C 231 14.45 -40.88 -16.28
CA ALA C 231 14.06 -40.20 -15.04
C ALA C 231 12.58 -39.82 -15.05
N ASN C 232 12.05 -39.45 -13.88
CA ASN C 232 10.66 -39.00 -13.74
C ASN C 232 10.53 -37.48 -14.04
N VAL C 233 9.56 -37.08 -14.86
CA VAL C 233 9.42 -35.66 -15.23
C VAL C 233 7.98 -35.23 -15.04
N SER C 234 7.77 -34.09 -14.35
CA SER C 234 6.43 -33.49 -14.23
C SER C 234 6.47 -32.04 -14.69
N GLY C 235 5.31 -31.50 -15.08
CA GLY C 235 5.19 -30.03 -15.27
C GLY C 235 3.76 -29.56 -15.38
N PHE C 236 3.58 -28.41 -16.05
CA PHE C 236 2.27 -27.70 -16.04
C PHE C 236 1.88 -27.27 -17.42
N GLN C 237 0.58 -27.29 -17.70
CA GLN C 237 0.01 -27.07 -19.07
C GLN C 237 -1.31 -26.28 -18.97
N ILE C 238 -1.34 -25.07 -19.54
CA ILE C 238 -2.50 -24.18 -19.50
C ILE C 238 -3.34 -24.38 -20.77
N VAL C 239 -2.74 -24.89 -21.85
CA VAL C 239 -3.44 -25.18 -23.10
C VAL C 239 -3.71 -26.70 -23.22
N ASP C 240 -4.98 -27.12 -23.15
CA ASP C 240 -5.31 -28.55 -23.11
C ASP C 240 -5.77 -29.02 -24.44
N TYR C 241 -4.91 -29.73 -25.15
CA TYR C 241 -5.23 -30.13 -26.54
C TYR C 241 -6.41 -31.10 -26.73
N ASP C 242 -6.96 -31.61 -25.64
CA ASP C 242 -8.16 -32.43 -25.63
C ASP C 242 -9.44 -31.56 -25.45
N ASP C 243 -9.32 -30.24 -25.30
CA ASP C 243 -10.49 -29.34 -25.32
C ASP C 243 -11.04 -29.24 -26.72
N SER C 244 -12.34 -29.07 -26.85
CA SER C 244 -12.92 -28.84 -28.18
C SER C 244 -12.37 -27.59 -28.87
N LEU C 245 -12.47 -26.42 -28.23
CA LEU C 245 -11.95 -25.13 -28.75
C LEU C 245 -10.55 -25.25 -29.28
N VAL C 246 -9.73 -25.99 -28.53
CA VAL C 246 -8.29 -26.14 -28.78
C VAL C 246 -8.03 -27.05 -29.94
N SER C 247 -8.65 -28.23 -29.95
CA SER C 247 -8.51 -29.16 -31.11
C SER C 247 -9.13 -28.56 -32.38
N LYS C 248 -10.26 -27.85 -32.25
CA LYS C 248 -10.80 -27.06 -33.39
C LYS C 248 -9.76 -26.07 -33.96
N PHE C 249 -9.12 -25.34 -33.06
CA PHE C 249 -8.13 -24.35 -33.41
C PHE C 249 -6.91 -24.99 -34.09
N ILE C 250 -6.43 -26.10 -33.55
CA ILE C 250 -5.29 -26.79 -34.13
C ILE C 250 -5.61 -27.32 -35.50
N GLU C 251 -6.81 -27.78 -35.75
CA GLU C 251 -7.16 -28.21 -37.12
C GLU C 251 -6.97 -27.09 -38.17
N ARG C 252 -7.14 -25.82 -37.78
CA ARG C 252 -6.89 -24.71 -38.69
C ARG C 252 -5.42 -24.39 -38.73
N TRP C 253 -4.82 -24.29 -37.54
CA TRP C 253 -3.41 -23.89 -37.37
C TRP C 253 -2.44 -24.87 -38.03
N SER C 254 -2.67 -26.16 -37.81
CA SER C 254 -1.89 -27.25 -38.45
C SER C 254 -1.90 -27.23 -39.99
N THR C 255 -2.88 -26.57 -40.60
CA THR C 255 -2.93 -26.44 -42.06
C THR C 255 -2.69 -25.03 -42.59
N LEU C 256 -2.24 -24.11 -41.77
CA LEU C 256 -1.80 -22.81 -42.30
C LEU C 256 -0.46 -22.96 -43.01
N GLU C 257 -0.24 -22.12 -44.00
CA GLU C 257 0.99 -22.16 -44.78
C GLU C 257 2.11 -21.50 -43.95
N GLU C 258 3.12 -22.31 -43.61
CA GLU C 258 4.28 -21.93 -42.81
C GLU C 258 5.05 -20.76 -43.34
N LYS C 259 5.30 -20.73 -44.65
CA LYS C 259 5.93 -19.57 -45.31
C LYS C 259 5.23 -18.29 -44.82
N GLU C 260 3.90 -18.32 -44.86
CA GLU C 260 3.12 -17.12 -44.61
C GLU C 260 2.74 -16.92 -43.15
N TYR C 261 2.67 -17.98 -42.34
CA TYR C 261 2.51 -17.78 -40.89
C TYR C 261 3.63 -18.50 -40.18
N PRO C 262 4.74 -17.77 -39.93
CA PRO C 262 5.84 -18.42 -39.26
C PRO C 262 5.46 -18.96 -37.88
N GLY C 263 5.96 -20.17 -37.59
CA GLY C 263 5.64 -20.87 -36.36
C GLY C 263 4.34 -21.65 -36.40
N ALA C 264 3.52 -21.48 -37.45
CA ALA C 264 2.29 -22.29 -37.58
C ALA C 264 2.58 -23.65 -38.28
N HIS C 265 1.55 -24.43 -38.63
CA HIS C 265 1.73 -25.75 -39.32
C HIS C 265 2.37 -26.80 -38.40
N THR C 266 1.94 -26.78 -37.14
CA THR C 266 2.35 -27.75 -36.13
C THR C 266 1.08 -28.24 -35.42
N ALA C 267 1.20 -29.35 -34.69
CA ALA C 267 0.09 -29.90 -33.89
C ALA C 267 -0.10 -29.16 -32.54
N THR C 268 0.94 -28.42 -32.13
CA THR C 268 1.01 -27.80 -30.81
C THR C 268 1.14 -26.32 -30.97
N ILE C 269 0.97 -25.57 -29.87
CA ILE C 269 1.18 -24.14 -29.85
C ILE C 269 1.67 -23.66 -28.47
N LYS C 270 2.68 -22.78 -28.48
CA LYS C 270 3.28 -22.26 -27.27
C LYS C 270 2.26 -21.50 -26.49
N TYR C 271 2.29 -21.64 -25.19
CA TYR C 271 1.35 -20.94 -24.35
C TYR C 271 1.35 -19.45 -24.55
N THR C 272 2.51 -18.87 -24.87
CA THR C 272 2.64 -17.41 -25.05
C THR C 272 1.95 -16.98 -26.32
N SER C 273 1.98 -17.86 -27.31
CA SER C 273 1.26 -17.67 -28.54
C SER C 273 -0.25 -17.85 -28.39
N ALA C 274 -0.68 -18.83 -27.63
CA ALA C 274 -2.08 -18.99 -27.33
C ALA C 274 -2.62 -17.85 -26.48
N LEU C 275 -1.84 -17.32 -25.54
CA LEU C 275 -2.35 -16.12 -24.76
C LEU C 275 -2.43 -14.85 -25.68
N THR C 276 -1.55 -14.79 -26.66
CA THR C 276 -1.62 -13.71 -27.63
C THR C 276 -2.95 -13.71 -28.40
N TYR C 277 -3.43 -14.92 -28.72
CA TYR C 277 -4.62 -15.14 -29.54
C TYR C 277 -5.81 -14.84 -28.68
N ASP C 278 -5.83 -15.43 -27.48
CA ASP C 278 -6.78 -15.09 -26.41
C ASP C 278 -6.83 -13.58 -26.12
N ALA C 279 -5.68 -12.91 -26.05
CA ALA C 279 -5.69 -11.46 -25.78
C ALA C 279 -6.51 -10.71 -26.82
N VAL C 280 -6.36 -11.08 -28.09
CA VAL C 280 -7.12 -10.46 -29.19
C VAL C 280 -8.63 -10.59 -28.98
N GLN C 281 -9.07 -11.72 -28.44
CA GLN C 281 -10.48 -11.88 -28.11
C GLN C 281 -10.94 -10.97 -27.00
N VAL C 282 -10.13 -10.87 -25.95
CA VAL C 282 -10.43 -10.01 -24.80
C VAL C 282 -10.50 -8.52 -25.22
N MET C 283 -9.48 -8.08 -25.95
CA MET C 283 -9.45 -6.73 -26.50
C MET C 283 -10.73 -6.45 -27.33
N THR C 284 -11.04 -7.35 -28.24
CA THR C 284 -12.26 -7.25 -29.06
C THR C 284 -13.60 -7.31 -28.27
N GLU C 285 -13.67 -8.15 -27.24
CA GLU C 285 -14.83 -8.19 -26.37
C GLU C 285 -14.96 -6.92 -25.55
N ALA C 286 -13.85 -6.38 -25.07
CA ALA C 286 -13.88 -5.12 -24.32
C ALA C 286 -14.55 -4.01 -25.13
N PHE C 287 -14.19 -3.92 -26.41
CA PHE C 287 -14.79 -2.87 -27.26
C PHE C 287 -16.25 -3.09 -27.65
N ARG C 288 -16.67 -4.34 -27.76
CA ARG C 288 -18.09 -4.66 -27.95
C ARG C 288 -18.92 -4.30 -26.72
N ASN C 289 -18.39 -4.60 -25.55
CA ASN C 289 -19.06 -4.20 -24.32
C ASN C 289 -19.32 -2.67 -24.27
N LEU C 290 -18.33 -1.86 -24.64
CA LEU C 290 -18.46 -0.41 -24.68
C LEU C 290 -19.61 0.04 -25.64
N ARG C 291 -19.68 -0.60 -26.80
CA ARG C 291 -20.75 -0.34 -27.77
C ARG C 291 -22.10 -0.71 -27.16
N LYS C 292 -22.23 -1.97 -26.75
CA LYS C 292 -23.50 -2.47 -26.21
C LYS C 292 -24.01 -1.72 -24.97
N GLN C 293 -23.08 -1.17 -24.18
CA GLN C 293 -23.40 -0.38 -23.00
C GLN C 293 -23.54 1.11 -23.25
N ARG C 294 -23.43 1.52 -24.53
CA ARG C 294 -23.66 2.92 -24.92
C ARG C 294 -22.63 3.83 -24.21
N ILE C 295 -21.34 3.46 -24.25
CA ILE C 295 -20.26 4.25 -23.68
C ILE C 295 -19.44 4.73 -24.87
N GLU C 296 -19.44 6.03 -25.05
CA GLU C 296 -18.88 6.68 -26.24
C GLU C 296 -17.38 6.87 -26.08
N ILE C 297 -16.63 6.48 -27.11
CA ILE C 297 -15.16 6.52 -27.14
C ILE C 297 -14.79 7.87 -27.73
N SER C 298 -14.42 8.80 -26.87
CA SER C 298 -14.25 10.20 -27.26
C SER C 298 -13.00 10.44 -28.12
N ARG C 299 -13.11 11.41 -29.03
CA ARG C 299 -12.00 11.87 -29.86
C ARG C 299 -10.78 12.25 -29.00
N ARG C 300 -9.66 11.55 -29.24
CA ARG C 300 -8.38 11.85 -28.59
C ARG C 300 -7.77 13.13 -29.20
N GLY C 301 -8.28 14.26 -28.73
CA GLY C 301 -7.91 15.60 -29.22
C GLY C 301 -7.48 16.47 -28.05
N ASN C 302 -6.18 16.72 -27.85
CA ASN C 302 -5.05 16.30 -28.72
C ASN C 302 -4.18 15.23 -28.03
N ALA C 303 -3.78 14.21 -28.79
CA ALA C 303 -2.82 13.20 -28.28
C ALA C 303 -1.40 13.61 -28.74
N GLY C 304 -0.53 13.83 -27.76
CA GLY C 304 0.77 14.41 -28.04
C GLY C 304 1.76 13.96 -27.01
N ASP C 305 2.25 14.91 -26.20
CA ASP C 305 3.47 14.71 -25.44
C ASP C 305 3.33 13.56 -24.44
N CYS C 306 4.03 12.49 -24.76
CA CYS C 306 4.28 11.39 -23.85
C CYS C 306 4.84 11.88 -22.51
N LEU C 307 5.78 12.82 -22.59
CA LEU C 307 6.53 13.34 -21.46
C LEU C 307 5.99 14.69 -20.95
N ALA C 308 4.67 14.92 -21.03
CA ALA C 308 4.08 16.17 -20.56
C ALA C 308 4.30 16.38 -19.07
N ASN C 309 4.47 17.65 -18.66
CA ASN C 309 4.50 18.05 -17.24
C ASN C 309 3.60 19.28 -17.05
N PRO C 310 2.60 19.25 -16.16
CA PRO C 310 2.15 18.06 -15.43
C PRO C 310 1.59 16.94 -16.34
N ALA C 311 1.59 15.70 -15.83
CA ALA C 311 0.94 14.56 -16.52
C ALA C 311 -0.54 14.82 -16.81
N VAL C 312 -0.96 14.32 -17.98
CA VAL C 312 -2.30 14.56 -18.54
C VAL C 312 -3.02 13.22 -18.84
N PRO C 313 -3.67 12.61 -17.81
CA PRO C 313 -4.28 11.30 -18.07
C PRO C 313 -5.50 11.41 -18.98
N TRP C 314 -5.66 10.38 -19.83
CA TRP C 314 -6.88 10.22 -20.59
C TRP C 314 -8.07 9.91 -19.67
N GLY C 315 -9.12 10.74 -19.74
CA GLY C 315 -10.36 10.56 -18.97
C GLY C 315 -11.21 9.37 -19.38
N GLN C 316 -11.17 9.00 -20.66
CA GLN C 316 -11.79 7.77 -21.15
C GLN C 316 -11.02 6.48 -20.88
N GLY C 317 -9.80 6.57 -20.39
CA GLY C 317 -8.99 5.41 -20.16
C GLY C 317 -9.53 4.44 -19.12
N VAL C 318 -10.11 5.01 -18.07
CA VAL C 318 -10.78 4.24 -17.02
C VAL C 318 -11.85 3.32 -17.60
N GLU C 319 -12.56 3.78 -18.64
CA GLU C 319 -13.70 3.08 -19.28
C GLU C 319 -13.26 1.80 -19.98
N ILE C 320 -12.09 1.90 -20.59
CA ILE C 320 -11.54 0.85 -21.41
C ILE C 320 -11.01 -0.22 -20.45
N GLU C 321 -10.25 0.21 -19.44
CA GLU C 321 -9.78 -0.65 -18.36
C GLU C 321 -10.88 -1.47 -17.73
N ARG C 322 -11.97 -0.78 -17.40
CA ARG C 322 -13.09 -1.36 -16.66
C ARG C 322 -13.77 -2.42 -17.53
N ALA C 323 -14.02 -2.06 -18.78
CA ALA C 323 -14.49 -2.95 -19.84
C ALA C 323 -13.70 -4.25 -19.99
N LEU C 324 -12.37 -4.14 -20.08
CA LEU C 324 -11.50 -5.30 -20.23
C LEU C 324 -11.55 -6.22 -18.99
N LYS C 325 -11.59 -5.59 -17.81
CA LYS C 325 -11.64 -6.33 -16.54
C LYS C 325 -12.96 -7.03 -16.24
N GLN C 326 -14.02 -6.69 -16.96
CA GLN C 326 -15.28 -7.42 -16.80
C GLN C 326 -15.55 -8.48 -17.90
N VAL C 327 -14.69 -8.56 -18.92
CA VAL C 327 -14.81 -9.61 -19.98
C VAL C 327 -14.59 -10.99 -19.40
N GLN C 328 -15.46 -11.93 -19.71
CA GLN C 328 -15.25 -13.35 -19.45
C GLN C 328 -15.50 -14.11 -20.72
N VAL C 329 -14.44 -14.70 -21.28
CA VAL C 329 -14.53 -15.53 -22.47
C VAL C 329 -13.85 -16.85 -22.23
N GLU C 330 -14.08 -17.84 -23.09
CA GLU C 330 -13.27 -19.09 -23.07
C GLU C 330 -12.26 -18.99 -24.22
N GLY C 331 -11.04 -19.38 -24.00
CA GLY C 331 -10.10 -19.35 -25.09
C GLY C 331 -9.19 -20.55 -25.03
N LEU C 332 -8.08 -20.47 -25.73
CA LEU C 332 -7.16 -21.57 -25.74
C LEU C 332 -6.65 -21.90 -24.31
N SER C 333 -6.58 -20.89 -23.43
CA SER C 333 -6.11 -21.11 -22.06
C SER C 333 -7.20 -21.33 -21.01
N GLY C 334 -8.33 -21.89 -21.45
CA GLY C 334 -9.45 -22.18 -20.55
C GLY C 334 -10.31 -20.95 -20.27
N ASN C 335 -10.95 -20.92 -19.11
CA ASN C 335 -11.80 -19.78 -18.80
C ASN C 335 -10.91 -18.56 -18.61
N ILE C 336 -11.31 -17.46 -19.26
CA ILE C 336 -10.62 -16.18 -19.13
C ILE C 336 -11.52 -15.24 -18.32
N LYS C 337 -11.07 -14.86 -17.13
CA LYS C 337 -11.84 -14.09 -16.21
C LYS C 337 -10.84 -13.32 -15.39
N PHE C 338 -11.13 -12.06 -14.99
CA PHE C 338 -10.16 -11.23 -14.26
C PHE C 338 -10.77 -10.68 -13.02
N ASP C 339 -9.90 -10.45 -12.03
CA ASP C 339 -10.22 -9.73 -10.82
C ASP C 339 -9.92 -8.23 -11.05
N GLN C 340 -10.10 -7.41 -10.01
CA GLN C 340 -10.08 -5.98 -10.20
C GLN C 340 -8.69 -5.41 -10.37
N ASN C 341 -7.68 -6.24 -10.15
CA ASN C 341 -6.30 -5.89 -10.48
C ASN C 341 -5.78 -6.58 -11.76
N GLY C 342 -6.70 -7.02 -12.64
CA GLY C 342 -6.36 -7.57 -13.97
C GLY C 342 -5.61 -8.89 -14.00
N LYS C 343 -5.75 -9.70 -12.95
CA LYS C 343 -5.07 -11.00 -12.89
C LYS C 343 -6.09 -12.02 -13.24
N ARG C 344 -5.62 -13.13 -13.79
CA ARG C 344 -6.50 -14.24 -14.09
C ARG C 344 -7.07 -14.89 -12.84
N ILE C 345 -8.39 -15.10 -12.81
CA ILE C 345 -9.04 -15.93 -11.79
C ILE C 345 -9.99 -16.94 -12.45
N ASN C 346 -10.35 -17.93 -11.65
CA ASN C 346 -11.06 -19.12 -12.08
C ASN C 346 -10.45 -19.85 -13.27
N TYR C 347 -9.13 -19.90 -13.33
CA TYR C 347 -8.38 -20.74 -14.31
C TYR C 347 -8.06 -22.09 -13.70
N THR C 348 -7.61 -22.97 -14.57
CA THR C 348 -7.13 -24.31 -14.21
C THR C 348 -5.81 -24.51 -14.92
N ILE C 349 -4.86 -25.06 -14.21
CA ILE C 349 -3.60 -25.52 -14.81
C ILE C 349 -3.62 -27.07 -14.81
N ASN C 350 -3.40 -27.69 -15.95
CA ASN C 350 -3.28 -29.12 -16.03
C ASN C 350 -1.89 -29.51 -15.54
N ILE C 351 -1.85 -30.50 -14.64
CA ILE C 351 -0.64 -31.14 -14.14
C ILE C 351 -0.35 -32.31 -15.09
N MET C 352 0.91 -32.47 -15.44
CA MET C 352 1.30 -33.45 -16.39
C MET C 352 2.45 -34.26 -15.80
N GLU C 353 2.47 -35.56 -16.09
CA GLU C 353 3.60 -36.45 -15.80
C GLU C 353 3.99 -37.15 -17.09
N LEU C 354 5.29 -37.33 -17.30
CA LEU C 354 5.83 -37.96 -18.51
C LEU C 354 5.96 -39.47 -18.35
N LYS C 355 5.03 -40.19 -18.96
CA LYS C 355 5.04 -41.65 -18.97
C LYS C 355 5.89 -42.16 -20.14
N THR C 356 6.39 -43.41 -20.00
CA THR C 356 7.16 -44.09 -21.06
C THR C 356 6.44 -44.07 -22.43
N ASN C 357 5.10 -44.14 -22.40
CA ASN C 357 4.28 -43.83 -23.60
C ASN C 357 4.48 -42.38 -24.08
N GLY C 358 4.09 -41.40 -23.25
CA GLY C 358 4.20 -39.98 -23.59
C GLY C 358 3.57 -39.04 -22.54
N PRO C 359 3.41 -37.73 -22.90
CA PRO C 359 2.80 -36.73 -22.01
C PRO C 359 1.43 -37.17 -21.49
N ARG C 360 1.31 -37.40 -20.19
CA ARG C 360 -0.01 -37.72 -19.61
C ARG C 360 -0.44 -36.62 -18.64
N LYS C 361 -1.74 -36.42 -18.57
CA LYS C 361 -2.33 -35.49 -17.62
C LYS C 361 -2.79 -36.29 -16.42
N ILE C 362 -2.08 -36.18 -15.30
CA ILE C 362 -2.49 -36.87 -14.08
C ILE C 362 -3.51 -36.08 -13.26
N GLY C 363 -3.81 -34.86 -13.66
CA GLY C 363 -4.79 -34.03 -12.94
C GLY C 363 -4.60 -32.53 -13.13
N TYR C 364 -5.15 -31.75 -12.19
CA TYR C 364 -5.15 -30.31 -12.31
C TYR C 364 -5.32 -29.53 -11.00
N TRP C 365 -4.96 -28.26 -11.10
CA TRP C 365 -5.04 -27.31 -10.01
C TRP C 365 -5.97 -26.21 -10.51
N SER C 366 -7.00 -25.94 -9.73
CA SER C 366 -7.95 -24.89 -10.00
C SER C 366 -7.61 -23.73 -9.07
N GLU C 367 -7.73 -22.48 -9.52
CA GLU C 367 -7.47 -21.29 -8.69
C GLU C 367 -8.49 -21.12 -7.55
N VAL C 368 -9.68 -21.67 -7.78
CA VAL C 368 -10.82 -21.59 -6.85
C VAL C 368 -10.65 -22.44 -5.54
N ASP C 369 -10.03 -23.63 -5.61
CA ASP C 369 -9.72 -24.46 -4.40
C ASP C 369 -8.62 -25.58 -4.48
N LYS C 370 -7.44 -25.27 -5.03
CA LYS C 370 -6.31 -26.26 -5.12
C LYS C 370 -6.60 -27.58 -5.93
N MET C 371 -5.92 -28.68 -5.61
CA MET C 371 -5.64 -29.76 -6.62
C MET C 371 -6.70 -30.87 -6.77
N VAL C 372 -6.63 -31.60 -7.90
CA VAL C 372 -7.47 -32.80 -8.19
C VAL C 372 -6.78 -33.80 -9.19
N VAL C 373 -6.58 -35.05 -8.75
CA VAL C 373 -5.95 -36.11 -9.60
C VAL C 373 -6.96 -36.85 -10.48
N THR C 374 -6.47 -37.29 -11.65
CA THR C 374 -7.13 -38.25 -12.59
C THR C 374 -8.25 -37.60 -13.36
N PHE D 2 39.57 25.43 -22.94
CA PHE D 2 38.41 24.71 -22.35
C PHE D 2 37.32 25.71 -21.82
N PRO D 3 36.03 25.29 -21.78
CA PRO D 3 34.99 26.24 -21.34
C PRO D 3 35.04 26.59 -19.83
N SER D 4 34.44 27.70 -19.44
CA SER D 4 34.43 28.11 -18.02
C SER D 4 33.34 27.42 -17.19
N SER D 5 32.30 26.96 -17.88
CA SER D 5 31.11 26.32 -17.26
C SER D 5 30.92 24.91 -17.79
N VAL D 6 30.53 24.00 -16.90
CA VAL D 6 30.26 22.62 -17.27
C VAL D 6 28.92 22.30 -16.65
N GLN D 7 27.94 21.95 -17.50
CA GLN D 7 26.57 21.63 -17.06
C GLN D 7 26.42 20.16 -16.68
N ILE D 8 25.84 19.89 -15.52
CA ILE D 8 25.55 18.53 -15.05
C ILE D 8 24.12 18.43 -14.57
N GLY D 9 23.55 17.23 -14.65
CA GLY D 9 22.26 16.95 -14.07
C GLY D 9 22.38 16.43 -12.64
N GLY D 10 21.35 16.70 -11.87
CA GLY D 10 21.14 16.12 -10.54
C GLY D 10 19.73 15.57 -10.47
N LEU D 11 19.58 14.31 -10.07
CA LEU D 11 18.28 13.65 -9.96
C LEU D 11 18.23 13.02 -8.60
N PHE D 12 17.35 13.57 -7.76
CA PHE D 12 17.22 13.14 -6.40
C PHE D 12 15.84 12.60 -6.15
N ILE D 13 15.72 11.65 -5.22
CA ILE D 13 14.43 11.03 -4.89
C ILE D 13 13.90 11.53 -3.51
N ARG D 14 12.72 11.04 -3.14
CA ARG D 14 12.10 11.28 -1.82
C ARG D 14 13.06 11.01 -0.63
N ASN D 15 12.98 11.87 0.37
CA ASN D 15 13.68 11.66 1.64
C ASN D 15 15.22 11.57 1.50
N THR D 16 15.80 12.50 0.71
CA THR D 16 17.23 12.68 0.40
C THR D 16 17.76 14.14 0.68
N ASP D 17 17.24 14.74 1.75
CA ASP D 17 17.66 16.11 2.09
C ASP D 17 19.13 16.25 2.43
N GLN D 18 19.65 15.31 3.23
CA GLN D 18 21.05 15.37 3.63
C GLN D 18 22.01 15.09 2.48
N GLU D 19 21.67 14.11 1.64
CA GLU D 19 22.49 13.86 0.45
C GLU D 19 22.48 15.07 -0.47
N TYR D 20 21.34 15.75 -0.61
CA TYR D 20 21.32 16.90 -1.52
C TYR D 20 22.07 18.08 -0.90
N THR D 21 22.10 18.12 0.43
CA THR D 21 22.92 19.09 1.12
C THR D 21 24.38 18.81 0.82
N ALA D 22 24.75 17.55 0.87
CA ALA D 22 26.13 17.11 0.52
C ALA D 22 26.46 17.50 -0.91
N PHE D 23 25.51 17.35 -1.80
CA PHE D 23 25.71 17.68 -3.19
C PHE D 23 25.91 19.17 -3.37
N ARG D 24 25.02 19.99 -2.80
CA ARG D 24 25.07 21.47 -2.91
C ARG D 24 26.31 22.10 -2.30
N LEU D 25 26.90 21.43 -1.31
CA LEU D 25 28.13 21.88 -0.64
C LEU D 25 29.36 21.51 -1.46
N ALA D 26 29.36 20.27 -1.92
CA ALA D 26 30.43 19.78 -2.77
C ALA D 26 30.66 20.71 -3.94
N ILE D 27 29.57 21.21 -4.52
CA ILE D 27 29.53 22.12 -5.70
C ILE D 27 29.83 23.57 -5.38
N PHE D 28 29.43 24.01 -4.19
CA PHE D 28 29.80 25.34 -3.76
C PHE D 28 31.32 25.40 -3.44
N LEU D 29 31.87 24.39 -2.75
CA LEU D 29 33.30 24.39 -2.41
C LEU D 29 34.14 24.29 -3.65
N HIS D 30 33.74 23.44 -4.59
CA HIS D 30 34.42 23.38 -5.87
C HIS D 30 34.45 24.76 -6.55
N ASN D 31 33.29 25.37 -6.66
CA ASN D 31 33.17 26.61 -7.44
C ASN D 31 33.82 27.86 -6.72
N THR D 32 34.19 27.73 -5.44
CA THR D 32 34.83 28.83 -4.72
C THR D 32 36.29 28.56 -4.31
N SER D 33 36.86 27.41 -4.68
CA SER D 33 38.23 27.02 -4.31
C SER D 33 39.31 27.97 -4.82
N PRO D 34 40.24 28.38 -3.94
CA PRO D 34 41.47 29.05 -4.37
C PRO D 34 42.39 28.23 -5.30
N ASN D 35 42.47 26.91 -5.09
CA ASN D 35 43.27 25.98 -5.94
C ASN D 35 43.22 26.31 -7.45
N ALA D 36 44.42 26.42 -8.08
CA ALA D 36 44.60 26.54 -9.54
C ALA D 36 44.60 25.15 -10.21
N SER D 37 44.89 24.13 -9.40
CA SER D 37 44.72 22.72 -9.72
C SER D 37 43.92 22.05 -8.59
N ALA D 39 40.21 24.53 -9.73
CA ALA D 39 38.84 24.49 -10.21
C ALA D 39 38.57 25.47 -11.39
N PRO D 40 39.29 25.29 -12.54
CA PRO D 40 39.21 26.21 -13.71
C PRO D 40 37.84 26.27 -14.41
N PHE D 41 36.91 25.43 -13.99
CA PHE D 41 35.52 25.50 -14.42
C PHE D 41 34.58 25.63 -13.21
N ASN D 42 33.41 26.23 -13.44
CA ASN D 42 32.26 26.06 -12.53
C ASN D 42 31.40 24.88 -12.97
N LEU D 43 31.03 24.03 -12.01
CA LEU D 43 29.95 23.07 -12.21
C LEU D 43 28.62 23.80 -12.11
N VAL D 44 27.75 23.68 -13.11
CA VAL D 44 26.38 24.26 -13.04
C VAL D 44 25.35 23.11 -12.99
N PRO D 45 24.78 22.80 -11.80
CA PRO D 45 23.84 21.67 -11.68
C PRO D 45 22.44 22.01 -12.17
N HIS D 46 21.77 21.03 -12.80
CA HIS D 46 20.38 21.16 -13.20
C HIS D 46 19.60 20.05 -12.54
N VAL D 47 18.83 20.43 -11.52
CA VAL D 47 18.37 19.51 -10.52
C VAL D 47 16.87 19.31 -10.60
N ASP D 48 16.45 18.04 -10.54
CA ASP D 48 15.07 17.69 -10.21
C ASP D 48 15.04 16.82 -8.95
N ASN D 49 14.11 17.11 -8.05
CA ASN D 49 13.70 16.12 -7.08
C ASN D 49 12.34 15.56 -7.43
N ILE D 50 12.33 14.28 -7.80
CA ILE D 50 11.11 13.58 -8.28
C ILE D 50 10.32 12.75 -7.22
N GLU D 51 10.44 13.08 -5.93
CA GLU D 51 9.61 12.48 -4.87
C GLU D 51 9.53 10.95 -5.00
N THR D 52 8.35 10.34 -5.10
CA THR D 52 8.31 8.87 -5.31
C THR D 52 8.76 8.61 -6.75
N ALA D 53 9.89 7.92 -6.88
CA ALA D 53 10.52 7.62 -8.16
C ALA D 53 9.78 6.45 -8.80
N ASN D 54 9.36 6.67 -10.03
CA ASN D 54 8.86 5.64 -10.87
C ASN D 54 9.45 5.92 -12.24
N SER D 55 9.32 4.97 -13.15
CA SER D 55 9.83 5.16 -14.49
C SER D 55 9.30 6.47 -15.17
N PHE D 56 8.05 6.82 -14.95
CA PHE D 56 7.48 8.00 -15.59
C PHE D 56 8.23 9.28 -15.19
N ALA D 57 8.37 9.44 -13.88
CA ALA D 57 8.95 10.67 -13.36
C ALA D 57 10.43 10.70 -13.72
N VAL D 58 11.12 9.55 -13.69
CA VAL D 58 12.54 9.56 -14.03
C VAL D 58 12.85 9.76 -15.47
N THR D 59 11.93 9.41 -16.33
CA THR D 59 12.14 9.64 -17.77
C THR D 59 12.04 11.14 -18.03
N ASN D 60 11.03 11.78 -17.48
CA ASN D 60 10.83 13.21 -17.71
C ASN D 60 12.04 14.00 -17.13
N ALA D 61 12.58 13.56 -15.99
CA ALA D 61 13.67 14.22 -15.36
C ALA D 61 14.89 14.11 -16.20
N PHE D 62 15.23 12.89 -16.58
CA PHE D 62 16.33 12.67 -17.52
C PHE D 62 16.20 13.48 -18.80
N CYS D 63 15.02 13.43 -19.41
CA CYS D 63 14.76 14.10 -20.69
C CYS D 63 14.89 15.61 -20.58
N SER D 64 14.41 16.16 -19.49
CA SER D 64 14.59 17.57 -19.20
C SER D 64 16.07 17.96 -19.11
N GLN D 65 16.84 17.16 -18.39
CA GLN D 65 18.27 17.44 -18.17
C GLN D 65 19.11 17.16 -19.41
N TYR D 66 18.80 16.07 -20.11
CA TYR D 66 19.44 15.75 -21.38
C TYR D 66 19.23 16.87 -22.42
N SER D 67 18.06 17.51 -22.43
CA SER D 67 17.77 18.58 -23.38
C SER D 67 18.46 19.92 -23.02
N ARG D 68 18.84 20.08 -21.74
CA ARG D 68 19.62 21.24 -21.27
C ARG D 68 21.11 21.23 -21.62
N GLY D 69 21.61 20.13 -22.16
CA GLY D 69 23.01 20.02 -22.60
C GLY D 69 23.96 19.44 -21.57
N VAL D 70 23.42 18.71 -20.60
CA VAL D 70 24.29 18.17 -19.53
C VAL D 70 25.30 17.17 -20.08
N PHE D 71 26.49 17.20 -19.48
CA PHE D 71 27.59 16.30 -19.80
C PHE D 71 27.48 15.02 -18.95
N ALA D 72 26.92 15.14 -17.76
CA ALA D 72 26.67 13.96 -16.95
C ALA D 72 25.42 14.16 -16.15
N ILE D 73 25.02 13.09 -15.48
CA ILE D 73 23.95 13.10 -14.52
C ILE D 73 24.52 12.43 -13.24
N PHE D 74 24.51 13.16 -12.14
CA PHE D 74 24.49 12.59 -10.83
C PHE D 74 23.02 12.26 -10.43
N GLY D 75 22.71 10.97 -10.25
CA GLY D 75 21.36 10.51 -10.05
C GLY D 75 21.23 9.39 -9.04
N LEU D 76 20.11 9.41 -8.31
CA LEU D 76 19.73 8.36 -7.34
C LEU D 76 18.51 7.62 -7.90
N TYR D 77 18.48 6.30 -7.73
CA TYR D 77 17.34 5.53 -8.25
C TYR D 77 16.89 4.60 -7.17
N ASP D 78 15.74 4.00 -7.36
CA ASP D 78 15.31 2.87 -6.54
C ASP D 78 14.92 1.73 -7.50
N LYS D 79 14.50 0.61 -6.93
CA LYS D 79 14.06 -0.59 -7.67
C LYS D 79 13.07 -0.34 -8.82
N ARG D 80 12.32 0.74 -8.76
CA ARG D 80 11.36 1.09 -9.80
C ARG D 80 11.91 1.90 -10.95
N SER D 81 13.05 2.53 -10.75
CA SER D 81 13.54 3.46 -11.79
C SER D 81 14.88 3.06 -12.34
N VAL D 82 15.56 2.08 -11.74
CA VAL D 82 16.98 1.86 -12.07
C VAL D 82 17.14 1.53 -13.55
N HIS D 83 16.28 0.64 -14.06
CA HIS D 83 16.35 0.15 -15.45
C HIS D 83 16.14 1.25 -16.51
N THR D 84 15.17 2.14 -16.31
CA THR D 84 14.97 3.18 -17.32
C THR D 84 16.11 4.15 -17.27
N LEU D 85 16.64 4.44 -16.08
CA LEU D 85 17.69 5.45 -15.94
C LEU D 85 18.99 4.96 -16.53
N THR D 86 19.33 3.72 -16.25
CA THR D 86 20.58 3.19 -16.78
C THR D 86 20.46 2.95 -18.29
N SER D 87 19.28 2.53 -18.76
CA SER D 87 19.06 2.25 -20.18
C SER D 87 19.09 3.49 -21.08
N PHE D 88 18.51 4.59 -20.63
CA PHE D 88 18.56 5.90 -21.35
C PHE D 88 20.02 6.45 -21.39
N CYS D 89 20.69 6.44 -20.24
CA CYS D 89 22.12 6.76 -20.16
C CYS D 89 23.00 6.01 -21.14
N SER D 90 22.91 4.68 -21.15
CA SER D 90 23.74 3.88 -22.06
C SER D 90 23.34 4.01 -23.50
N ALA D 91 22.05 4.21 -23.75
CA ALA D 91 21.54 4.41 -25.12
C ALA D 91 22.06 5.71 -25.72
N LEU D 92 22.05 6.79 -24.93
CA LEU D 92 22.37 8.13 -25.44
C LEU D 92 23.80 8.60 -25.14
N HIS D 93 24.58 7.72 -24.50
CA HIS D 93 25.99 7.95 -24.09
C HIS D 93 26.23 9.14 -23.14
N ILE D 94 25.23 9.41 -22.29
CA ILE D 94 25.36 10.34 -21.17
C ILE D 94 25.75 9.51 -19.94
N SER D 95 26.79 9.88 -19.17
CA SER D 95 27.18 9.00 -18.07
C SER D 95 26.37 9.26 -16.78
N LEU D 96 26.13 8.18 -16.05
CA LEU D 96 25.46 8.22 -14.78
C LEU D 96 26.39 7.97 -13.63
N ILE D 97 26.49 8.93 -12.72
CA ILE D 97 27.24 8.72 -11.48
C ILE D 97 26.19 8.67 -10.37
N THR D 98 26.25 7.64 -9.54
CA THR D 98 25.17 7.32 -8.61
C THR D 98 25.67 6.69 -7.31
N PRO D 99 25.15 7.15 -6.16
CA PRO D 99 25.44 6.53 -4.86
C PRO D 99 24.47 5.42 -4.52
N SER D 100 23.54 5.11 -5.41
CA SER D 100 22.48 4.17 -5.05
C SER D 100 22.99 2.72 -5.09
N PHE D 101 22.09 1.79 -4.73
CA PHE D 101 22.42 0.38 -4.71
C PHE D 101 23.01 -0.08 -6.04
N PRO D 102 24.12 -0.84 -6.00
CA PRO D 102 24.69 -1.38 -7.22
C PRO D 102 23.90 -2.57 -7.77
N THR D 103 23.81 -2.65 -9.11
CA THR D 103 23.45 -3.85 -9.88
C THR D 103 24.36 -3.93 -11.12
N GLU D 104 24.61 -5.13 -11.62
CA GLU D 104 25.65 -5.38 -12.65
C GLU D 104 25.07 -5.58 -14.05
N GLY D 105 23.83 -5.13 -14.27
CA GLY D 105 23.21 -5.12 -15.59
C GLY D 105 23.82 -4.15 -16.61
N GLU D 106 23.70 -2.84 -16.36
CA GLU D 106 24.21 -1.81 -17.31
C GLU D 106 25.70 -1.60 -17.10
N SER D 107 26.49 -2.20 -17.98
CA SER D 107 27.92 -2.36 -17.77
C SER D 107 28.71 -1.29 -18.53
N GLN D 108 27.98 -0.33 -19.12
CA GLN D 108 28.54 0.91 -19.65
C GLN D 108 27.66 2.10 -19.21
N PHE D 109 28.32 3.25 -19.12
CA PHE D 109 27.75 4.57 -18.84
C PHE D 109 27.08 4.77 -17.47
N VAL D 110 27.45 3.94 -16.52
CA VAL D 110 27.03 4.00 -15.17
C VAL D 110 28.31 3.78 -14.29
N LEU D 111 28.55 4.74 -13.40
CA LEU D 111 29.63 4.70 -12.43
C LEU D 111 29.00 4.53 -11.04
N GLN D 112 29.30 3.41 -10.41
CA GLN D 112 28.66 3.02 -9.19
C GLN D 112 29.57 3.33 -8.04
N LEU D 113 29.33 4.44 -7.36
CA LEU D 113 30.09 4.83 -6.21
C LEU D 113 29.94 3.88 -5.03
N ARG D 114 28.80 3.21 -4.92
CA ARG D 114 28.55 2.37 -3.74
C ARG D 114 29.11 0.96 -3.95
N PRO D 115 30.17 0.60 -3.18
CA PRO D 115 30.75 -0.73 -3.29
C PRO D 115 29.79 -1.81 -2.80
N SER D 116 29.97 -3.03 -3.31
CA SER D 116 29.13 -4.16 -2.86
C SER D 116 29.50 -4.59 -1.44
N LEU D 117 28.50 -5.11 -0.75
CA LEU D 117 28.66 -5.67 0.58
C LEU D 117 28.72 -7.21 0.57
N ARG D 118 28.62 -7.78 -0.63
CA ARG D 118 28.64 -9.22 -0.90
C ARG D 118 29.86 -9.89 -0.28
N GLY D 119 31.01 -9.43 -0.74
CA GLY D 119 32.28 -9.99 -0.33
C GLY D 119 32.53 -9.84 1.16
N ALA D 120 32.32 -8.64 1.71
CA ALA D 120 32.57 -8.45 3.12
C ALA D 120 31.62 -9.26 3.96
N LEU D 121 30.39 -9.47 3.50
CA LEU D 121 29.43 -10.22 4.29
C LEU D 121 29.77 -11.72 4.34
N LEU D 122 30.29 -12.23 3.23
CA LEU D 122 30.68 -13.64 3.11
C LEU D 122 31.94 -14.00 3.89
N SER D 123 32.92 -13.09 3.94
CA SER D 123 34.17 -13.33 4.70
C SER D 123 33.90 -13.39 6.19
N LEU D 124 32.89 -12.65 6.64
CA LEU D 124 32.58 -12.59 8.04
C LEU D 124 31.85 -13.82 8.49
N LEU D 125 30.99 -14.35 7.65
CA LEU D 125 30.36 -15.63 7.96
C LEU D 125 31.39 -16.78 8.09
N ASP D 126 32.44 -16.78 7.24
CA ASP D 126 33.57 -17.74 7.36
C ASP D 126 34.28 -17.62 8.72
N HIS D 127 34.84 -16.45 8.98
CA HIS D 127 35.51 -16.16 10.26
C HIS D 127 34.67 -16.52 11.53
N TYR D 128 33.36 -16.25 11.51
CA TYR D 128 32.44 -16.56 12.62
C TYR D 128 31.90 -17.99 12.57
N GLU D 129 32.12 -18.68 11.45
CA GLU D 129 31.83 -20.12 11.28
C GLU D 129 30.35 -20.42 11.42
N TRP D 130 29.56 -19.66 10.68
CA TRP D 130 28.10 -19.81 10.76
C TRP D 130 27.64 -20.96 9.86
N ASN D 131 26.92 -21.90 10.48
CA ASN D 131 26.45 -23.16 9.88
C ASN D 131 24.98 -23.14 9.43
N CYS D 132 24.14 -22.72 10.36
CA CYS D 132 22.69 -22.81 10.32
C CYS D 132 22.21 -21.44 10.90
N PHE D 133 21.50 -20.66 10.09
CA PHE D 133 21.04 -19.30 10.47
C PHE D 133 19.84 -18.80 9.71
N VAL D 134 19.35 -17.64 10.08
CA VAL D 134 18.25 -17.06 9.37
C VAL D 134 18.69 -15.76 8.64
N PHE D 135 18.20 -15.61 7.40
CA PHE D 135 18.54 -14.47 6.54
C PHE D 135 17.28 -13.71 6.32
N LEU D 136 17.14 -12.59 7.03
CA LEU D 136 15.98 -11.71 6.83
C LEU D 136 16.30 -10.66 5.77
N TYR D 137 15.51 -10.62 4.69
CA TYR D 137 15.85 -9.73 3.54
C TYR D 137 14.69 -9.09 2.75
N ASP D 138 15.09 -8.13 1.91
CA ASP D 138 14.22 -7.59 0.89
C ASP D 138 15.01 -7.46 -0.44
N THR D 139 14.23 -7.46 -1.53
CA THR D 139 14.68 -7.31 -2.91
C THR D 139 14.84 -5.83 -3.34
N ASP D 140 14.70 -4.89 -2.41
CA ASP D 140 14.72 -3.49 -2.77
C ASP D 140 16.08 -3.00 -3.31
N ARG D 141 17.19 -3.72 -3.03
CA ARG D 141 18.50 -3.42 -3.62
C ARG D 141 19.00 -4.57 -4.55
N GLY D 142 18.06 -5.30 -5.15
CA GLY D 142 18.38 -6.40 -6.06
C GLY D 142 18.56 -7.69 -5.32
N TYR D 143 18.95 -8.73 -6.05
CA TYR D 143 19.06 -10.05 -5.46
C TYR D 143 20.49 -10.53 -5.27
N SER D 144 21.49 -9.65 -5.43
CA SER D 144 22.92 -10.07 -5.44
C SER D 144 23.36 -10.83 -4.18
N ILE D 145 22.98 -10.29 -3.01
CA ILE D 145 23.35 -10.92 -1.73
C ILE D 145 22.67 -12.27 -1.60
N LEU D 146 21.35 -12.30 -1.78
CA LEU D 146 20.55 -13.51 -1.63
C LEU D 146 21.08 -14.66 -2.49
N GLN D 147 21.51 -14.37 -3.71
CA GLN D 147 22.06 -15.40 -4.57
C GLN D 147 23.43 -15.90 -4.03
N ALA D 148 24.29 -14.96 -3.65
CA ALA D 148 25.60 -15.29 -3.02
C ALA D 148 25.45 -16.26 -1.84
N ILE D 149 24.50 -15.94 -0.98
CA ILE D 149 24.24 -16.72 0.21
C ILE D 149 23.60 -18.06 -0.08
N MET D 150 22.54 -18.11 -0.91
CA MET D 150 21.98 -19.37 -1.38
C MET D 150 23.01 -20.26 -2.11
N GLU D 151 23.94 -19.64 -2.84
CA GLU D 151 25.11 -20.35 -3.43
C GLU D 151 25.97 -21.01 -2.33
N LYS D 152 26.45 -20.19 -1.41
CA LYS D 152 27.32 -20.64 -0.33
C LYS D 152 26.61 -21.56 0.67
N ALA D 153 25.29 -21.51 0.75
CA ALA D 153 24.56 -22.52 1.54
C ALA D 153 24.60 -23.88 0.83
N GLY D 154 24.34 -23.87 -0.49
CA GLY D 154 24.46 -25.08 -1.34
C GLY D 154 25.88 -25.65 -1.42
N GLN D 155 26.86 -24.77 -1.66
CA GLN D 155 28.29 -25.13 -1.75
C GLN D 155 28.79 -25.80 -0.50
N ASN D 156 28.50 -25.21 0.67
CA ASN D 156 29.02 -25.67 1.96
C ASN D 156 27.98 -26.32 2.89
N GLY D 157 26.86 -26.78 2.35
CA GLY D 157 25.91 -27.54 3.16
C GLY D 157 25.18 -26.87 4.32
N TRP D 158 25.14 -25.52 4.34
CA TRP D 158 24.51 -24.75 5.45
C TRP D 158 23.00 -25.00 5.55
N HIS D 159 22.39 -24.63 6.66
CA HIS D 159 20.91 -24.68 6.81
C HIS D 159 20.44 -23.24 7.03
N VAL D 160 20.12 -22.52 5.95
CA VAL D 160 19.68 -21.11 5.96
C VAL D 160 18.21 -20.96 5.64
N SER D 161 17.48 -20.29 6.53
CA SER D 161 16.10 -19.97 6.35
C SER D 161 16.06 -18.51 5.84
N ALA D 162 15.68 -18.37 4.57
CA ALA D 162 15.61 -17.10 3.87
C ALA D 162 14.17 -16.62 3.81
N ILE D 163 13.85 -15.56 4.58
CA ILE D 163 12.48 -15.01 4.63
C ILE D 163 12.41 -13.55 4.04
N CYS D 164 11.57 -13.34 3.01
CA CYS D 164 11.41 -12.03 2.37
C CYS D 164 10.51 -11.18 3.24
N VAL D 165 11.11 -10.24 3.97
CA VAL D 165 10.37 -9.39 4.90
C VAL D 165 9.88 -8.08 4.24
N GLU D 166 9.65 -8.09 2.92
CA GLU D 166 9.28 -6.87 2.15
C GLU D 166 7.77 -6.66 2.33
N ASN D 167 7.32 -5.53 2.88
CA ASN D 167 5.91 -5.35 3.28
C ASN D 167 5.38 -6.29 4.41
N PHE D 168 6.28 -6.71 5.31
CA PHE D 168 5.91 -7.41 6.56
C PHE D 168 5.55 -6.37 7.62
N ASN D 169 4.44 -6.57 8.31
CA ASN D 169 3.97 -5.67 9.35
C ASN D 169 4.55 -6.03 10.72
N ASP D 170 4.22 -5.19 11.70
CA ASP D 170 4.51 -5.41 13.11
C ASP D 170 4.03 -6.74 13.69
N VAL D 171 2.82 -7.14 13.32
CA VAL D 171 2.25 -8.38 13.87
C VAL D 171 3.14 -9.60 13.47
N SER D 172 3.40 -9.73 12.16
CA SER D 172 4.16 -10.92 11.71
C SER D 172 5.59 -11.02 12.28
N TYR D 173 6.19 -9.90 12.67
CA TYR D 173 7.59 -9.89 13.05
C TYR D 173 7.84 -10.57 14.39
N ARG D 174 7.13 -10.12 15.43
CA ARG D 174 7.25 -10.71 16.77
C ARG D 174 6.89 -12.21 16.73
N GLN D 175 5.71 -12.49 16.17
CA GLN D 175 5.28 -13.82 15.86
C GLN D 175 6.36 -14.66 15.21
N LEU D 176 6.94 -14.14 14.11
CA LEU D 176 8.03 -14.82 13.39
C LEU D 176 9.23 -15.03 14.29
N LEU D 177 9.67 -13.95 14.93
CA LEU D 177 10.81 -14.04 15.86
C LEU D 177 10.58 -15.06 16.98
N GLU D 178 9.32 -15.17 17.43
CA GLU D 178 8.93 -16.19 18.42
C GLU D 178 9.09 -17.60 17.80
N GLU D 179 8.51 -17.80 16.62
CA GLU D 179 8.67 -19.07 15.87
C GLU D 179 10.13 -19.48 15.64
N LEU D 180 10.99 -18.52 15.34
CA LEU D 180 12.42 -18.80 15.15
C LEU D 180 13.17 -19.07 16.45
N ASP D 181 12.69 -18.50 17.56
CA ASP D 181 13.26 -18.85 18.88
C ASP D 181 13.03 -20.36 19.14
N ARG D 182 11.77 -20.82 18.97
CA ARG D 182 11.38 -22.24 19.06
C ARG D 182 12.27 -23.19 18.25
N ARG D 183 12.68 -22.74 17.06
CA ARG D 183 13.52 -23.53 16.13
C ARG D 183 15.03 -23.46 16.50
N GLN D 184 15.37 -22.86 17.65
CA GLN D 184 16.76 -22.71 18.13
C GLN D 184 17.67 -21.88 17.20
N GLU D 185 17.07 -20.85 16.59
CA GLU D 185 17.78 -19.91 15.70
C GLU D 185 18.19 -18.64 16.50
N LYS D 186 19.47 -18.54 16.81
CA LYS D 186 20.05 -17.39 17.51
C LYS D 186 20.94 -16.51 16.63
N LYS D 187 21.08 -16.88 15.36
CA LYS D 187 22.00 -16.20 14.45
C LYS D 187 21.18 -15.61 13.29
N PHE D 188 21.39 -14.34 13.00
CA PHE D 188 20.60 -13.61 12.03
C PHE D 188 21.50 -12.74 11.19
N VAL D 189 21.41 -12.89 9.86
CA VAL D 189 21.89 -11.86 8.99
C VAL D 189 20.65 -11.07 8.53
N ILE D 190 20.77 -9.75 8.66
CA ILE D 190 19.75 -8.81 8.20
C ILE D 190 20.29 -8.00 7.02
N ASP D 191 19.54 -8.03 5.91
CA ASP D 191 19.82 -7.25 4.69
C ASP D 191 18.51 -6.57 4.22
N CYS D 192 18.16 -5.44 4.82
CA CYS D 192 16.94 -4.66 4.49
C CYS D 192 17.25 -3.19 4.33
N GLU D 193 16.35 -2.49 3.60
CA GLU D 193 16.33 -1.02 3.57
C GLU D 193 16.35 -0.48 5.00
N ILE D 194 17.08 0.61 5.21
CA ILE D 194 17.36 1.14 6.56
C ILE D 194 16.12 1.36 7.42
N GLU D 195 15.06 1.90 6.81
CA GLU D 195 13.78 2.08 7.48
C GLU D 195 13.32 0.77 8.11
N ARG D 196 13.37 -0.28 7.32
CA ARG D 196 12.92 -1.59 7.75
C ARG D 196 13.84 -2.26 8.77
N LEU D 197 15.14 -2.02 8.62
CA LEU D 197 16.12 -2.45 9.60
C LEU D 197 15.81 -1.94 11.00
N GLN D 198 15.67 -0.64 11.12
CA GLN D 198 15.33 -0.03 12.41
C GLN D 198 14.10 -0.71 13.01
N ASN D 199 13.09 -0.96 12.18
CA ASN D 199 11.87 -1.56 12.65
C ASN D 199 12.05 -2.99 13.18
N ILE D 200 12.84 -3.80 12.46
CA ILE D 200 13.11 -5.18 12.86
C ILE D 200 13.82 -5.14 14.19
N LEU D 201 14.75 -4.22 14.30
CA LEU D 201 15.50 -4.04 15.53
C LEU D 201 14.57 -3.72 16.70
N GLU D 202 13.60 -2.83 16.49
CA GLU D 202 12.55 -2.55 17.49
C GLU D 202 11.82 -3.88 17.81
N GLN D 203 11.36 -4.59 16.77
CA GLN D 203 10.62 -5.85 16.99
C GLN D 203 11.43 -6.92 17.74
N ILE D 204 12.69 -7.13 17.36
CA ILE D 204 13.57 -8.07 18.07
C ILE D 204 13.64 -7.73 19.57
N VAL D 205 13.69 -6.43 19.89
CA VAL D 205 13.71 -5.99 21.30
C VAL D 205 12.39 -6.29 22.04
N SER D 206 11.23 -5.95 21.45
CA SER D 206 9.91 -6.35 22.01
C SER D 206 9.92 -7.79 22.49
N VAL D 207 10.36 -8.68 21.61
CA VAL D 207 10.42 -10.11 21.91
C VAL D 207 11.46 -10.47 23.02
N GLY D 208 12.45 -9.62 23.25
CA GLY D 208 13.50 -9.87 24.25
C GLY D 208 14.63 -10.72 23.71
N LYS D 209 14.87 -10.58 22.39
CA LYS D 209 15.95 -11.28 21.66
C LYS D 209 17.09 -10.29 21.33
N HIS D 210 17.30 -9.33 22.24
CA HIS D 210 18.35 -8.32 22.11
C HIS D 210 19.53 -8.54 23.09
N VAL D 211 19.72 -9.77 23.54
CA VAL D 211 20.54 -10.09 24.73
C VAL D 211 21.54 -11.22 24.48
N LYS D 212 22.38 -11.51 25.46
CA LYS D 212 23.39 -12.62 25.36
C LYS D 212 22.82 -13.91 24.79
N GLY D 213 23.52 -14.47 23.80
CA GLY D 213 23.10 -15.66 23.08
C GLY D 213 22.80 -15.34 21.64
N TYR D 214 22.15 -14.20 21.40
CA TYR D 214 21.71 -13.78 20.06
C TYR D 214 22.84 -13.07 19.33
N HIS D 215 22.98 -13.34 18.02
CA HIS D 215 24.02 -12.69 17.21
C HIS D 215 23.39 -12.13 15.90
N TYR D 216 23.77 -10.90 15.55
CA TYR D 216 23.16 -10.12 14.45
C TYR D 216 24.27 -9.60 13.54
N ILE D 217 24.27 -9.96 12.27
CA ILE D 217 25.18 -9.30 11.32
C ILE D 217 24.31 -8.35 10.48
N ILE D 218 24.60 -7.05 10.56
CA ILE D 218 23.77 -6.05 9.86
C ILE D 218 24.44 -5.63 8.56
N ALA D 219 23.86 -6.04 7.44
CA ALA D 219 24.51 -5.85 6.16
C ALA D 219 24.12 -4.49 5.58
N ASN D 220 24.78 -3.45 6.08
CA ASN D 220 24.80 -2.18 5.41
C ASN D 220 26.04 -1.44 5.79
N LEU D 221 26.21 -0.28 5.18
CA LEU D 221 27.49 0.41 5.21
C LEU D 221 27.62 1.53 6.24
N GLY D 222 26.64 1.69 7.13
CA GLY D 222 26.70 2.78 8.12
C GLY D 222 26.24 2.28 9.46
N PHE D 223 27.04 1.37 10.02
CA PHE D 223 26.77 0.78 11.33
C PHE D 223 26.63 1.84 12.42
N LYS D 224 27.38 2.93 12.30
CA LYS D 224 27.39 3.95 13.35
C LYS D 224 26.10 4.81 13.41
N ASP D 225 25.26 4.79 12.34
CA ASP D 225 23.95 5.50 12.29
C ASP D 225 22.79 4.62 12.76
N ILE D 226 23.09 3.40 13.17
CA ILE D 226 22.05 2.49 13.64
C ILE D 226 21.94 2.69 15.14
N SER D 227 20.69 2.88 15.59
CA SER D 227 20.43 3.15 17.00
C SER D 227 20.39 1.84 17.77
N LEU D 228 21.43 1.58 18.55
CA LEU D 228 21.60 0.28 19.21
C LEU D 228 21.90 0.47 20.70
N GLU D 229 21.26 1.44 21.30
CA GLU D 229 21.39 1.66 22.72
C GLU D 229 20.82 0.52 23.49
N ARG D 230 19.65 0.04 23.08
CA ARG D 230 19.04 -1.04 23.83
C ARG D 230 19.77 -2.38 23.64
N PHE D 231 20.47 -2.54 22.52
CA PHE D 231 21.31 -3.70 22.26
C PHE D 231 22.63 -3.66 23.03
N ILE D 232 23.17 -2.46 23.25
CA ILE D 232 24.33 -2.28 24.13
C ILE D 232 24.02 -2.83 25.54
N HIS D 233 22.86 -2.45 26.09
CA HIS D 233 22.47 -2.86 27.43
C HIS D 233 21.93 -4.28 27.50
N GLY D 234 21.17 -4.70 26.50
CA GLY D 234 20.64 -6.06 26.42
C GLY D 234 21.71 -7.14 26.32
N GLY D 235 22.77 -6.85 25.58
CA GLY D 235 23.96 -7.72 25.48
C GLY D 235 24.00 -8.77 24.37
N ALA D 236 23.17 -8.66 23.33
CA ALA D 236 23.41 -9.51 22.15
C ALA D 236 24.62 -8.96 21.39
N ASN D 237 25.31 -9.84 20.69
CA ASN D 237 26.45 -9.42 19.87
C ASN D 237 25.88 -9.00 18.51
N VAL D 238 26.37 -7.87 18.02
CA VAL D 238 25.93 -7.25 16.78
C VAL D 238 27.22 -6.84 16.08
N THR D 239 27.24 -7.04 14.78
CA THR D 239 28.40 -6.79 13.95
C THR D 239 27.96 -6.04 12.73
N GLY D 240 28.77 -5.11 12.27
CA GLY D 240 28.42 -4.43 11.04
C GLY D 240 29.56 -3.75 10.35
N PHE D 241 29.21 -2.96 9.34
CA PHE D 241 30.18 -2.36 8.44
C PHE D 241 30.03 -0.87 8.42
N GLN D 242 31.13 -0.23 8.04
CA GLN D 242 31.25 1.21 8.21
C GLN D 242 32.20 1.74 7.17
N LEU D 243 31.63 2.37 6.15
CA LEU D 243 32.39 2.88 5.01
C LEU D 243 33.14 4.18 5.31
N VAL D 244 32.55 5.08 6.08
CA VAL D 244 33.13 6.40 6.38
C VAL D 244 34.04 6.28 7.61
N ASP D 245 35.31 6.60 7.43
CA ASP D 245 36.31 6.56 8.52
C ASP D 245 36.43 7.96 9.11
N PHE D 246 35.80 8.17 10.26
CA PHE D 246 35.80 9.50 10.88
C PHE D 246 37.16 9.96 11.47
N ASN D 247 38.14 9.07 11.58
CA ASN D 247 39.47 9.45 12.07
C ASN D 247 40.40 10.05 11.02
N THR D 248 40.02 10.03 9.74
CA THR D 248 40.92 10.44 8.65
C THR D 248 40.91 11.97 8.47
N PRO D 249 42.04 12.57 8.05
CA PRO D 249 42.21 14.05 7.92
C PRO D 249 41.20 14.73 7.00
N MET D 250 40.91 14.02 5.92
CA MET D 250 39.93 14.44 4.92
C MET D 250 38.52 14.59 5.49
N VAL D 251 38.05 13.55 6.18
CA VAL D 251 36.73 13.60 6.84
C VAL D 251 36.69 14.62 7.96
N THR D 252 37.70 14.60 8.82
CA THR D 252 37.78 15.59 9.94
C THR D 252 37.66 17.00 9.41
N LYS D 253 38.41 17.33 8.36
CA LYS D 253 38.42 18.72 7.88
C LYS D 253 37.01 19.08 7.33
N LEU D 254 36.41 18.23 6.48
CA LEU D 254 35.01 18.46 6.07
C LEU D 254 34.07 18.54 7.25
N MET D 255 34.23 17.71 8.28
CA MET D 255 33.35 17.82 9.46
C MET D 255 33.49 19.15 10.17
N ASP D 256 34.69 19.75 10.17
CA ASP D 256 34.83 21.11 10.74
C ASP D 256 33.91 22.08 9.96
N ARG D 257 33.86 21.95 8.62
CA ARG D 257 32.94 22.77 7.76
C ARG D 257 31.46 22.42 7.99
N TRP D 258 31.19 21.12 8.08
CA TRP D 258 29.85 20.53 8.11
C TRP D 258 29.10 21.00 9.31
N LYS D 259 29.81 21.02 10.44
CA LYS D 259 29.22 21.39 11.71
C LYS D 259 28.96 22.91 11.87
N LYS D 260 29.55 23.72 10.99
CA LYS D 260 29.36 25.18 11.01
C LYS D 260 28.31 25.65 9.96
N LEU D 261 27.72 24.70 9.25
CA LEU D 261 26.69 24.98 8.27
C LEU D 261 25.45 25.40 8.98
N ASP D 262 24.73 26.31 8.37
CA ASP D 262 23.45 26.76 8.86
C ASP D 262 22.39 25.71 8.52
N GLN D 263 21.74 25.20 9.54
CA GLN D 263 20.74 24.09 9.45
C GLN D 263 19.53 24.34 8.48
N ARG D 264 19.21 25.60 8.25
CA ARG D 264 18.10 26.05 7.41
C ARG D 264 18.52 26.17 5.95
N GLU D 265 19.73 26.61 5.73
CA GLU D 265 20.36 26.57 4.41
C GLU D 265 20.71 25.15 3.95
N TYR D 266 21.04 24.21 4.85
CA TYR D 266 21.61 22.91 4.54
C TYR D 266 21.04 21.85 5.50
N PRO D 267 19.78 21.37 5.23
CA PRO D 267 19.10 20.44 6.15
C PRO D 267 19.78 19.15 6.14
N GLY D 268 19.83 18.52 7.28
CA GLY D 268 20.57 17.29 7.47
C GLY D 268 21.96 17.49 8.06
N SER D 269 22.48 18.73 8.01
CA SER D 269 23.84 19.06 8.51
C SER D 269 23.97 19.05 10.02
N GLU D 270 22.84 19.06 10.72
CA GLU D 270 22.80 19.03 12.20
C GLU D 270 23.01 17.59 12.81
N THR D 271 23.23 16.57 11.95
CA THR D 271 23.62 15.22 12.36
C THR D 271 24.77 14.88 11.43
N PRO D 272 25.57 13.85 11.77
CA PRO D 272 26.71 13.55 10.90
C PRO D 272 26.27 12.88 9.59
N PRO D 273 27.14 12.88 8.57
CA PRO D 273 26.71 12.43 7.24
C PRO D 273 26.64 10.95 7.13
N LYS D 274 25.54 10.47 6.57
CA LYS D 274 25.34 9.04 6.42
C LYS D 274 26.19 8.62 5.22
N TYR D 275 26.42 7.32 5.06
CA TYR D 275 27.31 6.84 4.00
C TYR D 275 26.82 7.33 2.62
N THR D 276 25.51 7.49 2.45
CA THR D 276 24.98 7.90 1.18
C THR D 276 25.19 9.41 0.92
N SER D 277 25.10 10.26 1.96
CA SER D 277 25.55 11.63 1.81
C SER D 277 27.03 11.72 1.54
N ALA D 278 27.82 10.89 2.20
CA ALA D 278 29.29 10.95 2.02
C ALA D 278 29.65 10.46 0.61
N LEU D 279 28.84 9.55 0.06
CA LEU D 279 29.06 9.05 -1.31
C LEU D 279 28.68 10.15 -2.28
N THR D 280 27.69 10.95 -1.92
CA THR D 280 27.17 11.98 -2.84
C THR D 280 28.21 13.06 -3.02
N TYR D 281 28.87 13.44 -1.92
CA TYR D 281 29.99 14.41 -1.94
C TYR D 281 31.13 13.83 -2.77
N ASP D 282 31.42 12.56 -2.55
CA ASP D 282 32.48 11.91 -3.32
C ASP D 282 32.18 11.85 -4.79
N GLY D 283 30.90 11.72 -5.12
CA GLY D 283 30.48 11.65 -6.51
C GLY D 283 30.76 12.91 -7.26
N VAL D 284 30.47 14.05 -6.64
CA VAL D 284 30.80 15.36 -7.23
C VAL D 284 32.31 15.50 -7.38
N LEU D 285 33.10 14.97 -6.43
CA LEU D 285 34.60 14.99 -6.47
C LEU D 285 35.12 14.21 -7.64
N VAL D 286 34.50 13.05 -7.85
CA VAL D 286 34.70 12.20 -9.05
C VAL D 286 34.36 12.90 -10.36
N MET D 287 33.24 13.58 -10.40
CA MET D 287 32.82 14.33 -11.61
C MET D 287 33.83 15.42 -11.91
N ALA D 288 34.21 16.15 -10.87
CA ALA D 288 35.28 17.16 -10.94
C ALA D 288 36.60 16.62 -11.52
N GLU D 289 37.11 15.57 -10.93
CA GLU D 289 38.40 15.11 -11.34
C GLU D 289 38.35 14.60 -12.79
N THR D 290 37.27 13.90 -13.17
CA THR D 290 37.02 13.46 -14.54
C THR D 290 37.05 14.56 -15.61
N PHE D 291 36.34 15.66 -15.37
CA PHE D 291 36.41 16.83 -16.28
C PHE D 291 37.85 17.37 -16.32
N ARG D 292 38.48 17.49 -15.14
CA ARG D 292 39.84 17.97 -15.04
C ARG D 292 40.77 17.15 -15.96
N SER D 293 40.74 15.83 -15.84
CA SER D 293 41.56 14.92 -16.66
C SER D 293 41.29 15.02 -18.16
N LEU D 294 40.03 15.26 -18.54
CA LEU D 294 39.70 15.48 -19.95
C LEU D 294 40.36 16.76 -20.52
N ARG D 295 40.48 17.81 -19.71
CA ARG D 295 41.24 19.01 -20.12
C ARG D 295 42.73 18.78 -20.27
N ARG D 296 43.33 18.03 -19.35
CA ARG D 296 44.73 17.60 -19.51
C ARG D 296 44.93 16.75 -20.75
N GLN D 297 43.93 15.93 -21.09
CA GLN D 297 43.93 15.14 -22.32
C GLN D 297 43.70 15.99 -23.57
N LYS D 298 43.18 17.21 -23.40
CA LYS D 298 42.96 18.16 -24.50
C LYS D 298 41.82 17.63 -25.37
N ILE D 299 40.65 17.60 -24.75
CA ILE D 299 39.38 17.30 -25.42
C ILE D 299 38.35 18.40 -25.05
N ASP D 300 37.97 19.23 -26.03
CA ASP D 300 36.97 20.30 -25.87
C ASP D 300 35.57 19.72 -26.01
N ILE D 301 35.15 18.97 -24.99
CA ILE D 301 33.82 18.28 -25.00
C ILE D 301 32.70 19.29 -25.23
N SER D 302 31.78 18.98 -26.14
CA SER D 302 30.68 19.89 -26.49
C SER D 302 29.41 19.13 -26.88
N ARG D 303 28.24 19.68 -26.56
CA ARG D 303 27.00 19.10 -26.98
C ARG D 303 26.19 20.04 -27.88
N ARG D 304 26.83 21.06 -28.49
CA ARG D 304 26.20 22.15 -29.27
C ARG D 304 25.36 21.69 -30.48
N ALA D 307 21.00 18.44 -30.28
CA ALA D 307 19.59 18.08 -30.52
C ALA D 307 18.68 18.18 -29.29
N GLY D 308 19.14 17.59 -28.19
CA GLY D 308 18.45 17.63 -26.91
C GLY D 308 17.08 16.96 -26.81
N ASP D 309 16.74 15.99 -27.68
CA ASP D 309 15.46 15.28 -27.58
C ASP D 309 15.71 13.80 -27.30
N CYS D 310 15.40 13.37 -26.08
CA CYS D 310 15.58 11.96 -25.65
C CYS D 310 14.70 10.95 -26.40
N LEU D 311 13.53 11.36 -26.89
CA LEU D 311 12.64 10.45 -27.63
C LEU D 311 12.96 10.32 -29.15
N ALA D 312 14.03 10.95 -29.63
CA ALA D 312 14.27 11.14 -31.06
C ALA D 312 14.72 9.84 -31.73
N ASN D 313 13.99 9.45 -32.79
CA ASN D 313 14.31 8.29 -33.61
C ASN D 313 14.74 8.75 -35.01
N PRO D 314 15.91 8.34 -35.49
CA PRO D 314 16.87 7.49 -34.76
C PRO D 314 17.54 8.20 -33.57
N ALA D 315 17.96 7.39 -32.58
CA ALA D 315 18.80 7.86 -31.48
C ALA D 315 20.09 8.47 -32.02
N ALA D 316 20.45 9.66 -31.50
CA ALA D 316 21.73 10.31 -31.77
C ALA D 316 22.61 10.33 -30.49
N PRO D 317 23.32 9.20 -30.20
CA PRO D 317 24.13 9.16 -28.97
C PRO D 317 25.28 10.13 -29.05
N TRP D 318 25.70 10.64 -27.89
CA TRP D 318 26.81 11.59 -27.79
C TRP D 318 28.16 10.91 -28.11
N GLY D 319 28.77 11.27 -29.24
CA GLY D 319 30.01 10.65 -29.73
C GLY D 319 31.22 10.80 -28.80
N GLN D 320 31.34 11.95 -28.15
CA GLN D 320 32.38 12.20 -27.14
C GLN D 320 32.03 11.68 -25.73
N GLY D 321 30.80 11.24 -25.55
CA GLY D 321 30.38 10.55 -24.33
C GLY D 321 31.20 9.30 -23.98
N ILE D 322 31.75 8.65 -25.01
CA ILE D 322 32.65 7.52 -24.80
C ILE D 322 33.97 7.92 -24.08
N ASP D 323 34.52 9.11 -24.41
CA ASP D 323 35.72 9.66 -23.74
C ASP D 323 35.37 10.07 -22.30
N MET D 324 34.24 10.74 -22.16
CA MET D 324 33.64 11.03 -20.85
C MET D 324 33.62 9.79 -19.95
N GLU D 325 33.02 8.74 -20.47
CA GLU D 325 32.91 7.47 -19.79
C GLU D 325 34.28 6.87 -19.40
N ARG D 326 35.17 6.76 -20.38
CA ARG D 326 36.49 6.12 -20.18
C ARG D 326 37.35 6.88 -19.17
N THR D 327 37.26 8.20 -19.16
CA THR D 327 37.93 9.01 -18.12
C THR D 327 37.36 8.83 -16.71
N LEU D 328 36.02 8.83 -16.59
CA LEU D 328 35.35 8.57 -15.31
C LEU D 328 35.85 7.28 -14.66
N LYS D 329 35.94 6.22 -15.45
CA LYS D 329 36.44 4.90 -14.98
C LYS D 329 37.96 4.83 -14.65
N GLN D 330 38.73 5.82 -15.08
CA GLN D 330 40.17 5.99 -14.78
C GLN D 330 40.46 6.88 -13.57
N VAL D 331 39.43 7.52 -13.01
CA VAL D 331 39.62 8.42 -11.88
C VAL D 331 40.14 7.64 -10.67
N ARG D 332 40.93 8.33 -9.86
CA ARG D 332 41.56 7.78 -8.67
C ARG D 332 41.78 8.90 -7.68
N ILE D 333 40.92 9.00 -6.66
CA ILE D 333 41.10 10.02 -5.61
C ILE D 333 40.79 9.50 -4.22
N GLN D 334 41.24 10.26 -3.21
CA GLN D 334 40.73 10.12 -1.85
C GLN D 334 39.46 10.95 -1.62
N GLY D 335 38.55 10.39 -0.85
CA GLY D 335 37.31 11.07 -0.51
C GLY D 335 36.86 10.60 0.84
N LEU D 336 35.69 11.02 1.24
CA LEU D 336 35.16 10.67 2.54
C LEU D 336 34.94 9.19 2.72
N THR D 337 34.65 8.52 1.61
CA THR D 337 34.51 7.09 1.59
C THR D 337 35.88 6.41 1.29
N GLY D 338 37.00 7.10 1.55
CA GLY D 338 38.29 6.48 1.40
C GLY D 338 38.75 6.52 -0.01
N ASN D 339 39.49 5.49 -0.42
CA ASN D 339 40.02 5.40 -1.77
C ASN D 339 38.91 5.19 -2.80
N VAL D 340 38.82 6.04 -3.81
CA VAL D 340 37.77 5.94 -4.80
C VAL D 340 38.37 5.53 -6.13
N GLN D 341 38.11 4.29 -6.56
CA GLN D 341 38.39 3.92 -7.95
C GLN D 341 37.50 2.80 -8.42
N PHE D 342 37.50 2.57 -9.74
CA PHE D 342 36.50 1.70 -10.43
C PHE D 342 37.14 0.85 -11.51
N ASP D 343 36.41 -0.21 -11.90
CA ASP D 343 36.86 -1.12 -12.94
C ASP D 343 36.07 -0.85 -14.22
N HIS D 344 36.37 -1.57 -15.27
CA HIS D 344 35.76 -1.33 -16.58
C HIS D 344 34.24 -1.60 -16.60
N TYR D 345 33.77 -2.48 -15.73
CA TYR D 345 32.33 -2.72 -15.48
C TYR D 345 31.63 -1.60 -14.67
N GLY D 346 32.40 -0.64 -14.17
CA GLY D 346 31.91 0.53 -13.44
C GLY D 346 31.81 0.40 -11.93
N ARG D 347 32.14 -0.76 -11.35
CA ARG D 347 31.97 -1.01 -9.91
C ARG D 347 33.22 -0.61 -9.15
N ARG D 348 33.07 -0.28 -7.87
CA ARG D 348 34.18 0.20 -7.04
C ARG D 348 35.17 -0.92 -6.84
N VAL D 349 36.46 -0.61 -6.93
CA VAL D 349 37.52 -1.55 -6.53
C VAL D 349 38.53 -0.83 -5.69
N ASN D 350 39.30 -1.61 -4.98
CA ASN D 350 40.34 -1.13 -4.06
C ASN D 350 39.79 -0.17 -3.02
N TYR D 351 38.73 -0.63 -2.37
CA TYR D 351 38.03 0.11 -1.32
C TYR D 351 38.24 -0.66 -0.05
N THR D 352 38.12 0.06 1.07
CA THR D 352 38.15 -0.52 2.40
C THR D 352 36.92 -0.06 3.17
N MET D 353 36.56 -0.87 4.16
CA MET D 353 35.55 -0.51 5.13
C MET D 353 35.92 -1.07 6.50
N ASP D 354 35.48 -0.38 7.53
CA ASP D 354 35.71 -0.85 8.86
C ASP D 354 34.65 -1.88 9.25
N VAL D 355 35.06 -2.80 10.12
CA VAL D 355 34.17 -3.77 10.72
C VAL D 355 34.12 -3.41 12.18
N PHE D 356 32.91 -3.36 12.73
CA PHE D 356 32.66 -2.86 14.07
C PHE D 356 31.82 -3.87 14.80
N GLU D 357 32.07 -4.01 16.07
CA GLU D 357 31.31 -4.92 16.89
C GLU D 357 30.75 -4.11 18.02
N LEU D 358 29.59 -4.56 18.51
CA LEU D 358 28.91 -3.88 19.59
C LEU D 358 29.43 -4.39 20.93
N LYS D 359 30.11 -3.51 21.69
CA LYS D 359 30.55 -3.76 23.06
C LYS D 359 29.74 -2.83 23.99
N SER D 360 29.85 -3.04 25.31
CA SER D 360 29.18 -2.18 26.31
C SER D 360 29.51 -0.66 26.23
N THR D 361 30.73 -0.36 25.80
CA THR D 361 31.16 1.02 25.51
C THR D 361 30.48 1.66 24.29
N GLY D 362 29.87 0.83 23.43
CA GLY D 362 29.42 1.24 22.11
C GLY D 362 30.26 0.58 21.02
N PRO D 363 30.09 0.99 19.76
CA PRO D 363 30.70 0.30 18.61
C PRO D 363 32.24 0.37 18.56
N ARG D 364 32.88 -0.79 18.66
CA ARG D 364 34.33 -0.88 18.65
C ARG D 364 34.79 -1.49 17.33
N LYS D 365 35.73 -0.81 16.67
CA LYS D 365 36.50 -1.40 15.57
C LYS D 365 37.30 -2.68 15.94
N VAL D 366 36.84 -3.83 15.44
CA VAL D 366 37.62 -5.07 15.54
C VAL D 366 38.53 -5.34 14.32
N GLY D 367 38.48 -4.47 13.31
CA GLY D 367 39.18 -4.73 12.05
C GLY D 367 38.74 -3.93 10.82
N TYR D 368 39.07 -4.50 9.66
CA TYR D 368 38.64 -3.97 8.39
C TYR D 368 38.43 -5.11 7.40
N TRP D 369 37.76 -4.82 6.30
CA TRP D 369 37.76 -5.63 5.11
C TRP D 369 38.08 -4.73 3.94
N ASN D 370 38.83 -5.29 3.04
CA ASN D 370 39.37 -4.62 1.90
C ASN D 370 39.25 -5.64 0.81
N ASP D 371 38.99 -5.20 -0.41
CA ASP D 371 38.71 -6.22 -1.43
C ASP D 371 39.94 -6.98 -1.93
N MET D 372 41.14 -6.52 -1.60
CA MET D 372 42.39 -7.23 -1.89
C MET D 372 42.78 -8.12 -0.69
N ASP D 373 42.86 -7.51 0.49
CA ASP D 373 43.31 -8.26 1.70
C ASP D 373 42.20 -9.15 2.33
N LYS D 374 40.93 -8.89 2.01
CA LYS D 374 39.76 -9.50 2.70
C LYS D 374 39.66 -9.10 4.17
N LEU D 375 39.00 -9.92 4.99
CA LEU D 375 38.87 -9.67 6.42
C LEU D 375 40.19 -9.81 7.20
N VAL D 376 40.67 -8.69 7.72
CA VAL D 376 41.92 -8.63 8.48
C VAL D 376 41.67 -7.96 9.83
N LEU D 377 41.68 -8.76 10.90
CA LEU D 377 41.35 -8.23 12.23
C LEU D 377 42.56 -7.60 12.93
N ILE D 378 42.30 -6.95 14.05
CA ILE D 378 43.36 -6.51 14.97
C ILE D 378 43.69 -7.72 15.88
N GLN D 379 44.88 -8.29 15.70
CA GLN D 379 45.34 -9.46 16.45
C GLN D 379 46.77 -9.19 16.93
#